data_5WWE
# 
_entry.id   5WWE 
# 
_audit_conform.dict_name       mmcif_pdbx.dic 
_audit_conform.dict_version    5.380 
_audit_conform.dict_location   http://mmcif.pdb.org/dictionaries/ascii/mmcif_pdbx.dic 
# 
loop_
_database_2.database_id 
_database_2.database_code 
_database_2.pdbx_database_accession 
_database_2.pdbx_DOI 
PDB   5WWE         pdb_00005wwe 10.2210/pdb5wwe/pdb 
WWPDB D_1300002506 ?            ?                   
# 
loop_
_pdbx_database_related.content_type 
_pdbx_database_related.db_id 
_pdbx_database_related.db_name 
_pdbx_database_related.details 
unspecified 5WWF PDB . 
unspecified 5WWG PDB . 
unspecified 5WWH PDB . 
# 
_pdbx_database_status.status_code                     REL 
_pdbx_database_status.status_code_sf                  REL 
_pdbx_database_status.status_code_mr                  ? 
_pdbx_database_status.entry_id                        5WWE 
_pdbx_database_status.recvd_initial_deposition_date   2017-01-01 
_pdbx_database_status.SG_entry                        N 
_pdbx_database_status.deposit_site                    PDBJ 
_pdbx_database_status.process_site                    PDBJ 
_pdbx_database_status.status_code_cs                  ? 
_pdbx_database_status.methods_development_category    ? 
_pdbx_database_status.pdb_format_compatible           Y 
_pdbx_database_status.status_code_nmr_data            ? 
# 
loop_
_audit_author.name 
_audit_author.pdbx_ordinal 
'Wu, B.X.' 1 
'Su, S.C.' 2 
'Ma, J.B.' 3 
# 
_citation.abstract                  ? 
_citation.abstract_id_CAS           ? 
_citation.book_id_ISBN              ? 
_citation.book_publisher            ? 
_citation.book_publisher_city       ? 
_citation.book_title                ? 
_citation.coordinate_linkage        ? 
_citation.country                   UK 
_citation.database_id_Medline       ? 
_citation.details                   ? 
_citation.id                        primary 
_citation.journal_abbrev            'Nat Commun' 
_citation.journal_id_ASTM           ? 
_citation.journal_id_CSD            ? 
_citation.journal_id_ISSN           2041-1723 
_citation.journal_full              ? 
_citation.journal_issue             ? 
_citation.journal_volume            9 
_citation.language                  ? 
_citation.page_first                420 
_citation.page_last                 420 
_citation.title                     
'Molecular basis for the specific and multivariant recognitions of RNA substrates by human hnRNP A2/B1.' 
_citation.year                      2018 
_citation.database_id_CSD           ? 
_citation.pdbx_database_id_DOI      10.1038/s41467-017-02770-z 
_citation.pdbx_database_id_PubMed   29379020 
_citation.unpublished_flag          ? 
# 
loop_
_citation_author.citation_id 
_citation_author.name 
_citation_author.ordinal 
_citation_author.identifier_ORCID 
primary 'Wu, B.'        1 ? 
primary 'Su, S.'        2 ? 
primary 'Patil, D.P.'   3 ? 
primary 'Liu, H.'       4 ? 
primary 'Gan, J.'       5 ? 
primary 'Jaffrey, S.R.' 6 ? 
primary 'Ma, J.'        7 ? 
# 
_cell.angle_alpha                  90.00 
_cell.angle_alpha_esd              ? 
_cell.angle_beta                   90.00 
_cell.angle_beta_esd               ? 
_cell.angle_gamma                  90.00 
_cell.angle_gamma_esd              ? 
_cell.entry_id                     5WWE 
_cell.details                      ? 
_cell.formula_units_Z              ? 
_cell.length_a                     62.591 
_cell.length_a_esd                 ? 
_cell.length_b                     62.591 
_cell.length_b_esd                 ? 
_cell.length_c                     53.043 
_cell.length_c_esd                 ? 
_cell.volume                       ? 
_cell.volume_esd                   ? 
_cell.Z_PDB                        4 
_cell.reciprocal_angle_alpha       ? 
_cell.reciprocal_angle_beta        ? 
_cell.reciprocal_angle_gamma       ? 
_cell.reciprocal_angle_alpha_esd   ? 
_cell.reciprocal_angle_beta_esd    ? 
_cell.reciprocal_angle_gamma_esd   ? 
_cell.reciprocal_length_a          ? 
_cell.reciprocal_length_b          ? 
_cell.reciprocal_length_c          ? 
_cell.reciprocal_length_a_esd      ? 
_cell.reciprocal_length_b_esd      ? 
_cell.reciprocal_length_c_esd      ? 
_cell.pdbx_unique_axis             ? 
# 
_symmetry.entry_id                         5WWE 
_symmetry.cell_setting                     ? 
_symmetry.Int_Tables_number                78 
_symmetry.space_group_name_Hall            ? 
_symmetry.space_group_name_H-M             'P 43' 
_symmetry.pdbx_full_space_group_name_H-M   ? 
# 
loop_
_entity.id 
_entity.type 
_entity.src_method 
_entity.pdbx_description 
_entity.formula_weight 
_entity.pdbx_number_of_molecules 
_entity.pdbx_ec 
_entity.pdbx_mutation 
_entity.pdbx_fragment 
_entity.details 
1 polymer man 'Heterogeneous nuclear ribonucleoproteins A2/B1' 21206.969 1 ? ? 'RRMs (UNP RESIDUES 12-195)' ? 
2 polymer syn 
;RNA (5'-R(*AP*GP*GP*GP*AP*CP*UP*AP*GP*A)-3')
;
3240.012  1 ? ? ?                            ? 
3 water   nat water                                            18.015    6 ? ? ?                            ? 
# 
_entity_name_com.entity_id   1 
_entity_name_com.name        'hnRNP A2/B1' 
# 
loop_
_entity_poly.entity_id 
_entity_poly.type 
_entity_poly.nstd_linkage 
_entity_poly.nstd_monomer 
_entity_poly.pdbx_seq_one_letter_code 
_entity_poly.pdbx_seq_one_letter_code_can 
_entity_poly.pdbx_strand_id 
_entity_poly.pdbx_target_identifier 
1 'polypeptide(L)'   no no 
;RKKREKEQFRKLFIGGLSFETTEESLRNYYEQWGKLTDCVVMRDPASKRSRGFGFVTFSSMAEVDAAMAARPHSIDGRVV
EPKRAVAREESGKPGAHVTVKKLFVGGIKEDTEEHHLRDYFEEYGKIDTIEIITDRQSGKKRGFGFVTFDDHDPVDKIVL
QKYHTINGHNAEVRKALSRQEMQE
;
;RKKREKEQFRKLFIGGLSFETTEESLRNYYEQWGKLTDCVVMRDPASKRSRGFGFVTFSSMAEVDAAMAARPHSIDGRVV
EPKRAVAREESGKPGAHVTVKKLFVGGIKEDTEEHHLRDYFEEYGKIDTIEIITDRQSGKKRGFGFVTFDDHDPVDKIVL
QKYHTINGHNAEVRKALSRQEMQE
;
A ? 
2 polyribonucleotide no no AGGGACUAGC AGGGACUAGC B ? 
# 
loop_
_entity_poly_seq.entity_id 
_entity_poly_seq.num 
_entity_poly_seq.mon_id 
_entity_poly_seq.hetero 
1 1   ARG n 
1 2   LYS n 
1 3   LYS n 
1 4   ARG n 
1 5   GLU n 
1 6   LYS n 
1 7   GLU n 
1 8   GLN n 
1 9   PHE n 
1 10  ARG n 
1 11  LYS n 
1 12  LEU n 
1 13  PHE n 
1 14  ILE n 
1 15  GLY n 
1 16  GLY n 
1 17  LEU n 
1 18  SER n 
1 19  PHE n 
1 20  GLU n 
1 21  THR n 
1 22  THR n 
1 23  GLU n 
1 24  GLU n 
1 25  SER n 
1 26  LEU n 
1 27  ARG n 
1 28  ASN n 
1 29  TYR n 
1 30  TYR n 
1 31  GLU n 
1 32  GLN n 
1 33  TRP n 
1 34  GLY n 
1 35  LYS n 
1 36  LEU n 
1 37  THR n 
1 38  ASP n 
1 39  CYS n 
1 40  VAL n 
1 41  VAL n 
1 42  MET n 
1 43  ARG n 
1 44  ASP n 
1 45  PRO n 
1 46  ALA n 
1 47  SER n 
1 48  LYS n 
1 49  ARG n 
1 50  SER n 
1 51  ARG n 
1 52  GLY n 
1 53  PHE n 
1 54  GLY n 
1 55  PHE n 
1 56  VAL n 
1 57  THR n 
1 58  PHE n 
1 59  SER n 
1 60  SER n 
1 61  MET n 
1 62  ALA n 
1 63  GLU n 
1 64  VAL n 
1 65  ASP n 
1 66  ALA n 
1 67  ALA n 
1 68  MET n 
1 69  ALA n 
1 70  ALA n 
1 71  ARG n 
1 72  PRO n 
1 73  HIS n 
1 74  SER n 
1 75  ILE n 
1 76  ASP n 
1 77  GLY n 
1 78  ARG n 
1 79  VAL n 
1 80  VAL n 
1 81  GLU n 
1 82  PRO n 
1 83  LYS n 
1 84  ARG n 
1 85  ALA n 
1 86  VAL n 
1 87  ALA n 
1 88  ARG n 
1 89  GLU n 
1 90  GLU n 
1 91  SER n 
1 92  GLY n 
1 93  LYS n 
1 94  PRO n 
1 95  GLY n 
1 96  ALA n 
1 97  HIS n 
1 98  VAL n 
1 99  THR n 
1 100 VAL n 
1 101 LYS n 
1 102 LYS n 
1 103 LEU n 
1 104 PHE n 
1 105 VAL n 
1 106 GLY n 
1 107 GLY n 
1 108 ILE n 
1 109 LYS n 
1 110 GLU n 
1 111 ASP n 
1 112 THR n 
1 113 GLU n 
1 114 GLU n 
1 115 HIS n 
1 116 HIS n 
1 117 LEU n 
1 118 ARG n 
1 119 ASP n 
1 120 TYR n 
1 121 PHE n 
1 122 GLU n 
1 123 GLU n 
1 124 TYR n 
1 125 GLY n 
1 126 LYS n 
1 127 ILE n 
1 128 ASP n 
1 129 THR n 
1 130 ILE n 
1 131 GLU n 
1 132 ILE n 
1 133 ILE n 
1 134 THR n 
1 135 ASP n 
1 136 ARG n 
1 137 GLN n 
1 138 SER n 
1 139 GLY n 
1 140 LYS n 
1 141 LYS n 
1 142 ARG n 
1 143 GLY n 
1 144 PHE n 
1 145 GLY n 
1 146 PHE n 
1 147 VAL n 
1 148 THR n 
1 149 PHE n 
1 150 ASP n 
1 151 ASP n 
1 152 HIS n 
1 153 ASP n 
1 154 PRO n 
1 155 VAL n 
1 156 ASP n 
1 157 LYS n 
1 158 ILE n 
1 159 VAL n 
1 160 LEU n 
1 161 GLN n 
1 162 LYS n 
1 163 TYR n 
1 164 HIS n 
1 165 THR n 
1 166 ILE n 
1 167 ASN n 
1 168 GLY n 
1 169 HIS n 
1 170 ASN n 
1 171 ALA n 
1 172 GLU n 
1 173 VAL n 
1 174 ARG n 
1 175 LYS n 
1 176 ALA n 
1 177 LEU n 
1 178 SER n 
1 179 ARG n 
1 180 GLN n 
1 181 GLU n 
1 182 MET n 
1 183 GLN n 
1 184 GLU n 
2 1   A   n 
2 2   G   n 
2 3   G   n 
2 4   G   n 
2 5   A   n 
2 6   C   n 
2 7   U   n 
2 8   A   n 
2 9   G   n 
2 10  C   n 
# 
_entity_src_gen.entity_id                          1 
_entity_src_gen.pdbx_src_id                        1 
_entity_src_gen.pdbx_alt_source_flag               sample 
_entity_src_gen.pdbx_seq_type                      'Biological sequence' 
_entity_src_gen.pdbx_beg_seq_num                   1 
_entity_src_gen.pdbx_end_seq_num                   184 
_entity_src_gen.gene_src_common_name               Human 
_entity_src_gen.gene_src_genus                     ? 
_entity_src_gen.pdbx_gene_src_gene                 'HNRNPA2B1, HNRPA2B1' 
_entity_src_gen.gene_src_species                   ? 
_entity_src_gen.gene_src_strain                    ? 
_entity_src_gen.gene_src_tissue                    ? 
_entity_src_gen.gene_src_tissue_fraction           ? 
_entity_src_gen.gene_src_details                   ? 
_entity_src_gen.pdbx_gene_src_fragment             ? 
_entity_src_gen.pdbx_gene_src_scientific_name      'Homo sapiens' 
_entity_src_gen.pdbx_gene_src_ncbi_taxonomy_id     9606 
_entity_src_gen.pdbx_gene_src_variant              ? 
_entity_src_gen.pdbx_gene_src_cell_line            ? 
_entity_src_gen.pdbx_gene_src_atcc                 ? 
_entity_src_gen.pdbx_gene_src_organ                ? 
_entity_src_gen.pdbx_gene_src_organelle            ? 
_entity_src_gen.pdbx_gene_src_cell                 ? 
_entity_src_gen.pdbx_gene_src_cellular_location    ? 
_entity_src_gen.host_org_common_name               ? 
_entity_src_gen.pdbx_host_org_scientific_name      'Escherichia coli' 
_entity_src_gen.pdbx_host_org_ncbi_taxonomy_id     562 
_entity_src_gen.host_org_genus                     ? 
_entity_src_gen.pdbx_host_org_gene                 ? 
_entity_src_gen.pdbx_host_org_organ                ? 
_entity_src_gen.host_org_species                   ? 
_entity_src_gen.pdbx_host_org_tissue               ? 
_entity_src_gen.pdbx_host_org_tissue_fraction      ? 
_entity_src_gen.pdbx_host_org_strain               ? 
_entity_src_gen.pdbx_host_org_variant              ? 
_entity_src_gen.pdbx_host_org_cell_line            ? 
_entity_src_gen.pdbx_host_org_atcc                 ? 
_entity_src_gen.pdbx_host_org_culture_collection   ? 
_entity_src_gen.pdbx_host_org_cell                 ? 
_entity_src_gen.pdbx_host_org_organelle            ? 
_entity_src_gen.pdbx_host_org_cellular_location    ? 
_entity_src_gen.pdbx_host_org_vector_type          ? 
_entity_src_gen.pdbx_host_org_vector               ? 
_entity_src_gen.host_org_details                   ? 
_entity_src_gen.expression_system_id               ? 
_entity_src_gen.plasmid_name                       ? 
_entity_src_gen.plasmid_details                    ? 
_entity_src_gen.pdbx_description                   ? 
# 
_pdbx_entity_src_syn.entity_id              2 
_pdbx_entity_src_syn.pdbx_src_id            1 
_pdbx_entity_src_syn.pdbx_alt_source_flag   sample 
_pdbx_entity_src_syn.pdbx_beg_seq_num       1 
_pdbx_entity_src_syn.pdbx_end_seq_num       10 
_pdbx_entity_src_syn.organism_scientific    'synthetic construct' 
_pdbx_entity_src_syn.organism_common_name   ? 
_pdbx_entity_src_syn.ncbi_taxonomy_id       32630 
_pdbx_entity_src_syn.details                ? 
# 
loop_
_struct_ref.id 
_struct_ref.db_name 
_struct_ref.db_code 
_struct_ref.pdbx_db_accession 
_struct_ref.pdbx_db_isoform 
_struct_ref.entity_id 
_struct_ref.pdbx_seq_one_letter_code 
_struct_ref.pdbx_align_begin 
1 UNP ROA2_HUMAN P22626 ? 1 
;RKKREKEQFRKLFIGGLSFETTEESLRNYYEQWGKLTDCVVMRDPASKRSRGFGFVTFSSMAEVDAAMAARPHSIDGRVV
EPKRAVAREESGKPGAHVTVKKLFVGGIKEDTEEHHLRDYFEEYGKIDTIEIITDRQSGKKRGFGFVTFDDHDPVDKIVL
QKYHTINGHNAEVRKALSRQEMQE
;
12 
2 PDB 5WWE       5WWE   ? 2 ? 1  
# 
loop_
_struct_ref_seq.align_id 
_struct_ref_seq.ref_id 
_struct_ref_seq.pdbx_PDB_id_code 
_struct_ref_seq.pdbx_strand_id 
_struct_ref_seq.seq_align_beg 
_struct_ref_seq.pdbx_seq_align_beg_ins_code 
_struct_ref_seq.seq_align_end 
_struct_ref_seq.pdbx_seq_align_end_ins_code 
_struct_ref_seq.pdbx_db_accession 
_struct_ref_seq.db_align_beg 
_struct_ref_seq.pdbx_db_align_beg_ins_code 
_struct_ref_seq.db_align_end 
_struct_ref_seq.pdbx_db_align_end_ins_code 
_struct_ref_seq.pdbx_auth_seq_align_beg 
_struct_ref_seq.pdbx_auth_seq_align_end 
1 1 5WWE A 1 ? 184 ? P22626 12 ? 195 ? 12 195 
2 2 5WWE B 1 ? 10  ? 5WWE   1  ? 10  ? 1  10  
# 
loop_
_chem_comp.id 
_chem_comp.type 
_chem_comp.mon_nstd_flag 
_chem_comp.name 
_chem_comp.pdbx_synonyms 
_chem_comp.formula 
_chem_comp.formula_weight 
A   'RNA linking'       y "ADENOSINE-5'-MONOPHOSPHATE" ? 'C10 H14 N5 O7 P' 347.221 
ALA 'L-peptide linking' y ALANINE                      ? 'C3 H7 N O2'      89.093  
ARG 'L-peptide linking' y ARGININE                     ? 'C6 H15 N4 O2 1'  175.209 
ASN 'L-peptide linking' y ASPARAGINE                   ? 'C4 H8 N2 O3'     132.118 
ASP 'L-peptide linking' y 'ASPARTIC ACID'              ? 'C4 H7 N O4'      133.103 
C   'RNA linking'       y "CYTIDINE-5'-MONOPHOSPHATE"  ? 'C9 H14 N3 O8 P'  323.197 
CYS 'L-peptide linking' y CYSTEINE                     ? 'C3 H7 N O2 S'    121.158 
G   'RNA linking'       y "GUANOSINE-5'-MONOPHOSPHATE" ? 'C10 H14 N5 O8 P' 363.221 
GLN 'L-peptide linking' y GLUTAMINE                    ? 'C5 H10 N2 O3'    146.144 
GLU 'L-peptide linking' y 'GLUTAMIC ACID'              ? 'C5 H9 N O4'      147.129 
GLY 'peptide linking'   y GLYCINE                      ? 'C2 H5 N O2'      75.067  
HIS 'L-peptide linking' y HISTIDINE                    ? 'C6 H10 N3 O2 1'  156.162 
HOH non-polymer         . WATER                        ? 'H2 O'            18.015  
ILE 'L-peptide linking' y ISOLEUCINE                   ? 'C6 H13 N O2'     131.173 
LEU 'L-peptide linking' y LEUCINE                      ? 'C6 H13 N O2'     131.173 
LYS 'L-peptide linking' y LYSINE                       ? 'C6 H15 N2 O2 1'  147.195 
MET 'L-peptide linking' y METHIONINE                   ? 'C5 H11 N O2 S'   149.211 
PHE 'L-peptide linking' y PHENYLALANINE                ? 'C9 H11 N O2'     165.189 
PRO 'L-peptide linking' y PROLINE                      ? 'C5 H9 N O2'      115.130 
SER 'L-peptide linking' y SERINE                       ? 'C3 H7 N O3'      105.093 
THR 'L-peptide linking' y THREONINE                    ? 'C4 H9 N O3'      119.119 
TRP 'L-peptide linking' y TRYPTOPHAN                   ? 'C11 H12 N2 O2'   204.225 
TYR 'L-peptide linking' y TYROSINE                     ? 'C9 H11 N O3'     181.189 
U   'RNA linking'       y "URIDINE-5'-MONOPHOSPHATE"   ? 'C9 H13 N2 O9 P'  324.181 
VAL 'L-peptide linking' y VALINE                       ? 'C5 H11 N O2'     117.146 
# 
_exptl.absorpt_coefficient_mu     ? 
_exptl.absorpt_correction_T_max   ? 
_exptl.absorpt_correction_T_min   ? 
_exptl.absorpt_correction_type    ? 
_exptl.absorpt_process_details    ? 
_exptl.entry_id                   5WWE 
_exptl.crystals_number            1 
_exptl.details                    ? 
_exptl.method                     'X-RAY DIFFRACTION' 
_exptl.method_details             ? 
# 
_exptl_crystal.colour                      ? 
_exptl_crystal.density_diffrn              ? 
_exptl_crystal.density_Matthews            2.12 
_exptl_crystal.density_method              ? 
_exptl_crystal.density_percent_sol         42.06 
_exptl_crystal.description                 ? 
_exptl_crystal.F_000                       ? 
_exptl_crystal.id                          1 
_exptl_crystal.preparation                 ? 
_exptl_crystal.size_max                    ? 
_exptl_crystal.size_mid                    ? 
_exptl_crystal.size_min                    ? 
_exptl_crystal.size_rad                    ? 
_exptl_crystal.colour_lustre               ? 
_exptl_crystal.colour_modifier             ? 
_exptl_crystal.colour_primary              ? 
_exptl_crystal.density_meas                ? 
_exptl_crystal.density_meas_esd            ? 
_exptl_crystal.density_meas_gt             ? 
_exptl_crystal.density_meas_lt             ? 
_exptl_crystal.density_meas_temp           ? 
_exptl_crystal.density_meas_temp_esd       ? 
_exptl_crystal.density_meas_temp_gt        ? 
_exptl_crystal.density_meas_temp_lt        ? 
_exptl_crystal.pdbx_crystal_image_url      ? 
_exptl_crystal.pdbx_crystal_image_format   ? 
_exptl_crystal.pdbx_mosaicity              ? 
_exptl_crystal.pdbx_mosaicity_esd          ? 
# 
_exptl_crystal_grow.apparatus       ? 
_exptl_crystal_grow.atmosphere      ? 
_exptl_crystal_grow.crystal_id      1 
_exptl_crystal_grow.details         ? 
_exptl_crystal_grow.method          'VAPOR DIFFUSION, HANGING DROP' 
_exptl_crystal_grow.method_ref      ? 
_exptl_crystal_grow.pH              5.5 
_exptl_crystal_grow.pressure        ? 
_exptl_crystal_grow.pressure_esd    ? 
_exptl_crystal_grow.seeding         ? 
_exptl_crystal_grow.seeding_ref     ? 
_exptl_crystal_grow.temp            293 
_exptl_crystal_grow.temp_details    ? 
_exptl_crystal_grow.temp_esd        ? 
_exptl_crystal_grow.time            ? 
_exptl_crystal_grow.pdbx_details    '0.1M Sodium citrate/Citric acid pH 5.5, 20% PEG 3000' 
_exptl_crystal_grow.pdbx_pH_range   ? 
# 
_diffrn.ambient_environment    ? 
_diffrn.ambient_temp           100 
_diffrn.ambient_temp_details   ? 
_diffrn.ambient_temp_esd       ? 
_diffrn.crystal_id             1 
_diffrn.crystal_support        ? 
_diffrn.crystal_treatment      ? 
_diffrn.details                ? 
_diffrn.id                     1 
_diffrn.ambient_pressure       ? 
_diffrn.ambient_pressure_esd   ? 
_diffrn.ambient_pressure_gt    ? 
_diffrn.ambient_pressure_lt    ? 
_diffrn.ambient_temp_gt        ? 
_diffrn.ambient_temp_lt        ? 
# 
_diffrn_detector.details                      ? 
_diffrn_detector.detector                     CCD 
_diffrn_detector.diffrn_id                    1 
_diffrn_detector.type                         'DECTRIS PILATUS3 S 6M' 
_diffrn_detector.area_resol_mean              ? 
_diffrn_detector.dtime                        ? 
_diffrn_detector.pdbx_frames_total            ? 
_diffrn_detector.pdbx_collection_time_total   ? 
_diffrn_detector.pdbx_collection_date         2016-10-13 
# 
_diffrn_radiation.collimation                      ? 
_diffrn_radiation.diffrn_id                        1 
_diffrn_radiation.filter_edge                      ? 
_diffrn_radiation.inhomogeneity                    ? 
_diffrn_radiation.monochromator                    ? 
_diffrn_radiation.polarisn_norm                    ? 
_diffrn_radiation.polarisn_ratio                   ? 
_diffrn_radiation.probe                            ? 
_diffrn_radiation.type                             ? 
_diffrn_radiation.xray_symbol                      ? 
_diffrn_radiation.wavelength_id                    1 
_diffrn_radiation.pdbx_monochromatic_or_laue_m_l   M 
_diffrn_radiation.pdbx_wavelength_list             ? 
_diffrn_radiation.pdbx_wavelength                  ? 
_diffrn_radiation.pdbx_diffrn_protocol             'SINGLE WAVELENGTH' 
_diffrn_radiation.pdbx_analyzer                    ? 
_diffrn_radiation.pdbx_scattering_type             x-ray 
# 
_diffrn_radiation_wavelength.id           1 
_diffrn_radiation_wavelength.wavelength   0.97776 
_diffrn_radiation_wavelength.wt           1.0 
# 
_diffrn_source.current                     ? 
_diffrn_source.details                     ? 
_diffrn_source.diffrn_id                   1 
_diffrn_source.power                       ? 
_diffrn_source.size                        ? 
_diffrn_source.source                      SYNCHROTRON 
_diffrn_source.target                      ? 
_diffrn_source.type                        'SSRF BEAMLINE BL18U1' 
_diffrn_source.voltage                     ? 
_diffrn_source.take-off_angle              ? 
_diffrn_source.pdbx_wavelength_list        0.97776 
_diffrn_source.pdbx_wavelength             ? 
_diffrn_source.pdbx_synchrotron_beamline   BL18U1 
_diffrn_source.pdbx_synchrotron_site       SSRF 
# 
_reflns.B_iso_Wilson_estimate            ? 
_reflns.entry_id                         5WWE 
_reflns.data_reduction_details           ? 
_reflns.data_reduction_method            ? 
_reflns.d_resolution_high                2.4 
_reflns.d_resolution_low                 30 
_reflns.details                          ? 
_reflns.limit_h_max                      ? 
_reflns.limit_h_min                      ? 
_reflns.limit_k_max                      ? 
_reflns.limit_k_min                      ? 
_reflns.limit_l_max                      ? 
_reflns.limit_l_min                      ? 
_reflns.number_all                       ? 
_reflns.number_obs                       8124 
_reflns.observed_criterion               ? 
_reflns.observed_criterion_F_max         ? 
_reflns.observed_criterion_F_min         ? 
_reflns.observed_criterion_I_max         ? 
_reflns.observed_criterion_I_min         ? 
_reflns.observed_criterion_sigma_F       ? 
_reflns.observed_criterion_sigma_I       ? 
_reflns.percent_possible_obs             100 
_reflns.R_free_details                   ? 
_reflns.Rmerge_F_all                     ? 
_reflns.Rmerge_F_obs                     ? 
_reflns.Friedel_coverage                 ? 
_reflns.number_gt                        ? 
_reflns.threshold_expression             ? 
_reflns.pdbx_redundancy                  13.4 
_reflns.pdbx_Rmerge_I_obs                ? 
_reflns.pdbx_Rmerge_I_all                ? 
_reflns.pdbx_Rsym_value                  ? 
_reflns.pdbx_netI_over_av_sigmaI         ? 
_reflns.pdbx_netI_over_sigmaI            2.333 
_reflns.pdbx_res_netI_over_av_sigmaI_2   ? 
_reflns.pdbx_res_netI_over_sigmaI_2      ? 
_reflns.pdbx_chi_squared                 ? 
_reflns.pdbx_scaling_rejects             ? 
_reflns.pdbx_d_res_high_opt              ? 
_reflns.pdbx_d_res_low_opt               ? 
_reflns.pdbx_d_res_opt_method            ? 
_reflns.phase_calculation_details        ? 
_reflns.pdbx_Rrim_I_all                  ? 
_reflns.pdbx_Rpim_I_all                  ? 
_reflns.pdbx_d_opt                       ? 
_reflns.pdbx_number_measured_all         ? 
_reflns.pdbx_diffrn_id                   1 
_reflns.pdbx_ordinal                     1 
_reflns.pdbx_CC_half                     ? 
_reflns.pdbx_R_split                     ? 
# 
_reflns_shell.d_res_high                  2.40 
_reflns_shell.d_res_low                   2.44 
_reflns_shell.meanI_over_sigI_all         ? 
_reflns_shell.meanI_over_sigI_obs         ? 
_reflns_shell.number_measured_all         ? 
_reflns_shell.number_measured_obs         ? 
_reflns_shell.number_possible             ? 
_reflns_shell.number_unique_all           ? 
_reflns_shell.number_unique_obs           ? 
_reflns_shell.percent_possible_all        ? 
_reflns_shell.percent_possible_obs        ? 
_reflns_shell.Rmerge_F_all                ? 
_reflns_shell.Rmerge_F_obs                ? 
_reflns_shell.Rmerge_I_all                ? 
_reflns_shell.Rmerge_I_obs                ? 
_reflns_shell.meanI_over_sigI_gt          ? 
_reflns_shell.meanI_over_uI_all           ? 
_reflns_shell.meanI_over_uI_gt            ? 
_reflns_shell.number_measured_gt          ? 
_reflns_shell.number_unique_gt            ? 
_reflns_shell.percent_possible_gt         ? 
_reflns_shell.Rmerge_F_gt                 ? 
_reflns_shell.Rmerge_I_gt                 ? 
_reflns_shell.pdbx_redundancy             ? 
_reflns_shell.pdbx_Rsym_value             ? 
_reflns_shell.pdbx_chi_squared            ? 
_reflns_shell.pdbx_netI_over_sigmaI_all   ? 
_reflns_shell.pdbx_netI_over_sigmaI_obs   ? 
_reflns_shell.pdbx_Rrim_I_all             ? 
_reflns_shell.pdbx_Rpim_I_all             ? 
_reflns_shell.pdbx_rejects                ? 
_reflns_shell.pdbx_ordinal                1 
_reflns_shell.pdbx_diffrn_id              1 
_reflns_shell.pdbx_CC_half                ? 
_reflns_shell.pdbx_R_split                ? 
# 
_refine.aniso_B[1][1]                            -1.01 
_refine.aniso_B[1][2]                            0.00 
_refine.aniso_B[1][3]                            0.00 
_refine.aniso_B[2][2]                            -1.01 
_refine.aniso_B[2][3]                            0.00 
_refine.aniso_B[3][3]                            2.01 
_refine.B_iso_max                                ? 
_refine.B_iso_mean                               68.279 
_refine.B_iso_min                                ? 
_refine.correlation_coeff_Fo_to_Fc               0.949 
_refine.correlation_coeff_Fo_to_Fc_free          0.938 
_refine.details                                  'HYDROGENS HAVE BEEN ADDED IN THE RIDING POSITIONS' 
_refine.diff_density_max                         ? 
_refine.diff_density_max_esd                     ? 
_refine.diff_density_min                         ? 
_refine.diff_density_min_esd                     ? 
_refine.diff_density_rms                         ? 
_refine.diff_density_rms_esd                     ? 
_refine.entry_id                                 5WWE 
_refine.pdbx_refine_id                           'X-RAY DIFFRACTION' 
_refine.ls_abs_structure_details                 ? 
_refine.ls_abs_structure_Flack                   ? 
_refine.ls_abs_structure_Flack_esd               ? 
_refine.ls_abs_structure_Rogers                  ? 
_refine.ls_abs_structure_Rogers_esd              ? 
_refine.ls_d_res_high                            2.40 
_refine.ls_d_res_low                             30.00 
_refine.ls_extinction_coef                       ? 
_refine.ls_extinction_coef_esd                   ? 
_refine.ls_extinction_expression                 ? 
_refine.ls_extinction_method                     ? 
_refine.ls_goodness_of_fit_all                   ? 
_refine.ls_goodness_of_fit_all_esd               ? 
_refine.ls_goodness_of_fit_obs                   ? 
_refine.ls_goodness_of_fit_obs_esd               ? 
_refine.ls_hydrogen_treatment                    ? 
_refine.ls_matrix_type                           ? 
_refine.ls_number_constraints                    ? 
_refine.ls_number_parameters                     ? 
_refine.ls_number_reflns_all                     ? 
_refine.ls_number_reflns_obs                     7719 
_refine.ls_number_reflns_R_free                  385 
_refine.ls_number_reflns_R_work                  ? 
_refine.ls_number_restraints                     ? 
_refine.ls_percent_reflns_obs                    99.77 
_refine.ls_percent_reflns_R_free                 4.8 
_refine.ls_R_factor_all                          ? 
_refine.ls_R_factor_obs                          0.22690 
_refine.ls_R_factor_R_free                       0.27434 
_refine.ls_R_factor_R_free_error                 ? 
_refine.ls_R_factor_R_free_error_details         ? 
_refine.ls_R_factor_R_work                       0.22436 
_refine.ls_R_Fsqd_factor_obs                     ? 
_refine.ls_R_I_factor_obs                        ? 
_refine.ls_redundancy_reflns_all                 ? 
_refine.ls_redundancy_reflns_obs                 ? 
_refine.ls_restrained_S_all                      ? 
_refine.ls_restrained_S_obs                      ? 
_refine.ls_shift_over_esd_max                    ? 
_refine.ls_shift_over_esd_mean                   ? 
_refine.ls_structure_factor_coef                 ? 
_refine.ls_weighting_details                     ? 
_refine.ls_weighting_scheme                      ? 
_refine.ls_wR_factor_all                         ? 
_refine.ls_wR_factor_obs                         ? 
_refine.ls_wR_factor_R_free                      ? 
_refine.ls_wR_factor_R_work                      ? 
_refine.occupancy_max                            ? 
_refine.occupancy_min                            ? 
_refine.solvent_model_details                    MASK 
_refine.solvent_model_param_bsol                 ? 
_refine.solvent_model_param_ksol                 ? 
_refine.ls_R_factor_gt                           ? 
_refine.ls_goodness_of_fit_gt                    ? 
_refine.ls_goodness_of_fit_ref                   ? 
_refine.ls_shift_over_su_max                     ? 
_refine.ls_shift_over_su_max_lt                  ? 
_refine.ls_shift_over_su_mean                    ? 
_refine.ls_shift_over_su_mean_lt                 ? 
_refine.pdbx_ls_sigma_I                          ? 
_refine.pdbx_ls_sigma_F                          ? 
_refine.pdbx_ls_sigma_Fsqd                       ? 
_refine.pdbx_data_cutoff_high_absF               ? 
_refine.pdbx_data_cutoff_high_rms_absF           ? 
_refine.pdbx_data_cutoff_low_absF                ? 
_refine.pdbx_isotropic_thermal_model             ? 
_refine.pdbx_ls_cross_valid_method               THROUGHOUT 
_refine.pdbx_method_to_determine_struct          'MOLECULAR REPLACEMENT' 
_refine.pdbx_starting_model                      5EN1 
_refine.pdbx_stereochemistry_target_values       'MAXIMUM LIKELIHOOD' 
_refine.pdbx_R_Free_selection_details            RANDOM 
_refine.pdbx_stereochem_target_val_spec_case     ? 
_refine.pdbx_overall_ESU_R                       0.648 
_refine.pdbx_overall_ESU_R_Free                  0.309 
_refine.pdbx_solvent_vdw_probe_radii             1.20 
_refine.pdbx_solvent_ion_probe_radii             0.80 
_refine.pdbx_solvent_shrinkage_radii             0.80 
_refine.pdbx_real_space_R                        ? 
_refine.pdbx_density_correlation                 ? 
_refine.pdbx_pd_number_of_powder_patterns        ? 
_refine.pdbx_pd_number_of_points                 ? 
_refine.pdbx_pd_meas_number_of_points            ? 
_refine.pdbx_pd_proc_ls_prof_R_factor            ? 
_refine.pdbx_pd_proc_ls_prof_wR_factor           ? 
_refine.pdbx_pd_Marquardt_correlation_coeff      ? 
_refine.pdbx_pd_Fsqrd_R_factor                   ? 
_refine.pdbx_pd_ls_matrix_band_width             ? 
_refine.pdbx_overall_phase_error                 ? 
_refine.pdbx_overall_SU_R_free_Cruickshank_DPI   ? 
_refine.pdbx_overall_SU_R_free_Blow_DPI          ? 
_refine.pdbx_overall_SU_R_Blow_DPI               ? 
_refine.pdbx_TLS_residual_ADP_flag               ? 
_refine.pdbx_diffrn_id                           1 
_refine.overall_SU_B                             13.410 
_refine.overall_SU_ML                            0.301 
_refine.overall_SU_R_Cruickshank_DPI             ? 
_refine.overall_SU_R_free                        ? 
_refine.overall_FOM_free_R_set                   ? 
_refine.overall_FOM_work_R_set                   ? 
_refine.pdbx_average_fsc_overall                 ? 
_refine.pdbx_average_fsc_work                    ? 
_refine.pdbx_average_fsc_free                    ? 
# 
_refine_hist.pdbx_refine_id                   'X-RAY DIFFRACTION' 
_refine_hist.cycle_id                         1 
_refine_hist.pdbx_number_atoms_protein        1408 
_refine_hist.pdbx_number_atoms_nucleic_acid   199 
_refine_hist.pdbx_number_atoms_ligand         0 
_refine_hist.number_atoms_solvent             6 
_refine_hist.number_atoms_total               1613 
_refine_hist.d_res_high                       2.40 
_refine_hist.d_res_low                        30.00 
# 
loop_
_refine_ls_restr.pdbx_refine_id 
_refine_ls_restr.criterion 
_refine_ls_restr.dev_ideal 
_refine_ls_restr.dev_ideal_target 
_refine_ls_restr.number 
_refine_ls_restr.rejects 
_refine_ls_restr.type 
_refine_ls_restr.weight 
_refine_ls_restr.pdbx_restraint_function 
'X-RAY DIFFRACTION' ? 0.012  0.018  1686 ? r_bond_refined_d             ? ? 
'X-RAY DIFFRACTION' ? 0.002  0.020  1488 ? r_bond_other_d               ? ? 
'X-RAY DIFFRACTION' ? 1.581  1.837  2308 ? r_angle_refined_deg          ? ? 
'X-RAY DIFFRACTION' ? 1.067  3.000  3436 ? r_angle_other_deg            ? ? 
'X-RAY DIFFRACTION' ? 7.481  5.000  177  ? r_dihedral_angle_1_deg       ? ? 
'X-RAY DIFFRACTION' ? 35.555 22.632 76   ? r_dihedral_angle_2_deg       ? ? 
'X-RAY DIFFRACTION' ? 19.498 15.000 273  ? r_dihedral_angle_3_deg       ? ? 
'X-RAY DIFFRACTION' ? 22.546 15.000 16   ? r_dihedral_angle_4_deg       ? ? 
'X-RAY DIFFRACTION' ? 0.097  0.200  239  ? r_chiral_restr               ? ? 
'X-RAY DIFFRACTION' ? 0.008  0.020  1757 ? r_gen_planes_refined         ? ? 
'X-RAY DIFFRACTION' ? 0.002  0.020  407  ? r_gen_planes_other           ? ? 
'X-RAY DIFFRACTION' ? ?      ?      ?    ? r_nbd_refined                ? ? 
'X-RAY DIFFRACTION' ? ?      ?      ?    ? r_nbd_other                  ? ? 
'X-RAY DIFFRACTION' ? ?      ?      ?    ? r_nbtor_refined              ? ? 
'X-RAY DIFFRACTION' ? ?      ?      ?    ? r_nbtor_other                ? ? 
'X-RAY DIFFRACTION' ? ?      ?      ?    ? r_xyhbond_nbd_refined        ? ? 
'X-RAY DIFFRACTION' ? ?      ?      ?    ? r_xyhbond_nbd_other          ? ? 
'X-RAY DIFFRACTION' ? ?      ?      ?    ? r_metal_ion_refined          ? ? 
'X-RAY DIFFRACTION' ? ?      ?      ?    ? r_metal_ion_other            ? ? 
'X-RAY DIFFRACTION' ? ?      ?      ?    ? r_symmetry_vdw_refined       ? ? 
'X-RAY DIFFRACTION' ? ?      ?      ?    ? r_symmetry_vdw_other         ? ? 
'X-RAY DIFFRACTION' ? ?      ?      ?    ? r_symmetry_hbond_refined     ? ? 
'X-RAY DIFFRACTION' ? ?      ?      ?    ? r_symmetry_hbond_other       ? ? 
'X-RAY DIFFRACTION' ? ?      ?      ?    ? r_symmetry_metal_ion_refined ? ? 
'X-RAY DIFFRACTION' ? ?      ?      ?    ? r_symmetry_metal_ion_other   ? ? 
'X-RAY DIFFRACTION' ? 5.054  6.697  706  ? r_mcbond_it                  ? ? 
'X-RAY DIFFRACTION' ? 5.056  6.694  705  ? r_mcbond_other               ? ? 
'X-RAY DIFFRACTION' ? 7.487  10.015 882  ? r_mcangle_it                 ? ? 
'X-RAY DIFFRACTION' ? 7.483  10.019 883  ? r_mcangle_other              ? ? 
'X-RAY DIFFRACTION' ? 5.082  7.098  980  ? r_scbond_it                  ? ? 
'X-RAY DIFFRACTION' ? 5.037  7.086  976  ? r_scbond_other               ? ? 
'X-RAY DIFFRACTION' ? ?      ?      ?    ? r_scangle_it                 ? ? 
'X-RAY DIFFRACTION' ? 7.542  10.517 1423 ? r_scangle_other              ? ? 
'X-RAY DIFFRACTION' ? 10.377 54.432 1872 ? r_long_range_B_refined       ? ? 
'X-RAY DIFFRACTION' ? 10.376 54.468 1873 ? r_long_range_B_other         ? ? 
'X-RAY DIFFRACTION' ? ?      ?      ?    ? r_rigid_bond_restr           ? ? 
'X-RAY DIFFRACTION' ? ?      ?      ?    ? r_sphericity_free            ? ? 
'X-RAY DIFFRACTION' ? ?      ?      ?    ? r_sphericity_bonded          ? ? 
# 
_refine_ls_shell.pdbx_refine_id                   'X-RAY DIFFRACTION' 
_refine_ls_shell.d_res_high                       2.401 
_refine_ls_shell.d_res_low                        2.463 
_refine_ls_shell.number_reflns_all                ? 
_refine_ls_shell.number_reflns_obs                ? 
_refine_ls_shell.number_reflns_R_free             26 
_refine_ls_shell.number_reflns_R_work             556 
_refine_ls_shell.percent_reflns_obs               98.31 
_refine_ls_shell.percent_reflns_R_free            ? 
_refine_ls_shell.R_factor_all                     ? 
_refine_ls_shell.R_factor_obs                     ? 
_refine_ls_shell.R_factor_R_free                  0.343 
_refine_ls_shell.R_factor_R_free_error            ? 
_refine_ls_shell.R_factor_R_work                  0.337 
_refine_ls_shell.redundancy_reflns_all            ? 
_refine_ls_shell.redundancy_reflns_obs            ? 
_refine_ls_shell.wR_factor_all                    ? 
_refine_ls_shell.wR_factor_obs                    ? 
_refine_ls_shell.wR_factor_R_free                 ? 
_refine_ls_shell.wR_factor_R_work                 ? 
_refine_ls_shell.pdbx_total_number_of_bins_used   20 
_refine_ls_shell.pdbx_phase_error                 ? 
_refine_ls_shell.pdbx_fsc_work                    ? 
_refine_ls_shell.pdbx_fsc_free                    ? 
# 
_struct.entry_id                     5WWE 
_struct.title                        'Crystal structure of hnRNPA2B1 in complex with RNA' 
_struct.pdbx_model_details           ? 
_struct.pdbx_formula_weight          ? 
_struct.pdbx_formula_weight_method   ? 
_struct.pdbx_model_type_details      ? 
_struct.pdbx_CASP_flag               N 
# 
_struct_keywords.entry_id        5WWE 
_struct_keywords.text            'HNRNP, RRM, RNA BINDING PROTEIN-RNA complex' 
_struct_keywords.pdbx_keywords   'RNA BINDING PROTEIN/RNA' 
# 
loop_
_struct_asym.id 
_struct_asym.pdbx_blank_PDB_chainid_flag 
_struct_asym.pdbx_modified 
_struct_asym.entity_id 
_struct_asym.details 
A N N 1 ? 
B N N 2 ? 
C N N 3 ? 
# 
loop_
_struct_conf.conf_type_id 
_struct_conf.id 
_struct_conf.pdbx_PDB_helix_id 
_struct_conf.beg_label_comp_id 
_struct_conf.beg_label_asym_id 
_struct_conf.beg_label_seq_id 
_struct_conf.pdbx_beg_PDB_ins_code 
_struct_conf.end_label_comp_id 
_struct_conf.end_label_asym_id 
_struct_conf.end_label_seq_id 
_struct_conf.pdbx_end_PDB_ins_code 
_struct_conf.beg_auth_comp_id 
_struct_conf.beg_auth_asym_id 
_struct_conf.beg_auth_seq_id 
_struct_conf.end_auth_comp_id 
_struct_conf.end_auth_asym_id 
_struct_conf.end_auth_seq_id 
_struct_conf.pdbx_PDB_helix_class 
_struct_conf.details 
_struct_conf.pdbx_PDB_helix_length 
HELX_P HELX_P1 AA1 LYS A 6   ? PHE A 9   ? LYS A 17  PHE A 20  5 ? 4  
HELX_P HELX_P2 AA2 THR A 22  ? GLU A 31  ? THR A 33  GLU A 42  1 ? 10 
HELX_P HELX_P3 AA3 GLN A 32  ? GLY A 34  ? GLN A 43  GLY A 45  5 ? 3  
HELX_P HELX_P4 AA4 SER A 60  ? ALA A 70  ? SER A 71  ALA A 81  1 ? 11 
HELX_P HELX_P5 AA5 ALA A 87  ? SER A 91  ? ALA A 98  SER A 102 5 ? 5  
HELX_P HELX_P6 AA6 GLU A 113 ? GLU A 122 ? GLU A 124 GLU A 133 1 ? 10 
HELX_P HELX_P7 AA7 ASP A 151 ? VAL A 159 ? ASP A 162 VAL A 170 1 ? 9  
# 
_struct_conf_type.id          HELX_P 
_struct_conf_type.criteria    ? 
_struct_conf_type.reference   ? 
# 
loop_
_struct_mon_prot_cis.pdbx_id 
_struct_mon_prot_cis.label_comp_id 
_struct_mon_prot_cis.label_seq_id 
_struct_mon_prot_cis.label_asym_id 
_struct_mon_prot_cis.label_alt_id 
_struct_mon_prot_cis.pdbx_PDB_ins_code 
_struct_mon_prot_cis.auth_comp_id 
_struct_mon_prot_cis.auth_seq_id 
_struct_mon_prot_cis.auth_asym_id 
_struct_mon_prot_cis.pdbx_label_comp_id_2 
_struct_mon_prot_cis.pdbx_label_seq_id_2 
_struct_mon_prot_cis.pdbx_label_asym_id_2 
_struct_mon_prot_cis.pdbx_PDB_ins_code_2 
_struct_mon_prot_cis.pdbx_auth_comp_id_2 
_struct_mon_prot_cis.pdbx_auth_seq_id_2 
_struct_mon_prot_cis.pdbx_auth_asym_id_2 
_struct_mon_prot_cis.pdbx_PDB_model_num 
_struct_mon_prot_cis.pdbx_omega_angle 
1 ARG 71  A . ? ARG 82  A PRO 72  A ? PRO 83  A 1 7.51 
2 ARG 179 A . ? ARG 190 A GLN 180 A ? GLN 191 A 1 5.57 
# 
loop_
_struct_sheet.id 
_struct_sheet.type 
_struct_sheet.number_strands 
_struct_sheet.details 
AA1 ? 4 ? 
AA2 ? 2 ? 
AA3 ? 5 ? 
# 
loop_
_struct_sheet_order.sheet_id 
_struct_sheet_order.range_id_1 
_struct_sheet_order.range_id_2 
_struct_sheet_order.offset 
_struct_sheet_order.sense 
AA1 1 2 ? anti-parallel 
AA1 2 3 ? anti-parallel 
AA1 3 4 ? anti-parallel 
AA2 1 2 ? anti-parallel 
AA3 1 2 ? anti-parallel 
AA3 2 3 ? anti-parallel 
AA3 3 4 ? anti-parallel 
AA3 4 5 ? anti-parallel 
# 
loop_
_struct_sheet_range.sheet_id 
_struct_sheet_range.id 
_struct_sheet_range.beg_label_comp_id 
_struct_sheet_range.beg_label_asym_id 
_struct_sheet_range.beg_label_seq_id 
_struct_sheet_range.pdbx_beg_PDB_ins_code 
_struct_sheet_range.end_label_comp_id 
_struct_sheet_range.end_label_asym_id 
_struct_sheet_range.end_label_seq_id 
_struct_sheet_range.pdbx_end_PDB_ins_code 
_struct_sheet_range.beg_auth_comp_id 
_struct_sheet_range.beg_auth_asym_id 
_struct_sheet_range.beg_auth_seq_id 
_struct_sheet_range.end_auth_comp_id 
_struct_sheet_range.end_auth_asym_id 
_struct_sheet_range.end_auth_seq_id 
AA1 1 LEU A 36  ? ARG A 43  ? LEU A 47  ARG A 54  
AA1 2 SER A 50  ? PHE A 58  ? SER A 61  PHE A 69  
AA1 3 LYS A 11  ? GLY A 15  ? LYS A 22  GLY A 26  
AA1 4 GLU A 81  ? ARG A 84  ? GLU A 92  ARG A 95  
AA2 1 SER A 74  ? ILE A 75  ? SER A 85  ILE A 86  
AA2 2 ARG A 78  ? VAL A 79  ? ARG A 89  VAL A 90  
AA3 1 ILE A 127 ? ILE A 132 ? ILE A 138 ILE A 143 
AA3 2 PHE A 144 ? PHE A 149 ? PHE A 155 PHE A 160 
AA3 3 LYS A 102 ? GLY A 106 ? LYS A 113 GLY A 117 
AA3 4 HIS A 169 ? LYS A 175 ? HIS A 180 LYS A 186 
AA3 5 TYR A 163 ? ILE A 166 ? TYR A 174 ILE A 177 
# 
loop_
_pdbx_struct_sheet_hbond.sheet_id 
_pdbx_struct_sheet_hbond.range_id_1 
_pdbx_struct_sheet_hbond.range_id_2 
_pdbx_struct_sheet_hbond.range_1_label_atom_id 
_pdbx_struct_sheet_hbond.range_1_label_comp_id 
_pdbx_struct_sheet_hbond.range_1_label_asym_id 
_pdbx_struct_sheet_hbond.range_1_label_seq_id 
_pdbx_struct_sheet_hbond.range_1_PDB_ins_code 
_pdbx_struct_sheet_hbond.range_1_auth_atom_id 
_pdbx_struct_sheet_hbond.range_1_auth_comp_id 
_pdbx_struct_sheet_hbond.range_1_auth_asym_id 
_pdbx_struct_sheet_hbond.range_1_auth_seq_id 
_pdbx_struct_sheet_hbond.range_2_label_atom_id 
_pdbx_struct_sheet_hbond.range_2_label_comp_id 
_pdbx_struct_sheet_hbond.range_2_label_asym_id 
_pdbx_struct_sheet_hbond.range_2_label_seq_id 
_pdbx_struct_sheet_hbond.range_2_PDB_ins_code 
_pdbx_struct_sheet_hbond.range_2_auth_atom_id 
_pdbx_struct_sheet_hbond.range_2_auth_comp_id 
_pdbx_struct_sheet_hbond.range_2_auth_asym_id 
_pdbx_struct_sheet_hbond.range_2_auth_seq_id 
AA1 1 2 N THR A 37  ? N THR A 48  O THR A 57  ? O THR A 68  
AA1 2 3 O GLY A 54  ? O GLY A 65  N ILE A 14  ? N ILE A 25  
AA1 3 4 N PHE A 13  ? N PHE A 24  O LYS A 83  ? O LYS A 94  
AA2 1 2 N ILE A 75  ? N ILE A 86  O ARG A 78  ? O ARG A 89  
AA3 1 2 N ASP A 128 ? N ASP A 139 O THR A 148 ? O THR A 159 
AA3 2 3 O GLY A 145 ? O GLY A 156 N VAL A 105 ? N VAL A 116 
AA3 3 4 N PHE A 104 ? N PHE A 115 O ARG A 174 ? O ARG A 185 
AA3 4 5 O ALA A 171 ? O ALA A 182 N HIS A 164 ? N HIS A 175 
# 
_atom_sites.entry_id                    5WWE 
_atom_sites.fract_transf_matrix[1][1]   0.00958763 
_atom_sites.fract_transf_matrix[1][2]   0.00872474 
_atom_sites.fract_transf_matrix[1][3]   0.00933921 
_atom_sites.fract_transf_matrix[2][1]   -0.00570399 
_atom_sites.fract_transf_matrix[2][2]   0.01336883 
_atom_sites.fract_transf_matrix[2][3]   -0.00663352 
_atom_sites.fract_transf_matrix[3][1]   -0.01349583 
_atom_sites.fract_transf_matrix[3][2]   0.00076286 
_atom_sites.fract_transf_matrix[3][3]   0.01314215 
_atom_sites.fract_transf_vector[1]      -0.091688 
_atom_sites.fract_transf_vector[2]      0.255784 
_atom_sites.fract_transf_vector[3]      -0.017626 
# 
loop_
_atom_type.symbol 
C 
N 
O 
P 
S 
# 
loop_
_atom_site.group_PDB 
_atom_site.id 
_atom_site.type_symbol 
_atom_site.label_atom_id 
_atom_site.label_alt_id 
_atom_site.label_comp_id 
_atom_site.label_asym_id 
_atom_site.label_entity_id 
_atom_site.label_seq_id 
_atom_site.pdbx_PDB_ins_code 
_atom_site.Cartn_x 
_atom_site.Cartn_y 
_atom_site.Cartn_z 
_atom_site.occupancy 
_atom_site.B_iso_or_equiv 
_atom_site.pdbx_formal_charge 
_atom_site.auth_seq_id 
_atom_site.auth_comp_id 
_atom_site.auth_asym_id 
_atom_site.auth_atom_id 
_atom_site.pdbx_PDB_model_num 
ATOM   1    N N     . ARG A 1 4   ? -15.807 4.401   12.269  1.00 105.55 ? 15  ARG A N     1 
ATOM   2    C CA    . ARG A 1 4   ? -14.955 3.332   11.658  1.00 102.42 ? 15  ARG A CA    1 
ATOM   3    C C     . ARG A 1 4   ? -14.012 3.981   10.657  1.00 94.43  ? 15  ARG A C     1 
ATOM   4    O O     . ARG A 1 4   ? -14.393 4.955   10.008  1.00 94.69  ? 15  ARG A O     1 
ATOM   5    C CB    . ARG A 1 4   ? -15.836 2.284   10.959  1.00 105.29 ? 15  ARG A CB    1 
ATOM   6    C CG    . ARG A 1 4   ? -15.264 0.862   10.938  1.00 102.98 ? 15  ARG A CG    1 
ATOM   7    C CD    . ARG A 1 4   ? -16.228 -0.133  10.281  1.00 90.47  ? 15  ARG A CD    1 
ATOM   8    N NE    . ARG A 1 4   ? -16.393 -1.367  11.066  1.00 89.30  ? 15  ARG A NE    1 
ATOM   9    C CZ    . ARG A 1 4   ? -17.390 -2.260  10.928  1.00 90.54  ? 15  ARG A CZ    1 
ATOM   10   N NH1   . ARG A 1 4   ? -17.432 -3.334  11.718  1.00 90.92  ? 15  ARG A NH1   1 
ATOM   11   N NH2   . ARG A 1 4   ? -18.352 -2.113  10.016  1.00 83.50  ? 15  ARG A NH2   1 
ATOM   12   N N     . GLU A 1 5   ? -12.803 3.423   10.530  1.00 90.35  ? 16  GLU A N     1 
ATOM   13   C CA    . GLU A 1 5   ? -11.727 3.968   9.662   1.00 81.92  ? 16  GLU A CA    1 
ATOM   14   C C     . GLU A 1 5   ? -12.126 3.966   8.183   1.00 79.84  ? 16  GLU A C     1 
ATOM   15   O O     . GLU A 1 5   ? -12.963 3.175   7.755   1.00 74.74  ? 16  GLU A O     1 
ATOM   16   C CB    . GLU A 1 5   ? -10.431 3.152   9.818   1.00 80.15  ? 16  GLU A CB    1 
ATOM   17   C CG    . GLU A 1 5   ? -9.832  3.125   11.227  1.00 77.43  ? 16  GLU A CG    1 
ATOM   18   C CD    . GLU A 1 5   ? -8.899  1.954   11.473  1.00 77.66  ? 16  GLU A CD    1 
ATOM   19   O OE1   . GLU A 1 5   ? -8.994  0.933   10.760  1.00 74.39  ? 16  GLU A OE1   1 
ATOM   20   O OE2   . GLU A 1 5   ? -8.057  2.061   12.393  1.00 79.54  ? 16  GLU A OE2   1 
ATOM   21   N N     . LYS A 1 6   ? -11.522 4.864   7.408   1.00 83.31  ? 17  LYS A N     1 
ATOM   22   C CA    . LYS A 1 6   ? -11.779 4.953   5.954   1.00 85.40  ? 17  LYS A CA    1 
ATOM   23   C C     . LYS A 1 6   ? -11.527 3.580   5.295   1.00 78.54  ? 17  LYS A C     1 
ATOM   24   O O     . LYS A 1 6   ? -10.573 2.876   5.665   1.00 77.98  ? 17  LYS A O     1 
ATOM   25   C CB    . LYS A 1 6   ? -10.880 6.030   5.330   1.00 87.29  ? 17  LYS A CB    1 
ATOM   26   C CG    . LYS A 1 6   ? -11.266 6.504   3.934   1.00 98.56  ? 17  LYS A CG    1 
ATOM   27   C CD    . LYS A 1 6   ? -10.419 7.721   3.548   1.00 106.15 ? 17  LYS A CD    1 
ATOM   28   C CE    . LYS A 1 6   ? -10.614 8.195   2.105   1.00 108.12 ? 17  LYS A CE    1 
ATOM   29   N NZ    . LYS A 1 6   ? -9.660  7.585   1.128   1.00 104.45 ? 17  LYS A NZ    1 
ATOM   30   N N     . GLU A 1 7   ? -12.410 3.187   4.380   1.00 66.88  ? 18  GLU A N     1 
ATOM   31   C CA    . GLU A 1 7   ? -12.313 1.866   3.707   1.00 69.71  ? 18  GLU A CA    1 
ATOM   32   C C     . GLU A 1 7   ? -10.959 1.642   3.017   1.00 59.05  ? 18  GLU A C     1 
ATOM   33   O O     . GLU A 1 7   ? -10.336 0.593   3.169   1.00 55.15  ? 18  GLU A O     1 
ATOM   34   C CB    . GLU A 1 7   ? -13.472 1.646   2.710   1.00 75.32  ? 18  GLU A CB    1 
ATOM   35   C CG    . GLU A 1 7   ? -13.075 0.945   1.411   1.00 80.44  ? 18  GLU A CG    1 
ATOM   36   C CD    . GLU A 1 7   ? -14.212 0.784   0.431   1.00 79.42  ? 18  GLU A CD    1 
ATOM   37   O OE1   . GLU A 1 7   ? -14.109 1.374   -0.686  1.00 78.40  ? 18  GLU A OE1   1 
ATOM   38   O OE2   . GLU A 1 7   ? -15.178 0.064   0.784   1.00 67.57  ? 18  GLU A OE2   1 
ATOM   39   N N     . GLN A 1 8   ? -10.487 2.651   2.303   1.00 58.73  ? 19  GLN A N     1 
ATOM   40   C CA    . GLN A 1 8   ? -9.224  2.583   1.582   1.00 60.72  ? 19  GLN A CA    1 
ATOM   41   C C     . GLN A 1 8   ? -8.027  2.140   2.455   1.00 63.28  ? 19  GLN A C     1 
ATOM   42   O O     . GLN A 1 8   ? -7.048  1.633   1.922   1.00 71.82  ? 19  GLN A O     1 
ATOM   43   C CB    . GLN A 1 8   ? -8.942  3.938   0.883   1.00 63.54  ? 19  GLN A CB    1 
ATOM   44   C CG    . GLN A 1 8   ? -8.414  3.871   -0.563  1.00 70.60  ? 19  GLN A CG    1 
ATOM   45   C CD    . GLN A 1 8   ? -9.160  2.867   -1.458  1.00 72.99  ? 19  GLN A CD    1 
ATOM   46   O OE1   . GLN A 1 8   ? -10.300 3.088   -1.870  1.00 67.98  ? 19  GLN A OE1   1 
ATOM   47   N NE2   . GLN A 1 8   ? -8.510  1.749   -1.737  1.00 70.69  ? 19  GLN A NE2   1 
ATOM   48   N N     . PHE A 1 9   ? -8.123  2.327   3.775   1.00 59.19  ? 20  PHE A N     1 
ATOM   49   C CA    . PHE A 1 9   ? -7.063  1.997   4.742   1.00 55.13  ? 20  PHE A CA    1 
ATOM   50   C C     . PHE A 1 9   ? -7.222  0.585   5.316   1.00 49.45  ? 20  PHE A C     1 
ATOM   51   O O     . PHE A 1 9   ? -6.301  0.066   5.927   1.00 43.41  ? 20  PHE A O     1 
ATOM   52   C CB    . PHE A 1 9   ? -7.091  3.005   5.909   1.00 65.26  ? 20  PHE A CB    1 
ATOM   53   C CG    . PHE A 1 9   ? -6.591  4.393   5.551   1.00 71.48  ? 20  PHE A CG    1 
ATOM   54   C CD1   . PHE A 1 9   ? -7.276  5.196   4.641   1.00 74.92  ? 20  PHE A CD1   1 
ATOM   55   C CD2   . PHE A 1 9   ? -5.441  4.907   6.155   1.00 82.85  ? 20  PHE A CD2   1 
ATOM   56   C CE1   . PHE A 1 9   ? -6.813  6.459   4.325   1.00 81.25  ? 20  PHE A CE1   1 
ATOM   57   C CE2   . PHE A 1 9   ? -4.970  6.175   5.842   1.00 83.31  ? 20  PHE A CE2   1 
ATOM   58   C CZ    . PHE A 1 9   ? -5.657  6.947   4.926   1.00 88.46  ? 20  PHE A CZ    1 
ATOM   59   N N     . ARG A 1 10  ? -8.385  -0.014  5.084   1.00 46.01  ? 21  ARG A N     1 
ATOM   60   C CA    . ARG A 1 10  ? -8.758  -1.337  5.540   1.00 52.67  ? 21  ARG A CA    1 
ATOM   61   C C     . ARG A 1 10  ? -8.885  -2.421  4.405   1.00 53.81  ? 21  ARG A C     1 
ATOM   62   O O     . ARG A 1 10  ? -9.304  -3.548  4.681   1.00 46.91  ? 21  ARG A O     1 
ATOM   63   C CB    . ARG A 1 10  ? -10.113 -1.201  6.224   1.00 52.86  ? 21  ARG A CB    1 
ATOM   64   C CG    . ARG A 1 10  ? -10.056 -0.379  7.482   1.00 56.58  ? 21  ARG A CG    1 
ATOM   65   C CD    . ARG A 1 10  ? -11.394 -0.397  8.163   1.00 59.64  ? 21  ARG A CD    1 
ATOM   66   N NE    . ARG A 1 10  ? -12.388 0.305   7.357   1.00 61.85  ? 21  ARG A NE    1 
ATOM   67   C CZ    . ARG A 1 10  ? -13.583 -0.164  6.988   1.00 59.44  ? 21  ARG A CZ    1 
ATOM   68   N NH1   . ARG A 1 10  ? -14.024 -1.376  7.321   1.00 61.15  ? 21  ARG A NH1   1 
ATOM   69   N NH2   . ARG A 1 10  ? -14.353 0.607   6.256   1.00 60.17  ? 21  ARG A NH2   1 
ATOM   70   N N     . LYS A 1 11  ? -8.535  -2.079  3.162   1.00 45.01  ? 22  LYS A N     1 
ATOM   71   C CA    . LYS A 1 11  ? -8.861  -2.909  1.996   1.00 45.86  ? 22  LYS A CA    1 
ATOM   72   C C     . LYS A 1 11  ? -7.637  -3.438  1.248   1.00 44.43  ? 22  LYS A C     1 
ATOM   73   O O     . LYS A 1 11  ? -6.744  -2.684  0.876   1.00 45.31  ? 22  LYS A O     1 
ATOM   74   C CB    . LYS A 1 11  ? -9.649  -2.049  1.021   1.00 46.65  ? 22  LYS A CB    1 
ATOM   75   C CG    . LYS A 1 11  ? -10.318 -2.791  -0.111  1.00 48.94  ? 22  LYS A CG    1 
ATOM   76   C CD    . LYS A 1 11  ? -11.477 -1.953  -0.626  1.00 55.07  ? 22  LYS A CD    1 
ATOM   77   C CE    . LYS A 1 11  ? -11.961 -2.371  -1.998  1.00 53.77  ? 22  LYS A CE    1 
ATOM   78   N NZ    . LYS A 1 11  ? -13.154 -1.584  -2.436  1.00 55.72  ? 22  LYS A NZ    1 
ATOM   79   N N     . LEU A 1 12  ? -7.630  -4.716  0.952   1.00 41.54  ? 23  LEU A N     1 
ATOM   80   C CA    . LEU A 1 12  ? -6.629  -5.279  0.050   1.00 45.46  ? 23  LEU A CA    1 
ATOM   81   C C     . LEU A 1 12  ? -7.172  -5.599  -1.335  1.00 42.20  ? 23  LEU A C     1 
ATOM   82   O O     . LEU A 1 12  ? -8.241  -6.173  -1.451  1.00 41.04  ? 23  LEU A O     1 
ATOM   83   C CB    . LEU A 1 12  ? -6.107  -6.601  0.622   1.00 47.35  ? 23  LEU A CB    1 
ATOM   84   C CG    . LEU A 1 12  ? -5.518  -6.503  1.999   1.00 44.15  ? 23  LEU A CG    1 
ATOM   85   C CD1   . LEU A 1 12  ? -5.070  -7.878  2.398   1.00 41.40  ? 23  LEU A CD1   1 
ATOM   86   C CD2   . LEU A 1 12  ? -4.347  -5.538  1.953   1.00 48.87  ? 23  LEU A CD2   1 
ATOM   87   N N     . PHE A 1 13  ? -6.380  -5.278  -2.352  1.00 42.77  ? 24  PHE A N     1 
ATOM   88   C CA    . PHE A 1 13  ? -6.479  -5.868  -3.702  1.00 41.16  ? 24  PHE A CA    1 
ATOM   89   C C     . PHE A 1 13  ? -5.826  -7.258  -3.678  1.00 45.33  ? 24  PHE A C     1 
ATOM   90   O O     . PHE A 1 13  ? -4.720  -7.402  -3.168  1.00 42.44  ? 24  PHE A O     1 
ATOM   91   C CB    . PHE A 1 13  ? -5.741  -4.962  -4.702  1.00 42.54  ? 24  PHE A CB    1 
ATOM   92   C CG    . PHE A 1 13  ? -5.504  -5.601  -6.036  1.00 44.42  ? 24  PHE A CG    1 
ATOM   93   C CD1   . PHE A 1 13  ? -4.393  -6.390  -6.248  1.00 46.11  ? 24  PHE A CD1   1 
ATOM   94   C CD2   . PHE A 1 13  ? -6.382  -5.405  -7.072  1.00 44.74  ? 24  PHE A CD2   1 
ATOM   95   C CE1   . PHE A 1 13  ? -4.185  -7.016  -7.455  1.00 48.85  ? 24  PHE A CE1   1 
ATOM   96   C CE2   . PHE A 1 13  ? -6.174  -6.019  -8.295  1.00 46.47  ? 24  PHE A CE2   1 
ATOM   97   C CZ    . PHE A 1 13  ? -5.083  -6.841  -8.484  1.00 44.86  ? 24  PHE A CZ    1 
ATOM   98   N N     . ILE A 1 14  ? -6.512  -8.276  -4.193  1.00 43.35  ? 25  ILE A N     1 
ATOM   99   C CA    . ILE A 1 14  ? -5.960  -9.642  -4.300  1.00 41.54  ? 25  ILE A CA    1 
ATOM   100  C C     . ILE A 1 14  ? -5.855  -10.083 -5.775  1.00 42.36  ? 25  ILE A C     1 
ATOM   101  O O     . ILE A 1 14  ? -6.858  -10.403 -6.416  1.00 45.49  ? 25  ILE A O     1 
ATOM   102  C CB    . ILE A 1 14  ? -6.812  -10.673 -3.526  1.00 40.92  ? 25  ILE A CB    1 
ATOM   103  C CG1   . ILE A 1 14  ? -7.234  -10.149 -2.147  1.00 38.29  ? 25  ILE A CG1   1 
ATOM   104  C CG2   . ILE A 1 14  ? -6.027  -11.975 -3.351  1.00 40.52  ? 25  ILE A CG2   1 
ATOM   105  C CD1   . ILE A 1 14  ? -6.047  -9.894  -1.203  1.00 41.93  ? 25  ILE A CD1   1 
ATOM   106  N N     . GLY A 1 15  ? -4.650  -10.042 -6.318  1.00 40.53  ? 26  GLY A N     1 
ATOM   107  C CA    . GLY A 1 15  ? -4.399  -10.434 -7.701  1.00 40.84  ? 26  GLY A CA    1 
ATOM   108  C C     . GLY A 1 15  ? -3.977  -11.883 -7.817  1.00 46.09  ? 26  GLY A C     1 
ATOM   109  O O     . GLY A 1 15  ? -3.555  -12.501 -6.833  1.00 58.84  ? 26  GLY A O     1 
ATOM   110  N N     . GLY A 1 16  ? -4.093  -12.433 -9.015  1.00 41.87  ? 27  GLY A N     1 
ATOM   111  C CA    . GLY A 1 16  ? -3.522  -13.754 -9.340  1.00 38.42  ? 27  GLY A CA    1 
ATOM   112  C C     . GLY A 1 16  ? -4.445  -14.855 -8.911  1.00 39.22  ? 27  GLY A C     1 
ATOM   113  O O     . GLY A 1 16  ? -3.988  -15.950 -8.547  1.00 38.91  ? 27  GLY A O     1 
ATOM   114  N N     . LEU A 1 17  ? -5.733  -14.551 -8.822  1.00 40.23  ? 28  LEU A N     1 
ATOM   115  C CA    . LEU A 1 17  ? -6.680  -15.544 -8.295  1.00 46.49  ? 28  LEU A CA    1 
ATOM   116  C C     . LEU A 1 17  ? -6.913  -16.590 -9.370  1.00 51.84  ? 28  LEU A C     1 
ATOM   117  O O     . LEU A 1 17  ? -6.687  -16.356 -10.563 1.00 49.36  ? 28  LEU A O     1 
ATOM   118  C CB    . LEU A 1 17  ? -8.035  -14.933 -7.885  1.00 44.31  ? 28  LEU A CB    1 
ATOM   119  C CG    . LEU A 1 17  ? -8.075  -13.997 -6.668  1.00 45.98  ? 28  LEU A CG    1 
ATOM   120  C CD1   . LEU A 1 17  ? -9.499  -13.522 -6.422  1.00 46.77  ? 28  LEU A CD1   1 
ATOM   121  C CD2   . LEU A 1 17  ? -7.543  -14.710 -5.446  1.00 44.28  ? 28  LEU A CD2   1 
ATOM   122  N N     . SER A 1 18  ? -7.367  -17.752 -8.919  1.00 57.81  ? 29  SER A N     1 
ATOM   123  C CA    . SER A 1 18  ? -7.793  -18.798 -9.823  1.00 57.26  ? 29  SER A CA    1 
ATOM   124  C C     . SER A 1 18  ? -9.090  -18.294 -10.388 1.00 55.84  ? 29  SER A C     1 
ATOM   125  O O     . SER A 1 18  ? -9.845  -17.624 -9.704  1.00 54.70  ? 29  SER A O     1 
ATOM   126  C CB    . SER A 1 18  ? -7.941  -20.150 -9.078  1.00 54.09  ? 29  SER A CB    1 
ATOM   127  O OG    . SER A 1 18  ? -8.860  -21.011 -9.703  1.00 49.37  ? 29  SER A OG    1 
ATOM   128  N N     . PHE A 1 19  ? -9.369  -18.654 -11.631 1.00 62.80  ? 30  PHE A N     1 
ATOM   129  C CA    . PHE A 1 19  ? -10.688 -18.378 -12.262 1.00 57.03  ? 30  PHE A CA    1 
ATOM   130  C C     . PHE A 1 19  ? -11.760 -19.248 -11.605 1.00 49.91  ? 30  PHE A C     1 
ATOM   131  O O     . PHE A 1 19  ? -12.913 -18.974 -11.744 1.00 56.02  ? 30  PHE A O     1 
ATOM   132  C CB    . PHE A 1 19  ? -10.622 -18.516 -13.798 1.00 50.21  ? 30  PHE A CB    1 
ATOM   133  C CG    . PHE A 1 19  ? -9.660  -17.560 -14.405 1.00 50.34  ? 30  PHE A CG    1 
ATOM   134  C CD1   . PHE A 1 19  ? -8.314  -17.866 -14.504 1.00 55.65  ? 30  PHE A CD1   1 
ATOM   135  C CD2   . PHE A 1 19  ? -10.074 -16.303 -14.774 1.00 53.88  ? 30  PHE A CD2   1 
ATOM   136  C CE1   . PHE A 1 19  ? -7.398  -16.933 -14.992 1.00 56.55  ? 30  PHE A CE1   1 
ATOM   137  C CE2   . PHE A 1 19  ? -9.174  -15.372 -15.260 1.00 54.04  ? 30  PHE A CE2   1 
ATOM   138  C CZ    . PHE A 1 19  ? -7.835  -15.680 -15.370 1.00 53.53  ? 30  PHE A CZ    1 
ATOM   139  N N     . GLU A 1 20  ? -11.348 -20.236 -10.829 1.00 52.33  ? 31  GLU A N     1 
ATOM   140  C CA    . GLU A 1 20  ? -12.243 -21.026 -10.002 1.00 64.82  ? 31  GLU A CA    1 
ATOM   141  C C     . GLU A 1 20  ? -12.555 -20.384 -8.667  1.00 69.15  ? 31  GLU A C     1 
ATOM   142  O O     . GLU A 1 20  ? -13.567 -20.732 -8.047  1.00 76.68  ? 31  GLU A O     1 
ATOM   143  C CB    . GLU A 1 20  ? -11.627 -22.401 -9.710  1.00 73.36  ? 31  GLU A CB    1 
ATOM   144  C CG    . GLU A 1 20  ? -12.646 -23.534 -9.593  1.00 89.77  ? 31  GLU A CG    1 
ATOM   145  C CD    . GLU A 1 20  ? -12.873 -24.278 -10.910 1.00 92.69  ? 31  GLU A CD    1 
ATOM   146  O OE1   . GLU A 1 20  ? -13.210 -23.626 -11.936 1.00 91.86  ? 31  GLU A OE1   1 
ATOM   147  O OE2   . GLU A 1 20  ? -12.704 -25.523 -10.908 1.00 92.95  ? 31  GLU A OE2   1 
ATOM   148  N N     . THR A 1 21  ? -11.692 -19.496 -8.184  1.00 62.55  ? 32  THR A N     1 
ATOM   149  C CA    . THR A 1 21  ? -11.867 -18.995 -6.825  1.00 59.80  ? 32  THR A CA    1 
ATOM   150  C C     . THR A 1 21  ? -13.117 -18.145 -6.679  1.00 51.05  ? 32  THR A C     1 
ATOM   151  O O     . THR A 1 21  ? -13.376 -17.230 -7.448  1.00 46.74  ? 32  THR A O     1 
ATOM   152  C CB    . THR A 1 21  ? -10.652 -18.211 -6.324  1.00 60.83  ? 32  THR A CB    1 
ATOM   153  O OG1   . THR A 1 21  ? -9.483  -19.020 -6.483  1.00 61.87  ? 32  THR A OG1   1 
ATOM   154  C CG2   . THR A 1 21  ? -10.809 -17.843 -4.842  1.00 60.99  ? 32  THR A CG2   1 
ATOM   155  N N     . THR A 1 22  ? -13.871 -18.462 -5.648  1.00 49.73  ? 33  THR A N     1 
ATOM   156  C CA    . THR A 1 22  ? -15.098 -17.779 -5.373  1.00 57.24  ? 33  THR A CA    1 
ATOM   157  C C     . THR A 1 22  ? -14.900 -16.782 -4.247  1.00 64.81  ? 33  THR A C     1 
ATOM   158  O O     . THR A 1 22  ? -13.858 -16.763 -3.568  1.00 57.87  ? 33  THR A O     1 
ATOM   159  C CB    . THR A 1 22  ? -16.148 -18.798 -4.945  1.00 60.39  ? 33  THR A CB    1 
ATOM   160  O OG1   . THR A 1 22  ? -15.584 -19.656 -3.952  1.00 55.09  ? 33  THR A OG1   1 
ATOM   161  C CG2   . THR A 1 22  ? -16.563 -19.649 -6.151  1.00 63.42  ? 33  THR A CG2   1 
ATOM   162  N N     . GLU A 1 23  ? -15.928 -15.964 -4.051  1.00 62.10  ? 34  GLU A N     1 
ATOM   163  C CA    . GLU A 1 23  ? -16.010 -15.107 -2.894  1.00 63.83  ? 34  GLU A CA    1 
ATOM   164  C C     . GLU A 1 23  ? -15.964 -15.954 -1.633  1.00 66.77  ? 34  GLU A C     1 
ATOM   165  O O     . GLU A 1 23  ? -15.106 -15.747 -0.784  1.00 64.50  ? 34  GLU A O     1 
ATOM   166  C CB    . GLU A 1 23  ? -17.265 -14.248 -2.959  1.00 68.54  ? 34  GLU A CB    1 
ATOM   167  C CG    . GLU A 1 23  ? -17.091 -13.188 -4.026  1.00 77.65  ? 34  GLU A CG    1 
ATOM   168  C CD    . GLU A 1 23  ? -18.330 -12.366 -4.348  1.00 87.45  ? 34  GLU A CD    1 
ATOM   169  O OE1   . GLU A 1 23  ? -18.350 -11.781 -5.463  1.00 75.60  ? 34  GLU A OE1   1 
ATOM   170  O OE2   . GLU A 1 23  ? -19.255 -12.280 -3.501  1.00 99.25  ? 34  GLU A OE2   1 
ATOM   171  N N     . GLU A 1 24  ? -16.818 -16.959 -1.552  1.00 63.77  ? 35  GLU A N     1 
ATOM   172  C CA    . GLU A 1 24  ? -16.837 -17.817 -0.392  1.00 72.10  ? 35  GLU A CA    1 
ATOM   173  C C     . GLU A 1 24  ? -15.440 -18.232 0.052   1.00 69.50  ? 35  GLU A C     1 
ATOM   174  O O     . GLU A 1 24  ? -15.112 -18.015 1.213   1.00 83.60  ? 35  GLU A O     1 
ATOM   175  C CB    . GLU A 1 24  ? -17.698 -19.054 -0.647  1.00 79.48  ? 35  GLU A CB    1 
ATOM   176  C CG    . GLU A 1 24  ? -17.884 -19.974 0.556   1.00 82.81  ? 35  GLU A CG    1 
ATOM   177  C CD    . GLU A 1 24  ? -17.564 -21.418 0.217   1.00 87.53  ? 35  GLU A CD    1 
ATOM   178  O OE1   . GLU A 1 24  ? -16.364 -21.761 0.142   1.00 95.64  ? 35  GLU A OE1   1 
ATOM   179  O OE2   . GLU A 1 24  ? -18.507 -22.198 -0.003  1.00 75.34  ? 35  GLU A OE2   1 
ATOM   180  N N     . SER A 1 25  ? -14.619 -18.825 -0.826  1.00 66.98  ? 36  SER A N     1 
ATOM   181  C CA    . SER A 1 25  ? -13.294 -19.346 -0.371  1.00 65.35  ? 36  SER A CA    1 
ATOM   182  C C     . SER A 1 25  ? -12.259 -18.230 -0.138  1.00 65.64  ? 36  SER A C     1 
ATOM   183  O O     . SER A 1 25  ? -11.365 -18.372 0.691   1.00 66.71  ? 36  SER A O     1 
ATOM   184  C CB    . SER A 1 25  ? -12.752 -20.478 -1.284  1.00 68.80  ? 36  SER A CB    1 
ATOM   185  O OG    . SER A 1 25  ? -11.797 -20.053 -2.240  1.00 72.09  ? 36  SER A OG    1 
ATOM   186  N N     . LEU A 1 26  ? -12.396 -17.127 -0.879  1.00 63.00  ? 37  LEU A N     1 
ATOM   187  C CA    . LEU A 1 26  ? -11.644 -15.920 -0.616  1.00 61.65  ? 37  LEU A CA    1 
ATOM   188  C C     . LEU A 1 26  ? -12.006 -15.413 0.785   1.00 66.91  ? 37  LEU A C     1 
ATOM   189  O O     . LEU A 1 26  ? -11.136 -15.261 1.643   1.00 63.52  ? 37  LEU A O     1 
ATOM   190  C CB    . LEU A 1 26  ? -11.953 -14.885 -1.687  1.00 56.32  ? 37  LEU A CB    1 
ATOM   191  C CG    . LEU A 1 26  ? -11.066 -13.655 -1.764  1.00 57.23  ? 37  LEU A CG    1 
ATOM   192  C CD1   . LEU A 1 26  ? -9.646  -14.052 -2.134  1.00 60.23  ? 37  LEU A CD1   1 
ATOM   193  C CD2   . LEU A 1 26  ? -11.593 -12.629 -2.740  1.00 53.38  ? 37  LEU A CD2   1 
ATOM   194  N N     . ARG A 1 27  ? -13.309 -15.246 1.011   1.00 73.84  ? 38  ARG A N     1 
ATOM   195  C CA    . ARG A 1 27  ? -13.883 -14.850 2.298   1.00 77.05  ? 38  ARG A CA    1 
ATOM   196  C C     . ARG A 1 27  ? -13.416 -15.755 3.409   1.00 73.77  ? 38  ARG A C     1 
ATOM   197  O O     . ARG A 1 27  ? -13.063 -15.278 4.463   1.00 78.59  ? 38  ARG A O     1 
ATOM   198  C CB    . ARG A 1 27  ? -15.419 -14.845 2.228   1.00 85.27  ? 38  ARG A CB    1 
ATOM   199  C CG    . ARG A 1 27  ? -16.151 -14.382 3.489   1.00 93.50  ? 38  ARG A CG    1 
ATOM   200  C CD    . ARG A 1 27  ? -17.648 -14.151 3.235   1.00 99.80  ? 38  ARG A CD    1 
ATOM   201  N NE    . ARG A 1 27  ? -17.963 -12.771 2.818   1.00 100.05 ? 38  ARG A NE    1 
ATOM   202  C CZ    . ARG A 1 27  ? -18.085 -11.715 3.634   1.00 95.50  ? 38  ARG A CZ    1 
ATOM   203  N NH1   . ARG A 1 27  ? -17.926 -11.834 4.957   1.00 97.71  ? 38  ARG A NH1   1 
ATOM   204  N NH2   . ARG A 1 27  ? -18.371 -10.514 3.123   1.00 85.67  ? 38  ARG A NH2   1 
ATOM   205  N N     . ASN A 1 28  ? -13.390 -17.055 3.160   1.00 77.91  ? 39  ASN A N     1 
ATOM   206  C CA    . ASN A 1 28  ? -12.961 -18.020 4.173   1.00 75.17  ? 39  ASN A CA    1 
ATOM   207  C C     . ASN A 1 28  ? -11.497 -17.904 4.520   1.00 68.06  ? 39  ASN A C     1 
ATOM   208  O O     . ASN A 1 28  ? -11.131 -18.030 5.681   1.00 70.92  ? 39  ASN A O     1 
ATOM   209  C CB    . ASN A 1 28  ? -13.261 -19.475 3.743   1.00 78.38  ? 39  ASN A CB    1 
ATOM   210  C CG    . ASN A 1 28  ? -14.703 -19.888 4.033   1.00 82.01  ? 39  ASN A CG    1 
ATOM   211  O OD1   . ASN A 1 28  ? -15.168 -19.806 5.173   1.00 78.95  ? 39  ASN A OD1   1 
ATOM   212  N ND2   . ASN A 1 28  ? -15.413 -20.341 3.007   1.00 86.80  ? 39  ASN A ND2   1 
ATOM   213  N N     . TYR A 1 29  ? -10.646 -17.712 3.526   1.00 64.17  ? 40  TYR A N     1 
ATOM   214  C CA    . TYR A 1 29  ? -9.203  -17.745 3.793   1.00 60.08  ? 40  TYR A CA    1 
ATOM   215  C C     . TYR A 1 29  ? -8.790  -16.467 4.544   1.00 69.90  ? 40  TYR A C     1 
ATOM   216  O O     . TYR A 1 29  ? -8.054  -16.558 5.525   1.00 65.61  ? 40  TYR A O     1 
ATOM   217  C CB    . TYR A 1 29  ? -8.427  -17.913 2.511   1.00 52.76  ? 40  TYR A CB    1 
ATOM   218  C CG    . TYR A 1 29  ? -6.925  -17.880 2.637   1.00 54.36  ? 40  TYR A CG    1 
ATOM   219  C CD1   . TYR A 1 29  ? -6.225  -16.671 2.546   1.00 50.95  ? 40  TYR A CD1   1 
ATOM   220  C CD2   . TYR A 1 29  ? -6.189  -19.049 2.805   1.00 52.91  ? 40  TYR A CD2   1 
ATOM   221  C CE1   . TYR A 1 29  ? -4.843  -16.637 2.643   1.00 50.54  ? 40  TYR A CE1   1 
ATOM   222  C CE2   . TYR A 1 29  ? -4.797  -19.024 2.916   1.00 54.63  ? 40  TYR A CE2   1 
ATOM   223  C CZ    . TYR A 1 29  ? -4.127  -17.815 2.818   1.00 55.19  ? 40  TYR A CZ    1 
ATOM   224  O OH    . TYR A 1 29  ? -2.749  -17.776 2.892   1.00 57.23  ? 40  TYR A OH    1 
ATOM   225  N N     . TYR A 1 30  ? -9.291  -15.302 4.108   1.00 66.80  ? 41  TYR A N     1 
ATOM   226  C CA    . TYR A 1 30  ? -8.956  -14.033 4.769   1.00 64.05  ? 41  TYR A CA    1 
ATOM   227  C C     . TYR A 1 30  ? -9.622  -13.806 6.148   1.00 69.40  ? 41  TYR A C     1 
ATOM   228  O O     . TYR A 1 30  ? -9.170  -12.942 6.888   1.00 76.06  ? 41  TYR A O     1 
ATOM   229  C CB    . TYR A 1 30  ? -9.119  -12.809 3.806   1.00 55.86  ? 41  TYR A CB    1 
ATOM   230  C CG    . TYR A 1 30  ? -7.946  -12.728 2.852   1.00 52.45  ? 41  TYR A CG    1 
ATOM   231  C CD1   . TYR A 1 30  ? -6.695  -12.349 3.312   1.00 49.09  ? 41  TYR A CD1   1 
ATOM   232  C CD2   . TYR A 1 30  ? -8.049  -13.158 1.517   1.00 50.83  ? 41  TYR A CD2   1 
ATOM   233  C CE1   . TYR A 1 30  ? -5.597  -12.336 2.470   1.00 52.46  ? 41  TYR A CE1   1 
ATOM   234  C CE2   . TYR A 1 30  ? -6.947  -13.159 0.669   1.00 45.38  ? 41  TYR A CE2   1 
ATOM   235  C CZ    . TYR A 1 30  ? -5.729  -12.735 1.131   1.00 48.57  ? 41  TYR A CZ    1 
ATOM   236  O OH    . TYR A 1 30  ? -4.609  -12.726 0.313   1.00 43.05  ? 41  TYR A OH    1 
ATOM   237  N N     . GLU A 1 31  ? -10.635 -14.588 6.523   1.00 70.70  ? 42  GLU A N     1 
ATOM   238  C CA    . GLU A 1 31  ? -11.235 -14.472 7.877   1.00 69.19  ? 42  GLU A CA    1 
ATOM   239  C C     . GLU A 1 31  ? -10.332 -14.978 9.007   1.00 56.35  ? 42  GLU A C     1 
ATOM   240  O O     . GLU A 1 31  ? -10.476 -14.543 10.124  1.00 68.38  ? 42  GLU A O     1 
ATOM   241  C CB    . GLU A 1 31  ? -12.651 -15.094 7.961   1.00 80.55  ? 42  GLU A CB    1 
ATOM   242  C CG    . GLU A 1 31  ? -13.788 -14.085 7.779   1.00 81.71  ? 42  GLU A CG    1 
ATOM   243  C CD    . GLU A 1 31  ? -15.172 -14.718 7.614   1.00 92.90  ? 42  GLU A CD    1 
ATOM   244  O OE1   . GLU A 1 31  ? -16.114 -13.985 7.218   1.00 99.19  ? 42  GLU A OE1   1 
ATOM   245  O OE2   . GLU A 1 31  ? -15.337 -15.935 7.865   1.00 95.28  ? 42  GLU A OE2   1 
ATOM   246  N N     . GLN A 1 32  ? -9.341  -15.800 8.708   1.00 55.97  ? 43  GLN A N     1 
ATOM   247  C CA    . GLN A 1 32  ? -8.353  -16.243 9.697   1.00 61.21  ? 43  GLN A CA    1 
ATOM   248  C C     . GLN A 1 32  ? -7.420  -15.148 10.269  1.00 71.99  ? 43  GLN A C     1 
ATOM   249  O O     . GLN A 1 32  ? -6.466  -15.498 11.010  1.00 64.51  ? 43  GLN A O     1 
ATOM   250  C CB    . GLN A 1 32  ? -7.490  -17.388 9.119   1.00 66.85  ? 43  GLN A CB    1 
ATOM   251  C CG    . GLN A 1 32  ? -6.285  -16.998 8.261   1.00 74.55  ? 43  GLN A CG    1 
ATOM   252  C CD    . GLN A 1 32  ? -5.678  -18.174 7.496   1.00 83.10  ? 43  GLN A CD    1 
ATOM   253  O OE1   . GLN A 1 32  ? -5.607  -18.168 6.259   1.00 85.95  ? 43  GLN A OE1   1 
ATOM   254  N NE2   . GLN A 1 32  ? -5.236  -19.192 8.231   1.00 84.93  ? 43  GLN A NE2   1 
ATOM   255  N N     . TRP A 1 33  ? -7.617  -13.881 9.839   1.00 70.80  ? 44  TRP A N     1 
ATOM   256  C CA    . TRP A 1 33  ? -6.959  -12.695 10.407  1.00 64.47  ? 44  TRP A CA    1 
ATOM   257  C C     . TRP A 1 33  ? -7.961  -11.606 10.803  1.00 64.52  ? 44  TRP A C     1 
ATOM   258  O O     . TRP A 1 33  ? -7.559  -10.539 11.267  1.00 63.07  ? 44  TRP A O     1 
ATOM   259  C CB    . TRP A 1 33  ? -5.940  -12.079 9.429   1.00 62.62  ? 44  TRP A CB    1 
ATOM   260  C CG    . TRP A 1 33  ? -4.799  -12.969 9.010   1.00 55.72  ? 44  TRP A CG    1 
ATOM   261  C CD1   . TRP A 1 33  ? -3.712  -13.303 9.743   1.00 55.31  ? 44  TRP A CD1   1 
ATOM   262  C CD2   . TRP A 1 33  ? -4.636  -13.597 7.744   1.00 56.78  ? 44  TRP A CD2   1 
ATOM   263  N NE1   . TRP A 1 33  ? -2.871  -14.115 9.019   1.00 54.21  ? 44  TRP A NE1   1 
ATOM   264  C CE2   . TRP A 1 33  ? -3.421  -14.312 7.784   1.00 53.43  ? 44  TRP A CE2   1 
ATOM   265  C CE3   . TRP A 1 33  ? -5.406  -13.632 6.570   1.00 61.86  ? 44  TRP A CE3   1 
ATOM   266  C CZ2   . TRP A 1 33  ? -2.957  -15.068 6.702   1.00 58.09  ? 44  TRP A CZ2   1 
ATOM   267  C CZ3   . TRP A 1 33  ? -4.933  -14.378 5.488   1.00 60.21  ? 44  TRP A CZ3   1 
ATOM   268  C CH2   . TRP A 1 33  ? -3.723  -15.087 5.568   1.00 57.07  ? 44  TRP A CH2   1 
ATOM   269  N N     . GLY A 1 34  ? -9.251  -11.827 10.617  1.00 57.96  ? 45  GLY A N     1 
ATOM   270  C CA    . GLY A 1 34  ? -10.201 -10.881 11.177  1.00 58.91  ? 45  GLY A CA    1 
ATOM   271  C C     . GLY A 1 34  ? -11.543 -10.947 10.514  1.00 60.15  ? 45  GLY A C     1 
ATOM   272  O O     . GLY A 1 34  ? -11.784 -11.810 9.675   1.00 67.38  ? 45  GLY A O     1 
ATOM   273  N N     . LYS A 1 35  ? -12.392 -9.998  10.869  1.00 54.90  ? 46  LYS A N     1 
ATOM   274  C CA    . LYS A 1 35  ? -13.722 -9.931  10.363  1.00 65.60  ? 46  LYS A CA    1 
ATOM   275  C C     . LYS A 1 35  ? -13.649 -9.161  9.078   1.00 70.63  ? 46  LYS A C     1 
ATOM   276  O O     . LYS A 1 35  ? -13.065 -8.064  9.061   1.00 74.24  ? 46  LYS A O     1 
ATOM   277  C CB    . LYS A 1 35  ? -14.613 -9.189  11.367  1.00 77.58  ? 46  LYS A CB    1 
ATOM   278  C CG    . LYS A 1 35  ? -16.106 -9.276  11.074  1.00 87.85  ? 46  LYS A CG    1 
ATOM   279  C CD    . LYS A 1 35  ? -16.956 -8.663  12.195  1.00 98.32  ? 46  LYS A CD    1 
ATOM   280  C CE    . LYS A 1 35  ? -18.002 -9.639  12.744  1.00 99.61  ? 46  LYS A CE    1 
ATOM   281  N NZ    . LYS A 1 35  ? -18.931 -10.172 11.707  1.00 99.68  ? 46  LYS A NZ    1 
ATOM   282  N N     . LEU A 1 36  ? -14.219 -9.721  8.007   1.00 60.28  ? 47  LEU A N     1 
ATOM   283  C CA    . LEU A 1 36  ? -14.383 -8.977  6.778   1.00 60.25  ? 47  LEU A CA    1 
ATOM   284  C C     . LEU A 1 36  ? -15.673 -8.191  6.812   1.00 58.60  ? 47  LEU A C     1 
ATOM   285  O O     . LEU A 1 36  ? -16.633 -8.598  7.428   1.00 68.74  ? 47  LEU A O     1 
ATOM   286  C CB    . LEU A 1 36  ? -14.364 -9.909  5.564   1.00 64.37  ? 47  LEU A CB    1 
ATOM   287  C CG    . LEU A 1 36  ? -13.153 -10.843 5.414   1.00 62.73  ? 47  LEU A CG    1 
ATOM   288  C CD1   . LEU A 1 36  ? -13.150 -11.520 4.043   1.00 58.83  ? 47  LEU A CD1   1 
ATOM   289  C CD2   . LEU A 1 36  ? -11.828 -10.129 5.649   1.00 58.40  ? 47  LEU A CD2   1 
ATOM   290  N N     . THR A 1 37  ? -15.678 -7.032  6.186   1.00 58.80  ? 48  THR A N     1 
ATOM   291  C CA    . THR A 1 37  ? -16.889 -6.232  6.028   1.00 58.70  ? 48  THR A CA    1 
ATOM   292  C C     . THR A 1 37  ? -17.313 -6.164  4.573   1.00 62.15  ? 48  THR A C     1 
ATOM   293  O O     . THR A 1 37  ? -18.296 -5.502  4.241   1.00 64.30  ? 48  THR A O     1 
ATOM   294  C CB    . THR A 1 37  ? -16.669 -4.779  6.531   1.00 62.91  ? 48  THR A CB    1 
ATOM   295  O OG1   . THR A 1 37  ? -16.018 -3.974  5.533   1.00 58.61  ? 48  THR A OG1   1 
ATOM   296  C CG2   . THR A 1 37  ? -15.848 -4.773  7.820   1.00 66.71  ? 48  THR A CG2   1 
ATOM   297  N N     . ASP A 1 38  ? -16.527 -6.799  3.704   1.00 62.59  ? 49  ASP A N     1 
ATOM   298  C CA    . ASP A 1 38  ? -16.775 -6.831  2.278   1.00 59.64  ? 49  ASP A CA    1 
ATOM   299  C C     . ASP A 1 38  ? -15.776 -7.780  1.636   1.00 66.20  ? 49  ASP A C     1 
ATOM   300  O O     . ASP A 1 38  ? -14.611 -7.910  2.088   1.00 58.60  ? 49  ASP A O     1 
ATOM   301  C CB    . ASP A 1 38  ? -16.658 -5.449  1.611   1.00 56.17  ? 49  ASP A CB    1 
ATOM   302  C CG    . ASP A 1 38  ? -17.206 -5.438  0.188   1.00 58.04  ? 49  ASP A CG    1 
ATOM   303  O OD1   . ASP A 1 38  ? -18.123 -6.239  -0.092  1.00 64.10  ? 49  ASP A OD1   1 
ATOM   304  O OD2   . ASP A 1 38  ? -16.737 -4.632  -0.674  1.00 53.25  ? 49  ASP A OD2   1 
ATOM   305  N N     . CYS A 1 39  ? -16.255 -8.396  0.558   1.00 71.69  ? 50  CYS A N     1 
ATOM   306  C CA    . CYS A 1 39  ? -15.563 -9.433  -0.188  1.00 67.22  ? 50  CYS A CA    1 
ATOM   307  C C     . CYS A 1 39  ? -16.108 -9.467  -1.597  1.00 71.08  ? 50  CYS A C     1 
ATOM   308  O O     . CYS A 1 39  ? -17.325 -9.276  -1.802  1.00 65.42  ? 50  CYS A O     1 
ATOM   309  C CB    . CYS A 1 39  ? -15.849 -10.762 0.452   1.00 62.26  ? 50  CYS A CB    1 
ATOM   310  S SG    . CYS A 1 39  ? -14.688 -11.979 -0.100  1.00 72.81  ? 50  CYS A SG    1 
ATOM   311  N N     . VAL A 1 40  ? -15.235 -9.725  -2.569  1.00 68.28  ? 51  VAL A N     1 
ATOM   312  C CA    . VAL A 1 40  ? -15.653 -9.674  -3.972  1.00 57.71  ? 51  VAL A CA    1 
ATOM   313  C C     . VAL A 1 40  ? -14.565 -10.149 -4.935  1.00 59.26  ? 51  VAL A C     1 
ATOM   314  O O     . VAL A 1 40  ? -13.438 -9.593  -4.949  1.00 51.27  ? 51  VAL A O     1 
ATOM   315  C CB    . VAL A 1 40  ? -16.163 -8.261  -4.394  1.00 51.71  ? 51  VAL A CB    1 
ATOM   316  C CG1   . VAL A 1 40  ? -15.062 -7.225  -4.381  1.00 50.79  ? 51  VAL A CG1   1 
ATOM   317  C CG2   . VAL A 1 40  ? -16.815 -8.311  -5.762  1.00 57.89  ? 51  VAL A CG2   1 
ATOM   318  N N     . VAL A 1 41  ? -14.946 -11.154 -5.749  1.00 55.33  ? 52  VAL A N     1 
ATOM   319  C CA    . VAL A 1 41  ? -14.226 -11.591 -6.938  1.00 47.19  ? 52  VAL A CA    1 
ATOM   320  C C     . VAL A 1 41  ? -14.838 -10.812 -8.081  1.00 45.94  ? 52  VAL A C     1 
ATOM   321  O O     . VAL A 1 41  ? -16.001 -10.992 -8.393  1.00 50.00  ? 52  VAL A O     1 
ATOM   322  C CB    . VAL A 1 41  ? -14.432 -13.104 -7.236  1.00 50.10  ? 52  VAL A CB    1 
ATOM   323  C CG1   . VAL A 1 41  ? -13.783 -13.521 -8.584  1.00 43.19  ? 52  VAL A CG1   1 
ATOM   324  C CG2   . VAL A 1 41  ? -13.971 -13.975 -6.059  1.00 46.38  ? 52  VAL A CG2   1 
ATOM   325  N N     A MET A 1 42  ? -14.060 -9.930  -8.699  0.50 46.10  ? 53  MET A N     1 
ATOM   326  N N     B MET A 1 42  ? -14.043 -10.003 -8.750  0.50 46.37  ? 53  MET A N     1 
ATOM   327  C CA    A MET A 1 42  ? -14.534 -9.172  -9.839  0.50 47.79  ? 53  MET A CA    1 
ATOM   328  C CA    B MET A 1 42  ? -14.539 -9.175  -9.815  0.50 48.09  ? 53  MET A CA    1 
ATOM   329  C C     A MET A 1 42  ? -14.748 -10.096 -11.044 0.50 56.69  ? 53  MET A C     1 
ATOM   330  C C     B MET A 1 42  ? -14.700 -9.951  -11.133 0.50 57.62  ? 53  MET A C     1 
ATOM   331  O O     A MET A 1 42  ? -13.872 -10.916 -11.391 0.50 56.04  ? 53  MET A O     1 
ATOM   332  O O     B MET A 1 42  ? -13.725 -10.497 -11.677 0.50 60.20  ? 53  MET A O     1 
ATOM   333  C CB    A MET A 1 42  ? -13.554 -8.060  -10.171 0.50 49.28  ? 53  MET A CB    1 
ATOM   334  C CB    B MET A 1 42  ? -13.599 -8.006  -9.917  0.50 49.42  ? 53  MET A CB    1 
ATOM   335  C CG    A MET A 1 42  ? -13.357 -7.073  -9.022  0.50 52.23  ? 53  MET A CG    1 
ATOM   336  C CG    B MET A 1 42  ? -13.529 -7.309  -8.558  0.50 50.25  ? 53  MET A CG    1 
ATOM   337  S SD    A MET A 1 42  ? -14.436 -5.614  -9.079  0.50 47.02  ? 53  MET A SD    1 
ATOM   338  S SD    B MET A 1 42  ? -15.048 -6.359  -8.303  0.50 48.57  ? 53  MET A SD    1 
ATOM   339  C CE    A MET A 1 42  ? -14.616 -5.416  -10.835 0.50 49.02  ? 53  MET A CE    1 
ATOM   340  C CE    B MET A 1 42  ? -15.001 -5.489  -9.866  0.50 47.07  ? 53  MET A CE    1 
ATOM   341  N N     . ARG A 1 43  ? -15.943 -9.996  -11.628 1.00 56.15  ? 54  ARG A N     1 
ATOM   342  C CA    A ARG A 1 43  ? -16.338 -10.810 -12.762 0.50 56.22  ? 54  ARG A CA    1 
ATOM   343  C CA    B ARG A 1 43  ? -16.295 -10.813 -12.769 0.50 56.76  ? 54  ARG A CA    1 
ATOM   344  C C     . ARG A 1 43  ? -16.631 -9.972  -13.999 1.00 60.93  ? 54  ARG A C     1 
ATOM   345  O O     . ARG A 1 43  ? -16.963 -8.804  -13.904 1.00 55.89  ? 54  ARG A O     1 
ATOM   346  C CB    A ARG A 1 43  ? -17.567 -11.634 -12.402 0.50 54.10  ? 54  ARG A CB    1 
ATOM   347  C CB    B ARG A 1 43  ? -17.442 -11.750 -12.413 0.50 55.12  ? 54  ARG A CB    1 
ATOM   348  C CG    A ARG A 1 43  ? -17.243 -12.834 -11.516 0.50 55.04  ? 54  ARG A CG    1 
ATOM   349  C CG    B ARG A 1 43  ? -16.953 -13.002 -11.681 0.50 55.87  ? 54  ARG A CG    1 
ATOM   350  C CD    A ARG A 1 43  ? -18.469 -13.377 -10.806 0.50 52.76  ? 54  ARG A CD    1 
ATOM   351  C CD    B ARG A 1 43  ? -18.060 -13.767 -10.966 0.50 53.05  ? 54  ARG A CD    1 
ATOM   352  N NE    A ARG A 1 43  ? -18.179 -14.533 -9.959  0.50 55.69  ? 54  ARG A NE    1 
ATOM   353  N NE    B ARG A 1 43  ? -17.537 -14.838 -10.109 0.50 56.28  ? 54  ARG A NE    1 
ATOM   354  C CZ    A ARG A 1 43  ? -18.068 -14.494 -8.632  0.50 56.46  ? 54  ARG A CZ    1 
ATOM   355  C CZ    B ARG A 1 43  ? -16.813 -15.866 -10.548 0.50 59.36  ? 54  ARG A CZ    1 
ATOM   356  N NH1   A ARG A 1 43  ? -18.206 -13.343 -7.968  0.50 56.20  ? 54  ARG A NH1   1 
ATOM   357  N NH1   B ARG A 1 43  ? -16.505 -15.950 -11.835 0.50 56.49  ? 54  ARG A NH1   1 
ATOM   358  N NH2   A ARG A 1 43  ? -17.825 -15.617 -7.966  0.50 55.77  ? 54  ARG A NH2   1 
ATOM   359  N NH2   B ARG A 1 43  ? -16.390 -16.805 -9.701  0.50 60.01  ? 54  ARG A NH2   1 
ATOM   360  N N     . ASP A 1 44  ? -16.510 -10.586 -15.166 1.00 71.86  ? 55  ASP A N     1 
ATOM   361  C CA    . ASP A 1 44  ? -16.815 -9.912  -16.427 1.00 77.23  ? 55  ASP A CA    1 
ATOM   362  C C     . ASP A 1 44  ? -18.336 -9.713  -16.469 1.00 79.29  ? 55  ASP A C     1 
ATOM   363  O O     . ASP A 1 44  ? -19.081 -10.638 -16.091 1.00 73.48  ? 55  ASP A O     1 
ATOM   364  C CB    . ASP A 1 44  ? -16.320 -10.761 -17.599 1.00 84.81  ? 55  ASP A CB    1 
ATOM   365  C CG    . ASP A 1 44  ? -16.369 -10.032 -18.921 1.00 92.00  ? 55  ASP A CG    1 
ATOM   366  O OD1   . ASP A 1 44  ? -17.424 -10.108 -19.583 1.00 106.32 ? 55  ASP A OD1   1 
ATOM   367  O OD2   . ASP A 1 44  ? -15.352 -9.410  -19.309 1.00 94.41  ? 55  ASP A OD2   1 
ATOM   368  N N     . PRO A 1 45  ? -18.802 -8.498  -16.854 1.00 82.95  ? 56  PRO A N     1 
ATOM   369  C CA    . PRO A 1 45  ? -20.249 -8.206  -16.969 1.00 87.52  ? 56  PRO A CA    1 
ATOM   370  C C     . PRO A 1 45  ? -21.106 -9.307  -17.673 1.00 90.61  ? 56  PRO A C     1 
ATOM   371  O O     . PRO A 1 45  ? -21.946 -9.952  -17.006 1.00 78.32  ? 56  PRO A O     1 
ATOM   372  C CB    . PRO A 1 45  ? -20.273 -6.877  -17.747 1.00 93.25  ? 56  PRO A CB    1 
ATOM   373  C CG    . PRO A 1 45  ? -18.956 -6.214  -17.443 1.00 88.97  ? 56  PRO A CG    1 
ATOM   374  C CD    . PRO A 1 45  ? -17.970 -7.298  -17.106 1.00 86.09  ? 56  PRO A CD    1 
ATOM   375  N N     . ALA A 1 46  ? -20.861 -9.552  -18.970 1.00 93.44  ? 57  ALA A N     1 
ATOM   376  C CA    . ALA A 1 46  ? -21.622 -10.565 -19.737 1.00 91.08  ? 57  ALA A CA    1 
ATOM   377  C C     . ALA A 1 46  ? -21.305 -11.976 -19.257 1.00 89.65  ? 57  ALA A C     1 
ATOM   378  O O     . ALA A 1 46  ? -22.140 -12.635 -18.624 1.00 89.01  ? 57  ALA A O     1 
ATOM   379  C CB    . ALA A 1 46  ? -21.353 -10.447 -21.238 1.00 90.29  ? 57  ALA A CB    1 
ATOM   380  N N     . SER A 1 47  ? -20.082 -12.427 -19.515 1.00 87.72  ? 58  SER A N     1 
ATOM   381  C CA    . SER A 1 47  ? -19.728 -13.824 -19.254 1.00 85.31  ? 58  SER A CA    1 
ATOM   382  C C     . SER A 1 47  ? -19.907 -14.224 -17.800 1.00 75.97  ? 58  SER A C     1 
ATOM   383  O O     . SER A 1 47  ? -20.243 -15.355 -17.548 1.00 63.48  ? 58  SER A O     1 
ATOM   384  C CB    . SER A 1 47  ? -18.295 -14.125 -19.715 1.00 86.54  ? 58  SER A CB    1 
ATOM   385  O OG    . SER A 1 47  ? -17.413 -13.084 -19.343 1.00 85.39  ? 58  SER A OG    1 
ATOM   386  N N     . LYS A 1 48  ? -19.689 -13.287 -16.863 1.00 86.78  ? 59  LYS A N     1 
ATOM   387  C CA    . LYS A 1 48  ? -19.575 -13.571 -15.411 1.00 82.42  ? 59  LYS A CA    1 
ATOM   388  C C     . LYS A 1 48  ? -18.369 -14.484 -15.082 1.00 75.68  ? 59  LYS A C     1 
ATOM   389  O O     . LYS A 1 48  ? -18.355 -15.179 -14.051 1.00 72.15  ? 59  LYS A O     1 
ATOM   390  C CB    . LYS A 1 48  ? -20.882 -14.137 -14.822 1.00 93.47  ? 59  LYS A CB    1 
ATOM   391  C CG    . LYS A 1 48  ? -22.094 -13.202 -14.871 1.00 95.59  ? 59  LYS A CG    1 
ATOM   392  C CD    . LYS A 1 48  ? -23.424 -13.968 -14.786 1.00 97.79  ? 59  LYS A CD    1 
ATOM   393  C CE    . LYS A 1 48  ? -23.517 -14.984 -13.636 1.00 97.50  ? 59  LYS A CE    1 
ATOM   394  N NZ    . LYS A 1 48  ? -24.714 -15.884 -13.724 1.00 95.26  ? 59  LYS A NZ    1 
ATOM   395  N N     . ARG A 1 49  ? -17.359 -14.463 -15.954 1.00 73.33  ? 60  ARG A N     1 
ATOM   396  C CA    . ARG A 1 49  ? -16.113 -15.190 -15.737 1.00 73.37  ? 60  ARG A CA    1 
ATOM   397  C C     . ARG A 1 49  ? -15.222 -14.300 -14.864 1.00 68.02  ? 60  ARG A C     1 
ATOM   398  O O     . ARG A 1 49  ? -15.273 -13.069 -14.967 1.00 61.79  ? 60  ARG A O     1 
ATOM   399  C CB    . ARG A 1 49  ? -15.413 -15.471 -17.072 1.00 76.57  ? 60  ARG A CB    1 
ATOM   400  C CG    . ARG A 1 49  ? -14.346 -16.552 -16.992 1.00 84.50  ? 60  ARG A CG    1 
ATOM   401  C CD    . ARG A 1 49  ? -13.165 -16.283 -17.921 1.00 92.60  ? 60  ARG A CD    1 
ATOM   402  N NE    . ARG A 1 49  ? -12.201 -17.393 -17.891 1.00 96.92  ? 60  ARG A NE    1 
ATOM   403  C CZ    . ARG A 1 49  ? -10.929 -17.338 -18.301 1.00 99.07  ? 60  ARG A CZ    1 
ATOM   404  N NH1   . ARG A 1 49  ? -10.406 -16.215 -18.798 1.00 101.39 ? 60  ARG A NH1   1 
ATOM   405  N NH2   . ARG A 1 49  ? -10.162 -18.429 -18.207 1.00 95.73  ? 60  ARG A NH2   1 
ATOM   406  N N     . SER A 1 50  ? -14.394 -14.920 -14.032 1.00 63.12  ? 61  SER A N     1 
ATOM   407  C CA    . SER A 1 50  ? -13.481 -14.174 -13.185 1.00 58.31  ? 61  SER A CA    1 
ATOM   408  C C     . SER A 1 50  ? -12.503 -13.375 -14.005 1.00 58.51  ? 61  SER A C     1 
ATOM   409  O O     . SER A 1 50  ? -12.064 -13.796 -15.108 1.00 54.85  ? 61  SER A O     1 
ATOM   410  C CB    . SER A 1 50  ? -12.691 -15.079 -12.252 1.00 57.03  ? 61  SER A CB    1 
ATOM   411  O OG    . SER A 1 50  ? -11.648 -14.333 -11.627 1.00 59.23  ? 61  SER A OG    1 
ATOM   412  N N     . ARG A 1 51  ? -12.155 -12.216 -13.447 1.00 52.08  ? 62  ARG A N     1 
ATOM   413  C CA    . ARG A 1 51  ? -11.096 -11.388 -14.016 1.00 49.37  ? 62  ARG A CA    1 
ATOM   414  C C     . ARG A 1 51  ? -9.780  -11.652 -13.342 1.00 41.56  ? 62  ARG A C     1 
ATOM   415  O O     . ARG A 1 51  ? -8.818  -10.988 -13.622 1.00 43.50  ? 62  ARG A O     1 
ATOM   416  C CB    . ARG A 1 51  ? -11.473 -9.937  -13.941 1.00 50.87  ? 62  ARG A CB    1 
ATOM   417  C CG    . ARG A 1 51  ? -12.752 -9.680  -14.712 1.00 59.46  ? 62  ARG A CG    1 
ATOM   418  C CD    . ARG A 1 51  ? -13.291 -8.301  -14.447 1.00 57.29  ? 62  ARG A CD    1 
ATOM   419  N NE    . ARG A 1 51  ? -12.294 -7.302  -14.770 1.00 57.54  ? 62  ARG A NE    1 
ATOM   420  C CZ    . ARG A 1 51  ? -12.388 -6.020  -14.427 1.00 61.94  ? 62  ARG A CZ    1 
ATOM   421  N NH1   . ARG A 1 51  ? -13.468 -5.571  -13.764 1.00 60.44  ? 62  ARG A NH1   1 
ATOM   422  N NH2   . ARG A 1 51  ? -11.404 -5.177  -14.772 1.00 56.09  ? 62  ARG A NH2   1 
ATOM   423  N N     . GLY A 1 52  ? -9.744  -12.635 -12.460 1.00 44.95  ? 63  GLY A N     1 
ATOM   424  C CA    . GLY A 1 52  ? -8.498  -13.038 -11.829 1.00 49.49  ? 63  GLY A CA    1 
ATOM   425  C C     . GLY A 1 52  ? -8.007  -12.169 -10.684 1.00 45.76  ? 63  GLY A C     1 
ATOM   426  O O     . GLY A 1 52  ? -6.903  -12.356 -10.245 1.00 40.73  ? 63  GLY A O     1 
ATOM   427  N N     . PHE A 1 53  ? -8.808  -11.208 -10.219 1.00 49.39  ? 64  PHE A N     1 
ATOM   428  C CA    . PHE A 1 53  ? -8.478  -10.476 -9.012  1.00 50.44  ? 64  PHE A CA    1 
ATOM   429  C C     . PHE A 1 53  ? -9.718  -10.132 -8.209  1.00 49.74  ? 64  PHE A C     1 
ATOM   430  O O     . PHE A 1 53  ? -10.795 -10.058 -8.728  1.00 50.00  ? 64  PHE A O     1 
ATOM   431  C CB    . PHE A 1 53  ? -7.718  -9.211  -9.349  1.00 54.07  ? 64  PHE A CB    1 
ATOM   432  C CG    . PHE A 1 53  ? -8.568  -8.140  -9.961  1.00 55.70  ? 64  PHE A CG    1 
ATOM   433  C CD1   . PHE A 1 53  ? -8.779  -8.107  -11.337 1.00 55.42  ? 64  PHE A CD1   1 
ATOM   434  C CD2   . PHE A 1 53  ? -9.166  -7.168  -9.164  1.00 55.46  ? 64  PHE A CD2   1 
ATOM   435  C CE1   . PHE A 1 53  ? -9.567  -7.114  -11.911 1.00 57.52  ? 64  PHE A CE1   1 
ATOM   436  C CE2   . PHE A 1 53  ? -9.934  -6.163  -9.729  1.00 55.91  ? 64  PHE A CE2   1 
ATOM   437  C CZ    . PHE A 1 53  ? -10.140 -6.142  -11.108 1.00 55.29  ? 64  PHE A CZ    1 
ATOM   438  N N     . GLY A 1 54  ? -9.555  -9.947  -6.916  1.00 49.74  ? 65  GLY A N     1 
ATOM   439  C CA    . GLY A 1 54  ? -10.657 -9.484  -6.105  1.00 49.66  ? 65  GLY A CA    1 
ATOM   440  C C     . GLY A 1 54  ? -10.209 -8.484  -5.053  1.00 49.11  ? 65  GLY A C     1 
ATOM   441  O O     . GLY A 1 54  ? -9.043  -8.061  -5.003  1.00 39.07  ? 65  GLY A O     1 
ATOM   442  N N     . PHE A 1 55  ? -11.151 -8.148  -4.181  1.00 52.52  ? 66  PHE A N     1 
ATOM   443  C CA    . PHE A 1 55  ? -10.894 -7.264  -3.051  1.00 49.38  ? 66  PHE A CA    1 
ATOM   444  C C     . PHE A 1 55  ? -11.463 -7.866  -1.785  1.00 48.82  ? 66  PHE A C     1 
ATOM   445  O O     . PHE A 1 55  ? -12.515 -8.512  -1.850  1.00 47.56  ? 66  PHE A O     1 
ATOM   446  C CB    . PHE A 1 55  ? -11.563 -5.932  -3.298  1.00 43.75  ? 66  PHE A CB    1 
ATOM   447  C CG    . PHE A 1 55  ? -10.935 -5.114  -4.390  1.00 43.55  ? 66  PHE A CG    1 
ATOM   448  C CD1   . PHE A 1 55  ? -9.705  -4.493  -4.193  1.00 38.64  ? 66  PHE A CD1   1 
ATOM   449  C CD2   . PHE A 1 55  ? -11.606 -4.902  -5.589  1.00 40.53  ? 66  PHE A CD2   1 
ATOM   450  C CE1   . PHE A 1 55  ? -9.136  -3.717  -5.187  1.00 41.67  ? 66  PHE A CE1   1 
ATOM   451  C CE2   . PHE A 1 55  ? -11.027 -4.138  -6.589  1.00 41.29  ? 66  PHE A CE2   1 
ATOM   452  C CZ    . PHE A 1 55  ? -9.802  -3.532  -6.396  1.00 43.47  ? 66  PHE A CZ    1 
ATOM   453  N N     . VAL A 1 56  ? -10.770 -7.665  -0.658  1.00 45.90  ? 67  VAL A N     1 
ATOM   454  C CA    . VAL A 1 56  ? -11.339 -7.922  0.691   1.00 45.50  ? 67  VAL A CA    1 
ATOM   455  C C     . VAL A 1 56  ? -11.107 -6.739  1.636   1.00 50.84  ? 67  VAL A C     1 
ATOM   456  O O     . VAL A 1 56  ? -10.030 -6.083  1.583   1.00 48.08  ? 67  VAL A O     1 
ATOM   457  C CB    . VAL A 1 56  ? -10.780 -9.175  1.353   1.00 44.45  ? 67  VAL A CB    1 
ATOM   458  C CG1   . VAL A 1 56  ? -10.874 -10.344 0.395   1.00 48.77  ? 67  VAL A CG1   1 
ATOM   459  C CG2   . VAL A 1 56  ? -9.351  -8.976  1.847   1.00 42.12  ? 67  VAL A CG2   1 
ATOM   460  N N     . THR A 1 57  ? -12.121 -6.471  2.475   1.00 53.43  ? 68  THR A N     1 
ATOM   461  C CA    . THR A 1 57  ? -12.089 -5.353  3.401   1.00 51.91  ? 68  THR A CA    1 
ATOM   462  C C     . THR A 1 57  ? -12.274 -5.854  4.832   1.00 55.81  ? 68  THR A C     1 
ATOM   463  O O     . THR A 1 57  ? -13.286 -6.473  5.148   1.00 58.53  ? 68  THR A O     1 
ATOM   464  C CB    . THR A 1 57  ? -13.102 -4.283  3.026   1.00 54.67  ? 68  THR A CB    1 
ATOM   465  O OG1   . THR A 1 57  ? -12.981 -3.994  1.634   1.00 53.97  ? 68  THR A OG1   1 
ATOM   466  C CG2   . THR A 1 57  ? -12.834 -2.975  3.806   1.00 56.58  ? 68  THR A CG2   1 
ATOM   467  N N     . PHE A 1 58  ? -11.257 -5.606  5.670   1.00 56.92  ? 69  PHE A N     1 
ATOM   468  C CA    . PHE A 1 58  ? -11.247 -5.973  7.097   1.00 54.20  ? 69  PHE A CA    1 
ATOM   469  C C     . PHE A 1 58  ? -11.912 -4.878  7.956   1.00 51.95  ? 69  PHE A C     1 
ATOM   470  O O     . PHE A 1 58  ? -12.188 -3.772  7.484   1.00 49.74  ? 69  PHE A O     1 
ATOM   471  C CB    . PHE A 1 58  ? -9.819  -6.179  7.573   1.00 51.12  ? 69  PHE A CB    1 
ATOM   472  C CG    . PHE A 1 58  ? -9.168  -7.423  7.068   1.00 55.63  ? 69  PHE A CG    1 
ATOM   473  C CD1   . PHE A 1 58  ? -9.324  -8.630  7.754   1.00 57.88  ? 69  PHE A CD1   1 
ATOM   474  C CD2   . PHE A 1 58  ? -8.329  -7.399  5.939   1.00 59.92  ? 69  PHE A CD2   1 
ATOM   475  C CE1   . PHE A 1 58  ? -8.678  -9.787  7.332   1.00 58.16  ? 69  PHE A CE1   1 
ATOM   476  C CE2   . PHE A 1 58  ? -7.692  -8.563  5.489   1.00 58.02  ? 69  PHE A CE2   1 
ATOM   477  C CZ    . PHE A 1 58  ? -7.859  -9.760  6.185   1.00 60.02  ? 69  PHE A CZ    1 
ATOM   478  N N     . SER A 1 59  ? -12.189 -5.180  9.220   1.00 58.50  ? 70  SER A N     1 
ATOM   479  C CA    . SER A 1 59  ? -12.869 -4.185  10.078  1.00 64.13  ? 70  SER A CA    1 
ATOM   480  C C     . SER A 1 59  ? -11.918 -3.073  10.538  1.00 59.47  ? 70  SER A C     1 
ATOM   481  O O     . SER A 1 59  ? -12.352 -1.935  10.743  1.00 55.36  ? 70  SER A O     1 
ATOM   482  C CB    . SER A 1 59  ? -13.529 -4.846  11.266  1.00 65.11  ? 70  SER A CB    1 
ATOM   483  O OG    . SER A 1 59  ? -12.551 -5.451  12.060  1.00 72.32  ? 70  SER A OG    1 
ATOM   484  N N     . SER A 1 60  ? -10.628 -3.396  10.637  1.00 58.32  ? 71  SER A N     1 
ATOM   485  C CA    . SER A 1 60  ? -9.602  -2.420  10.982  1.00 55.58  ? 71  SER A CA    1 
ATOM   486  C C     . SER A 1 60  ? -8.284  -2.614  10.216  1.00 58.24  ? 71  SER A C     1 
ATOM   487  O O     . SER A 1 60  ? -8.012  -3.686  9.646   1.00 57.31  ? 71  SER A O     1 
ATOM   488  C CB    . SER A 1 60  ? -9.336  -2.514  12.492  1.00 52.03  ? 71  SER A CB    1 
ATOM   489  O OG    . SER A 1 60  ? -8.682  -3.729  12.783  1.00 54.39  ? 71  SER A OG    1 
ATOM   490  N N     . MET A 1 61  ? -7.457  -1.572  10.237  1.00 55.87  ? 72  MET A N     1 
ATOM   491  C CA    . MET A 1 61  ? -6.097  -1.636  9.697   1.00 53.11  ? 72  MET A CA    1 
ATOM   492  C C     . MET A 1 61  ? -5.205  -2.652  10.413  1.00 51.66  ? 72  MET A C     1 
ATOM   493  O O     . MET A 1 61  ? -4.324  -3.300  9.798   1.00 54.21  ? 72  MET A O     1 
ATOM   494  C CB    . MET A 1 61  ? -5.451  -0.253  9.731   1.00 55.83  ? 72  MET A CB    1 
ATOM   495  C CG    . MET A 1 61  ? -4.230  -0.117  8.796   1.00 66.23  ? 72  MET A CG    1 
ATOM   496  S SD    . MET A 1 61  ? -3.415  1.515   8.678   1.00 61.83  ? 72  MET A SD    1 
ATOM   497  C CE    . MET A 1 61  ? -4.797  2.558   9.130   1.00 51.25  ? 72  MET A CE    1 
ATOM   498  N N     . ALA A 1 62  ? -5.425  -2.827  11.707  1.00 50.72  ? 73  ALA A N     1 
ATOM   499  C CA    . ALA A 1 62  ? -4.655  -3.823  12.452  1.00 53.09  ? 73  ALA A CA    1 
ATOM   500  C C     . ALA A 1 62  ? -4.799  -5.247  11.861  1.00 51.55  ? 73  ALA A C     1 
ATOM   501  O O     . ALA A 1 62  ? -3.844  -6.039  11.822  1.00 47.95  ? 73  ALA A O     1 
ATOM   502  C CB    . ALA A 1 62  ? -5.100  -3.822  13.907  1.00 58.84  ? 73  ALA A CB    1 
ATOM   503  N N     . GLU A 1 63  ? -6.019  -5.550  11.413  1.00 48.74  ? 74  GLU A N     1 
ATOM   504  C CA    . GLU A 1 63  ? -6.332  -6.844  10.838  1.00 49.14  ? 74  GLU A CA    1 
ATOM   505  C C     . GLU A 1 63  ? -5.611  -6.997  9.529   1.00 48.13  ? 74  GLU A C     1 
ATOM   506  O O     . GLU A 1 63  ? -4.965  -8.030  9.297   1.00 49.40  ? 74  GLU A O     1 
ATOM   507  C CB    . GLU A 1 63  ? -7.852  -6.987  10.676  1.00 53.72  ? 74  GLU A CB    1 
ATOM   508  C CG    . GLU A 1 63  ? -8.545  -7.258  12.012  1.00 53.79  ? 74  GLU A CG    1 
ATOM   509  C CD    . GLU A 1 63  ? -10.065 -7.153  11.988  1.00 57.99  ? 74  GLU A CD    1 
ATOM   510  O OE1   . GLU A 1 63  ? -10.661 -6.504  11.094  1.00 67.09  ? 74  GLU A OE1   1 
ATOM   511  O OE2   . GLU A 1 63  ? -10.677 -7.720  12.898  1.00 55.04  ? 74  GLU A OE2   1 
ATOM   512  N N     . VAL A 1 64  ? -5.654  -5.928  8.726   1.00 48.22  ? 75  VAL A N     1 
ATOM   513  C CA    . VAL A 1 64  ? -5.021  -5.918  7.422   1.00 46.86  ? 75  VAL A CA    1 
ATOM   514  C C     . VAL A 1 64  ? -3.565  -6.182  7.596   1.00 46.52  ? 75  VAL A C     1 
ATOM   515  O O     . VAL A 1 64  ? -3.025  -6.973  6.827   1.00 47.33  ? 75  VAL A O     1 
ATOM   516  C CB    . VAL A 1 64  ? -5.137  -4.595  6.670   1.00 49.06  ? 75  VAL A CB    1 
ATOM   517  C CG1   . VAL A 1 64  ? -4.306  -4.643  5.392   1.00 54.02  ? 75  VAL A CG1   1 
ATOM   518  C CG2   . VAL A 1 64  ? -6.569  -4.266  6.310   1.00 47.33  ? 75  VAL A CG2   1 
ATOM   519  N N     . ASP A 1 65  ? -2.920  -5.535  8.577   1.00 47.01  ? 76  ASP A N     1 
ATOM   520  C CA    . ASP A 1 65  ? -1.443  -5.669  8.732   1.00 49.07  ? 76  ASP A CA    1 
ATOM   521  C C     . ASP A 1 65  ? -1.007  -7.066  9.048   1.00 47.27  ? 76  ASP A C     1 
ATOM   522  O O     . ASP A 1 65  ? 0.081   -7.500  8.632   1.00 49.97  ? 76  ASP A O     1 
ATOM   523  C CB    . ASP A 1 65  ? -0.876  -4.737  9.803   1.00 49.14  ? 76  ASP A CB    1 
ATOM   524  C CG    . ASP A 1 65  ? -0.898  -3.291  9.375   1.00 56.28  ? 76  ASP A CG    1 
ATOM   525  O OD1   . ASP A 1 65  ? -1.040  -3.017  8.165   1.00 58.98  ? 76  ASP A OD1   1 
ATOM   526  O OD2   . ASP A 1 65  ? -0.744  -2.419  10.241  1.00 63.11  ? 76  ASP A OD2   1 
ATOM   527  N N     . ALA A 1 66  ? -1.854  -7.756  9.793   1.00 43.13  ? 77  ALA A N     1 
ATOM   528  C CA    . ALA A 1 66  ? -1.551  -9.098  10.242  1.00 47.85  ? 77  ALA A CA    1 
ATOM   529  C C     . ALA A 1 66  ? -1.659  -10.004 9.052   1.00 43.36  ? 77  ALA A C     1 
ATOM   530  O O     . ALA A 1 66  ? -0.766  -10.789 8.804   1.00 47.70  ? 77  ALA A O     1 
ATOM   531  C CB    . ALA A 1 66  ? -2.535  -9.530  11.338  1.00 46.65  ? 77  ALA A CB    1 
ATOM   532  N N     . ALA A 1 67  ? -2.778  -9.882  8.339   1.00 47.83  ? 78  ALA A N     1 
ATOM   533  C CA    . ALA A 1 67  ? -2.949  -10.516 7.012   1.00 46.80  ? 78  ALA A CA    1 
ATOM   534  C C     . ALA A 1 67  ? -1.670  -10.354 6.252   1.00 43.62  ? 78  ALA A C     1 
ATOM   535  O O     . ALA A 1 67  ? -1.093  -11.363 5.897   1.00 50.29  ? 78  ALA A O     1 
ATOM   536  C CB    . ALA A 1 67  ? -4.135  -9.939  6.252   1.00 44.64  ? 78  ALA A CB    1 
ATOM   537  N N     . MET A 1 68  ? -1.152  -9.116  6.127   1.00 44.53  ? 79  MET A N     1 
ATOM   538  C CA    . MET A 1 68  ? 0.089   -8.838  5.335   1.00 41.28  ? 79  MET A CA    1 
ATOM   539  C C     . MET A 1 68  ? 1.399   -9.276  5.979   1.00 47.24  ? 79  MET A C     1 
ATOM   540  O O     . MET A 1 68  ? 2.393   -9.558  5.278   1.00 52.42  ? 79  MET A O     1 
ATOM   541  C CB    . MET A 1 68  ? 0.175   -7.355  4.943   1.00 42.36  ? 79  MET A CB    1 
ATOM   542  C CG    . MET A 1 68  ? -0.951  -6.891  4.004   1.00 46.72  ? 79  MET A CG    1 
ATOM   543  S SD    . MET A 1 68  ? -0.933  -7.581  2.308   1.00 47.38  ? 79  MET A SD    1 
ATOM   544  C CE    . MET A 1 68  ? 0.476   -6.752  1.572   1.00 41.03  ? 79  MET A CE    1 
ATOM   545  N N     . ALA A 1 69  ? 1.434   -9.306  7.309   1.00 49.52  ? 80  ALA A N     1 
ATOM   546  C CA    . ALA A 1 69  ? 2.535   -9.945  8.043   1.00 50.80  ? 80  ALA A CA    1 
ATOM   547  C C     . ALA A 1 69  ? 2.605   -11.461 7.773   1.00 53.18  ? 80  ALA A C     1 
ATOM   548  O O     . ALA A 1 69  ? 3.656   -12.085 7.949   1.00 53.05  ? 80  ALA A O     1 
ATOM   549  C CB    . ALA A 1 69  ? 2.373   -9.694  9.540   1.00 50.22  ? 80  ALA A CB    1 
ATOM   550  N N     . ALA A 1 70  ? 1.485   -12.052 7.361   1.00 57.96  ? 81  ALA A N     1 
ATOM   551  C CA    . ALA A 1 70  ? 1.365   -13.504 7.206   1.00 57.52  ? 81  ALA A CA    1 
ATOM   552  C C     . ALA A 1 70  ? 1.489   -14.014 5.749   1.00 60.67  ? 81  ALA A C     1 
ATOM   553  O O     . ALA A 1 70  ? 0.832   -15.002 5.406   1.00 53.66  ? 81  ALA A O     1 
ATOM   554  C CB    . ALA A 1 70  ? 0.051   -13.953 7.824   1.00 50.50  ? 81  ALA A CB    1 
ATOM   555  N N     . ARG A 1 71  ? 2.376   -13.384 4.955   1.00 58.31  ? 82  ARG A N     1 
ATOM   556  C CA    . ARG A 1 71  ? 2.586   -13.693 3.535   1.00 60.42  ? 82  ARG A CA    1 
ATOM   557  C C     . ARG A 1 71  ? 3.728   -14.702 3.314   1.00 62.79  ? 82  ARG A C     1 
ATOM   558  O O     . ARG A 1 71  ? 4.695   -14.656 4.058   1.00 65.88  ? 82  ARG A O     1 
ATOM   559  C CB    . ARG A 1 71  ? 2.917   -12.416 2.760   1.00 61.68  ? 82  ARG A CB    1 
ATOM   560  C CG    . ARG A 1 71  ? 1.708   -11.633 2.287   1.00 62.12  ? 82  ARG A CG    1 
ATOM   561  C CD    . ARG A 1 71  ? 2.142   -10.389 1.517   1.00 63.05  ? 82  ARG A CD    1 
ATOM   562  N NE    . ARG A 1 71  ? 2.698   -9.363  2.388   1.00 63.57  ? 82  ARG A NE    1 
ATOM   563  C CZ    . ARG A 1 71  ? 3.678   -8.502  2.083   1.00 65.46  ? 82  ARG A CZ    1 
ATOM   564  N NH1   . ARG A 1 71  ? 4.272   -8.492  0.894   1.00 64.95  ? 82  ARG A NH1   1 
ATOM   565  N NH2   . ARG A 1 71  ? 4.074   -7.617  2.991   1.00 61.00  ? 82  ARG A NH2   1 
ATOM   566  N N     . PRO A 1 72  ? 3.681   -15.552 2.273   1.00 60.38  ? 83  PRO A N     1 
ATOM   567  C CA    . PRO A 1 72  ? 2.685   -15.496 1.219   1.00 56.66  ? 83  PRO A CA    1 
ATOM   568  C C     . PRO A 1 72  ? 1.350   -16.152 1.500   1.00 53.79  ? 83  PRO A C     1 
ATOM   569  O O     . PRO A 1 72  ? 1.211   -16.866 2.463   1.00 55.02  ? 83  PRO A O     1 
ATOM   570  C CB    . PRO A 1 72  ? 3.375   -16.234 0.060   1.00 60.34  ? 83  PRO A CB    1 
ATOM   571  C CG    . PRO A 1 72  ? 4.801   -15.885 0.240   1.00 62.08  ? 83  PRO A CG    1 
ATOM   572  C CD    . PRO A 1 72  ? 4.966   -16.052 1.734   1.00 62.82  ? 83  PRO A CD    1 
ATOM   573  N N     . HIS A 1 73  ? 0.383   -15.880 0.624   1.00 49.88  ? 84  HIS A N     1 
ATOM   574  C CA    . HIS A 1 73  ? -0.932  -16.465 0.691   1.00 48.87  ? 84  HIS A CA    1 
ATOM   575  C C     . HIS A 1 73  ? -1.206  -17.337 -0.519  1.00 48.15  ? 84  HIS A C     1 
ATOM   576  O O     . HIS A 1 73  ? -0.677  -17.120 -1.598  1.00 50.72  ? 84  HIS A O     1 
ATOM   577  C CB    . HIS A 1 73  ? -2.026  -15.397 0.754   1.00 52.34  ? 84  HIS A CB    1 
ATOM   578  C CG    . HIS A 1 73  ? -1.879  -14.435 1.876   1.00 61.98  ? 84  HIS A CG    1 
ATOM   579  N ND1   . HIS A 1 73  ? -2.437  -13.176 1.854   1.00 60.38  ? 84  HIS A ND1   1 
ATOM   580  C CD2   . HIS A 1 73  ? -1.223  -14.538 3.055   1.00 65.57  ? 84  HIS A CD2   1 
ATOM   581  C CE1   . HIS A 1 73  ? -2.138  -12.550 2.978   1.00 60.98  ? 84  HIS A CE1   1 
ATOM   582  N NE2   . HIS A 1 73  ? -1.408  -13.356 3.725   1.00 64.42  ? 84  HIS A NE2   1 
ATOM   583  N N     . SER A 1 74  ? -2.118  -18.273 -0.328  1.00 46.35  ? 85  SER A N     1 
ATOM   584  C CA    . SER A 1 74  ? -2.324  -19.341 -1.241  1.00 52.36  ? 85  SER A CA    1 
ATOM   585  C C     . SER A 1 74  ? -3.730  -19.696 -1.065  1.00 49.61  ? 85  SER A C     1 
ATOM   586  O O     . SER A 1 74  ? -4.150  -19.915 0.040   1.00 52.11  ? 85  SER A O     1 
ATOM   587  C CB    . SER A 1 74  ? -1.471  -20.558 -0.891  1.00 62.05  ? 85  SER A CB    1 
ATOM   588  O OG    . SER A 1 74  ? -0.331  -20.619 -1.725  1.00 65.66  ? 85  SER A OG    1 
ATOM   589  N N     . ILE A 1 75  ? -4.458  -19.712 -2.169  1.00 54.36  ? 86  ILE A N     1 
ATOM   590  C CA    . ILE A 1 75  ? -5.879  -20.014 -2.181  1.00 60.25  ? 86  ILE A CA    1 
ATOM   591  C C     . ILE A 1 75  ? -6.086  -20.854 -3.441  1.00 60.31  ? 86  ILE A C     1 
ATOM   592  O O     . ILE A 1 75  ? -5.601  -20.479 -4.523  1.00 59.67  ? 86  ILE A O     1 
ATOM   593  C CB    . ILE A 1 75  ? -6.763  -18.730 -2.184  1.00 62.25  ? 86  ILE A CB    1 
ATOM   594  C CG1   . ILE A 1 75  ? -6.236  -17.683 -1.176  1.00 64.42  ? 86  ILE A CG1   1 
ATOM   595  C CG2   . ILE A 1 75  ? -8.211  -19.089 -1.857  1.00 66.18  ? 86  ILE A CG2   1 
ATOM   596  C CD1   . ILE A 1 75  ? -7.164  -16.500 -0.927  1.00 59.30  ? 86  ILE A CD1   1 
ATOM   597  N N     . ASP A 1 76  ? -6.719  -22.016 -3.265  1.00 66.25  ? 87  ASP A N     1 
ATOM   598  C CA    . ASP A 1 76  ? -7.003  -22.959 -4.348  1.00 60.73  ? 87  ASP A CA    1 
ATOM   599  C C     . ASP A 1 76  ? -5.806  -23.218 -5.251  1.00 60.38  ? 87  ASP A C     1 
ATOM   600  O O     . ASP A 1 76  ? -5.927  -23.181 -6.470  1.00 65.83  ? 87  ASP A O     1 
ATOM   601  C CB    . ASP A 1 76  ? -8.194  -22.464 -5.152  1.00 60.30  ? 87  ASP A CB    1 
ATOM   602  C CG    . ASP A 1 76  ? -9.408  -22.233 -4.286  1.00 71.84  ? 87  ASP A CG    1 
ATOM   603  O OD1   . ASP A 1 76  ? -9.500  -22.921 -3.234  1.00 70.18  ? 87  ASP A OD1   1 
ATOM   604  O OD2   . ASP A 1 76  ? -10.254 -21.364 -4.640  1.00 75.51  ? 87  ASP A OD2   1 
ATOM   605  N N     . GLY A 1 77  ? -4.646  -23.439 -4.633  1.00 55.57  ? 88  GLY A N     1 
ATOM   606  C CA    . GLY A 1 77  ? -3.457  -23.886 -5.328  1.00 50.26  ? 88  GLY A CA    1 
ATOM   607  C C     . GLY A 1 77  ? -2.680  -22.785 -6.011  1.00 63.39  ? 88  GLY A C     1 
ATOM   608  O O     . GLY A 1 77  ? -1.693  -23.066 -6.729  1.00 69.22  ? 88  GLY A O     1 
ATOM   609  N N     . ARG A 1 78  ? -3.101  -21.532 -5.824  1.00 59.02  ? 89  ARG A N     1 
ATOM   610  C CA    . ARG A 1 78  ? -2.388  -20.429 -6.443  1.00 60.00  ? 89  ARG A CA    1 
ATOM   611  C C     . ARG A 1 78  ? -1.892  -19.580 -5.303  1.00 59.72  ? 89  ARG A C     1 
ATOM   612  O O     . ARG A 1 78  ? -2.606  -19.364 -4.307  1.00 53.71  ? 89  ARG A O     1 
ATOM   613  C CB    . ARG A 1 78  ? -3.265  -19.568 -7.389  1.00 54.94  ? 89  ARG A CB    1 
ATOM   614  C CG    . ARG A 1 78  ? -4.267  -20.304 -8.261  1.00 56.94  ? 89  ARG A CG    1 
ATOM   615  C CD    . ARG A 1 78  ? -3.675  -20.892 -9.546  1.00 58.71  ? 89  ARG A CD    1 
ATOM   616  N NE    . ARG A 1 78  ? -3.868  -20.055 -10.736 1.00 59.65  ? 89  ARG A NE    1 
ATOM   617  C CZ    . ARG A 1 78  ? -4.485  -20.397 -11.882 1.00 62.85  ? 89  ARG A CZ    1 
ATOM   618  N NH1   . ARG A 1 78  ? -4.546  -19.499 -12.862 1.00 68.89  ? 89  ARG A NH1   1 
ATOM   619  N NH2   . ARG A 1 78  ? -5.060  -21.586 -12.092 1.00 58.12  ? 89  ARG A NH2   1 
ATOM   620  N N     . VAL A 1 79  ? -0.683  -19.075 -5.496  1.00 55.74  ? 90  VAL A N     1 
ATOM   621  C CA    . VAL A 1 79  ? -0.110  -18.083 -4.670  1.00 53.44  ? 90  VAL A CA    1 
ATOM   622  C C     . VAL A 1 79  ? -0.773  -16.821 -5.221  1.00 56.94  ? 90  VAL A C     1 
ATOM   623  O O     . VAL A 1 79  ? -0.736  -16.591 -6.439  1.00 50.02  ? 90  VAL A O     1 
ATOM   624  C CB    . VAL A 1 79  ? 1.408   -17.972 -4.867  1.00 59.03  ? 90  VAL A CB    1 
ATOM   625  C CG1   . VAL A 1 79  ? 1.987   -16.874 -3.966  1.00 65.05  ? 90  VAL A CG1   1 
ATOM   626  C CG2   . VAL A 1 79  ? 2.101   -19.306 -4.615  1.00 68.21  ? 90  VAL A CG2   1 
ATOM   627  N N     . VAL A 1 80  ? -1.355  -16.015 -4.329  1.00 59.06  ? 91  VAL A N     1 
ATOM   628  C CA    . VAL A 1 80  ? -2.044  -14.777 -4.714  1.00 55.22  ? 91  VAL A CA    1 
ATOM   629  C C     . VAL A 1 80  ? -1.156  -13.590 -4.389  1.00 51.92  ? 91  VAL A C     1 
ATOM   630  O O     . VAL A 1 80  ? -0.146  -13.746 -3.713  1.00 53.61  ? 91  VAL A O     1 
ATOM   631  C CB    . VAL A 1 80  ? -3.446  -14.650 -4.101  1.00 47.53  ? 91  VAL A CB    1 
ATOM   632  C CG1   . VAL A 1 80  ? -4.267  -15.854 -4.447  1.00 45.07  ? 91  VAL A CG1   1 
ATOM   633  C CG2   . VAL A 1 80  ? -3.409  -14.484 -2.582  1.00 57.71  ? 91  VAL A CG2   1 
ATOM   634  N N     . GLU A 1 81  ? -1.523  -12.430 -4.921  1.00 54.64  ? 92  GLU A N     1 
ATOM   635  C CA    . GLU A 1 81  ? -0.750  -11.185 -4.744  1.00 60.21  ? 92  GLU A CA    1 
ATOM   636  C C     . GLU A 1 81  ? -1.600  -10.131 -4.019  1.00 52.83  ? 92  GLU A C     1 
ATOM   637  O O     . GLU A 1 81  ? -2.312  -9.347  -4.642  1.00 45.41  ? 92  GLU A O     1 
ATOM   638  C CB    . GLU A 1 81  ? -0.231  -10.690 -6.098  1.00 65.16  ? 92  GLU A CB    1 
ATOM   639  C CG    . GLU A 1 81  ? 0.388   -11.826 -6.934  1.00 74.07  ? 92  GLU A CG    1 
ATOM   640  C CD    . GLU A 1 81  ? 1.289   -11.318 -8.051  1.00 81.57  ? 92  GLU A CD    1 
ATOM   641  O OE1   . GLU A 1 81  ? 2.360   -11.981 -8.302  1.00 71.54  ? 92  GLU A OE1   1 
ATOM   642  O OE2   . GLU A 1 81  ? 0.914   -10.252 -8.644  1.00 66.12  ? 92  GLU A OE2   1 
ATOM   643  N N     . PRO A 1 82  ? -1.545  -10.136 -2.674  1.00 52.11  ? 93  PRO A N     1 
ATOM   644  C CA    . PRO A 1 82  ? -2.279  -9.149  -1.917  1.00 47.81  ? 93  PRO A CA    1 
ATOM   645  C C     . PRO A 1 82  ? -1.480  -7.889  -1.950  1.00 46.45  ? 93  PRO A C     1 
ATOM   646  O O     . PRO A 1 82  ? -0.247  -7.938  -1.830  1.00 47.01  ? 93  PRO A O     1 
ATOM   647  C CB    . PRO A 1 82  ? -2.306  -9.719  -0.501  1.00 50.40  ? 93  PRO A CB    1 
ATOM   648  C CG    . PRO A 1 82  ? -1.727  -11.078 -0.594  1.00 50.48  ? 93  PRO A CG    1 
ATOM   649  C CD    . PRO A 1 82  ? -0.807  -11.023 -1.765  1.00 51.42  ? 93  PRO A CD    1 
ATOM   650  N N     . LYS A 1 83  ? -2.189  -6.793  -2.166  1.00 42.04  ? 94  LYS A N     1 
ATOM   651  C CA    . LYS A 1 83  ? -1.650  -5.460  -2.204  1.00 44.27  ? 94  LYS A CA    1 
ATOM   652  C C     . LYS A 1 83  ? -2.679  -4.518  -1.554  1.00 41.71  ? 94  LYS A C     1 
ATOM   653  O O     . LYS A 1 83  ? -3.889  -4.736  -1.633  1.00 37.78  ? 94  LYS A O     1 
ATOM   654  C CB    . LYS A 1 83  ? -1.300  -5.059  -3.642  1.00 49.00  ? 94  LYS A CB    1 
ATOM   655  C CG    . LYS A 1 83  ? -0.356  -6.078  -4.311  1.00 56.82  ? 94  LYS A CG    1 
ATOM   656  C CD    . LYS A 1 83  ? 0.449   -5.555  -5.493  1.00 66.76  ? 94  LYS A CD    1 
ATOM   657  C CE    . LYS A 1 83  ? -0.109  -5.975  -6.860  1.00 74.39  ? 94  LYS A CE    1 
ATOM   658  N NZ    . LYS A 1 83  ? 0.086   -7.424  -7.186  1.00 77.84  ? 94  LYS A NZ    1 
ATOM   659  N N     . ARG A 1 84  ? -2.176  -3.497  -0.865  1.00 43.23  ? 95  ARG A N     1 
ATOM   660  C CA    . ARG A 1 84  ? -3.010  -2.402  -0.351  1.00 42.18  ? 95  ARG A CA    1 
ATOM   661  C C     . ARG A 1 84  ? -3.812  -1.871  -1.540  1.00 45.02  ? 95  ARG A C     1 
ATOM   662  O O     . ARG A 1 84  ? -3.229  -1.657  -2.610  1.00 48.76  ? 95  ARG A O     1 
ATOM   663  C CB    . ARG A 1 84  ? -2.148  -1.245  0.163   1.00 45.56  ? 95  ARG A CB    1 
ATOM   664  C CG    . ARG A 1 84  ? -0.973  -1.585  1.056   1.00 50.60  ? 95  ARG A CG    1 
ATOM   665  C CD    . ARG A 1 84  ? -1.491  -2.045  2.400   1.00 50.98  ? 95  ARG A CD    1 
ATOM   666  N NE    . ARG A 1 84  ? -0.466  -2.757  3.148   1.00 52.28  ? 95  ARG A NE    1 
ATOM   667  C CZ    . ARG A 1 84  ? -0.372  -2.787  4.478   1.00 44.56  ? 95  ARG A CZ    1 
ATOM   668  N NH1   . ARG A 1 84  ? -1.225  -2.127  5.227   1.00 43.94  ? 95  ARG A NH1   1 
ATOM   669  N NH2   . ARG A 1 84  ? 0.593   -3.497  5.058   1.00 41.84  ? 95  ARG A NH2   1 
ATOM   670  N N     . ALA A 1 85  ? -5.109  -1.646  -1.374  1.00 47.80  ? 96  ALA A N     1 
ATOM   671  C CA    . ALA A 1 85  ? -5.934  -1.187  -2.486  1.00 50.99  ? 96  ALA A CA    1 
ATOM   672  C C     . ALA A 1 85  ? -5.663  0.274   -2.764  1.00 57.36  ? 96  ALA A C     1 
ATOM   673  O O     . ALA A 1 85  ? -5.858  1.129   -1.881  1.00 59.54  ? 96  ALA A O     1 
ATOM   674  C CB    . ALA A 1 85  ? -7.409  -1.417  -2.237  1.00 54.06  ? 96  ALA A CB    1 
ATOM   675  N N     . VAL A 1 86  ? -5.175  0.534   -3.987  1.00 56.03  ? 97  VAL A N     1 
ATOM   676  C CA    . VAL A 1 86  ? -5.001  1.889   -4.534  1.00 64.82  ? 97  VAL A CA    1 
ATOM   677  C C     . VAL A 1 86  ? -6.343  2.526   -4.943  1.00 64.23  ? 97  VAL A C     1 
ATOM   678  O O     . VAL A 1 86  ? -7.090  1.958   -5.731  1.00 64.34  ? 97  VAL A O     1 
ATOM   679  C CB    . VAL A 1 86  ? -4.039  1.905   -5.750  1.00 64.36  ? 97  VAL A CB    1 
ATOM   680  C CG1   . VAL A 1 86  ? -3.834  3.336   -6.237  1.00 66.65  ? 97  VAL A CG1   1 
ATOM   681  C CG2   . VAL A 1 86  ? -2.704  1.226   -5.391  1.00 55.71  ? 97  VAL A CG2   1 
ATOM   682  N N     . ALA A 1 87  ? -6.622  3.718   -4.413  1.00 63.15  ? 98  ALA A N     1 
ATOM   683  C CA    . ALA A 1 87  ? -7.896  4.418   -4.618  1.00 63.39  ? 98  ALA A CA    1 
ATOM   684  C C     . ALA A 1 87  ? -8.250  4.661   -6.113  1.00 60.98  ? 98  ALA A C     1 
ATOM   685  O O     . ALA A 1 87  ? -7.360  4.857   -6.932  1.00 55.20  ? 98  ALA A O     1 
ATOM   686  C CB    . ALA A 1 87  ? -7.856  5.743   -3.862  1.00 64.00  ? 98  ALA A CB    1 
ATOM   687  N N     . ARG A 1 88  ? -9.542  4.648   -6.455  1.00 63.79  ? 99  ARG A N     1 
ATOM   688  C CA    . ARG A 1 88  ? -10.006 4.951   -7.845  1.00 64.67  ? 99  ARG A CA    1 
ATOM   689  C C     . ARG A 1 88  ? -9.440  6.263   -8.392  1.00 67.12  ? 99  ARG A C     1 
ATOM   690  O O     . ARG A 1 88  ? -8.766  6.266   -9.416  1.00 64.78  ? 99  ARG A O     1 
ATOM   691  C CB    . ARG A 1 88  ? -11.537 4.956   -7.922  1.00 59.78  ? 99  ARG A CB    1 
ATOM   692  C CG    . ARG A 1 88  ? -12.113 3.561   -7.955  1.00 58.51  ? 99  ARG A CG    1 
ATOM   693  C CD    . ARG A 1 88  ? -13.592 3.484   -7.660  1.00 54.12  ? 99  ARG A CD    1 
ATOM   694  N NE    . ARG A 1 88  ? -13.805 3.136   -6.257  1.00 60.04  ? 99  ARG A NE    1 
ATOM   695  C CZ    . ARG A 1 88  ? -14.494 2.093   -5.769  1.00 62.95  ? 99  ARG A CZ    1 
ATOM   696  N NH1   . ARG A 1 88  ? -15.126 1.204   -6.543  1.00 59.05  ? 99  ARG A NH1   1 
ATOM   697  N NH2   . ARG A 1 88  ? -14.583 1.962   -4.444  1.00 63.81  ? 99  ARG A NH2   1 
ATOM   698  N N     . GLU A 1 89  ? -9.732  7.353   -7.684  1.00 78.47  ? 100 GLU A N     1 
ATOM   699  C CA    . GLU A 1 89  ? -9.015  8.656   -7.755  1.00 84.88  ? 100 GLU A CA    1 
ATOM   700  C C     . GLU A 1 89  ? -7.574  8.614   -8.309  1.00 90.52  ? 100 GLU A C     1 
ATOM   701  O O     . GLU A 1 89  ? -7.185  9.444   -9.140  1.00 96.18  ? 100 GLU A O     1 
ATOM   702  C CB    . GLU A 1 89  ? -9.035  9.387   -6.369  1.00 87.13  ? 100 GLU A CB    1 
ATOM   703  C CG    . GLU A 1 89  ? -9.538  8.568   -5.162  1.00 89.52  ? 100 GLU A CG    1 
ATOM   704  C CD    . GLU A 1 89  ? -9.234  9.184   -3.787  1.00 94.80  ? 100 GLU A CD    1 
ATOM   705  O OE1   . GLU A 1 89  ? -10.094 9.064   -2.870  1.00 80.29  ? 100 GLU A OE1   1 
ATOM   706  O OE2   . GLU A 1 89  ? -8.142  9.773   -3.606  1.00 88.63  ? 100 GLU A OE2   1 
ATOM   707  N N     . GLU A 1 90  ? -6.799  7.645   -7.840  1.00 89.98  ? 101 GLU A N     1 
ATOM   708  C CA    . GLU A 1 90  ? -5.387  7.523   -8.172  1.00 84.22  ? 101 GLU A CA    1 
ATOM   709  C C     . GLU A 1 90  ? -5.110  6.640   -9.377  1.00 89.45  ? 101 GLU A C     1 
ATOM   710  O O     . GLU A 1 90  ? -4.084  6.800   -10.038 1.00 94.23  ? 101 GLU A O     1 
ATOM   711  C CB    . GLU A 1 90  ? -4.657  6.925   -6.975  1.00 88.96  ? 101 GLU A CB    1 
ATOM   712  C CG    . GLU A 1 90  ? -4.737  7.760   -5.706  1.00 90.62  ? 101 GLU A CG    1 
ATOM   713  C CD    . GLU A 1 90  ? -3.742  8.900   -5.683  1.00 97.33  ? 101 GLU A CD    1 
ATOM   714  O OE1   . GLU A 1 90  ? -2.724  8.837   -6.413  1.00 102.10 ? 101 GLU A OE1   1 
ATOM   715  O OE2   . GLU A 1 90  ? -3.978  9.862   -4.916  1.00 115.22 ? 101 GLU A OE2   1 
ATOM   716  N N     . SER A 1 91  ? -6.009  5.696   -9.649  1.00 95.06  ? 102 SER A N     1 
ATOM   717  C CA    . SER A 1 91  ? -5.726  4.597   -10.575 1.00 96.20  ? 102 SER A CA    1 
ATOM   718  C C     . SER A 1 91  ? -5.886  5.068   -12.011 1.00 97.09  ? 102 SER A C     1 
ATOM   719  O O     . SER A 1 91  ? -6.942  4.921   -12.629 1.00 100.57 ? 102 SER A O     1 
ATOM   720  C CB    . SER A 1 91  ? -6.600  3.378   -10.266 1.00 97.21  ? 102 SER A CB    1 
ATOM   721  O OG    . SER A 1 91  ? -6.208  2.786   -9.039  1.00 80.07  ? 102 SER A OG    1 
ATOM   722  N N     . GLY A 1 92  ? -4.792  5.622   -12.518 1.00 99.40  ? 103 GLY A N     1 
ATOM   723  C CA    . GLY A 1 92  ? -4.782  6.356   -13.766 1.00 105.19 ? 103 GLY A CA    1 
ATOM   724  C C     . GLY A 1 92  ? -3.374  6.809   -14.107 1.00 122.80 ? 103 GLY A C     1 
ATOM   725  O O     . GLY A 1 92  ? -2.896  6.538   -15.212 1.00 133.71 ? 103 GLY A O     1 
ATOM   726  N N     . LYS A 1 93  ? -2.705  7.485   -13.161 1.00 127.33 ? 104 LYS A N     1 
ATOM   727  C CA    . LYS A 1 93  ? -1.328  7.999   -13.368 1.00 130.16 ? 104 LYS A CA    1 
ATOM   728  C C     . LYS A 1 93  ? -0.234  6.924   -13.262 1.00 132.88 ? 104 LYS A C     1 
ATOM   729  O O     . LYS A 1 93  ? -0.471  5.861   -12.684 1.00 145.30 ? 104 LYS A O     1 
ATOM   730  C CB    . LYS A 1 93  ? -1.008  9.126   -12.374 1.00 122.85 ? 104 LYS A CB    1 
ATOM   731  C CG    . LYS A 1 93  ? -0.711  8.675   -10.946 1.00 114.44 ? 104 LYS A CG    1 
ATOM   732  C CD    . LYS A 1 93  ? -1.174  9.700   -9.930  1.00 112.53 ? 104 LYS A CD    1 
ATOM   733  C CE    . LYS A 1 93  ? -2.671  9.578   -9.697  1.00 112.51 ? 104 LYS A CE    1 
ATOM   734  N NZ    . LYS A 1 93  ? -3.258  10.772  -9.036  1.00 111.33 ? 104 LYS A NZ    1 
ATOM   735  N N     . PRO A 1 94  ? 0.972   7.202   -13.810 1.00 128.49 ? 105 PRO A N     1 
ATOM   736  C CA    . PRO A 1 94  ? 2.106   6.310   -13.557 1.00 126.21 ? 105 PRO A CA    1 
ATOM   737  C C     . PRO A 1 94  ? 2.478   6.260   -12.081 1.00 124.30 ? 105 PRO A C     1 
ATOM   738  O O     . PRO A 1 94  ? 2.193   7.201   -11.333 1.00 126.35 ? 105 PRO A O     1 
ATOM   739  C CB    . PRO A 1 94  ? 3.247   6.934   -14.375 1.00 125.54 ? 105 PRO A CB    1 
ATOM   740  C CG    . PRO A 1 94  ? 2.561   7.692   -15.449 1.00 129.98 ? 105 PRO A CG    1 
ATOM   741  C CD    . PRO A 1 94  ? 1.310   8.228   -14.815 1.00 129.52 ? 105 PRO A CD    1 
ATOM   742  N N     . GLY A 1 95  ? 3.107   5.164   -11.673 1.00 116.77 ? 106 GLY A N     1 
ATOM   743  C CA    . GLY A 1 95  ? 3.483   4.972   -10.282 1.00 113.52 ? 106 GLY A CA    1 
ATOM   744  C C     . GLY A 1 95  ? 2.300   4.808   -9.353  1.00 111.26 ? 106 GLY A C     1 
ATOM   745  O O     . GLY A 1 95  ? 2.389   5.196   -8.195  1.00 115.99 ? 106 GLY A O     1 
ATOM   746  N N     . ALA A 1 96  ? 1.192   4.266   -9.863  1.00 102.95 ? 107 ALA A N     1 
ATOM   747  C CA    . ALA A 1 96  ? 0.043   3.917   -9.040  1.00 98.58  ? 107 ALA A CA    1 
ATOM   748  C C     . ALA A 1 96  ? 0.240   2.484   -8.569  1.00 105.23 ? 107 ALA A C     1 
ATOM   749  O O     . ALA A 1 96  ? 0.352   2.237   -7.363  1.00 101.88 ? 107 ALA A O     1 
ATOM   750  C CB    . ALA A 1 96  ? -1.258  4.057   -9.812  1.00 97.73  ? 107 ALA A CB    1 
ATOM   751  N N     . HIS A 1 97  ? 0.304   1.547   -9.521  1.00 105.57 ? 108 HIS A N     1 
ATOM   752  C CA    . HIS A 1 97  ? 0.538   0.124   -9.205  1.00 108.12 ? 108 HIS A CA    1 
ATOM   753  C C     . HIS A 1 97  ? 1.999   -0.303  -9.428  1.00 105.29 ? 108 HIS A C     1 
ATOM   754  O O     . HIS A 1 97  ? 2.297   -1.501  -9.382  1.00 112.72 ? 108 HIS A O     1 
ATOM   755  C CB    . HIS A 1 97  ? -0.442  -0.798  -9.964  1.00 109.39 ? 108 HIS A CB    1 
ATOM   756  C CG    . HIS A 1 97  ? -1.872  -0.346  -9.890  1.00 107.62 ? 108 HIS A CG    1 
ATOM   757  N ND1   . HIS A 1 97  ? -2.686  -0.268  -11.000 1.00 113.61 ? 108 HIS A ND1   1 
ATOM   758  C CD2   . HIS A 1 97  ? -2.616  0.097   -8.849  1.00 101.11 ? 108 HIS A CD2   1 
ATOM   759  C CE1   . HIS A 1 97  ? -3.874  0.184   -10.640 1.00 108.64 ? 108 HIS A CE1   1 
ATOM   760  N NE2   . HIS A 1 97  ? -3.859  0.413   -9.341  1.00 99.74  ? 108 HIS A NE2   1 
ATOM   761  N N     . VAL A 1 98  ? 2.903   0.659   -9.664  1.00 100.49 ? 109 VAL A N     1 
ATOM   762  C CA    . VAL A 1 98  ? 4.343   0.407   -9.520  1.00 92.88  ? 109 VAL A CA    1 
ATOM   763  C C     . VAL A 1 98  ? 4.557   -0.038  -8.094  1.00 91.28  ? 109 VAL A C     1 
ATOM   764  O O     . VAL A 1 98  ? 4.239   0.697   -7.157  1.00 88.10  ? 109 VAL A O     1 
ATOM   765  C CB    . VAL A 1 98  ? 5.200   1.648   -9.829  1.00 30.00  ? 109 VAL A CB    1 
ATOM   766  C CG1   . VAL A 1 98  ? 6.661   1.385   -9.496  1.00 30.00  ? 109 VAL A CG1   1 
ATOM   767  C CG2   . VAL A 1 98  ? 5.044   2.054   -11.287 1.00 30.00  ? 109 VAL A CG2   1 
ATOM   768  N N     . THR A 1 99  ? 5.054   -1.255  -7.938  1.00 84.24  ? 110 THR A N     1 
ATOM   769  C CA    . THR A 1 99  ? 5.267   -1.820  -6.642  1.00 77.24  ? 110 THR A CA    1 
ATOM   770  C C     . THR A 1 99  ? 6.736   -1.555  -6.381  1.00 77.43  ? 110 THR A C     1 
ATOM   771  O O     . THR A 1 99  ? 7.585   -2.312  -6.802  1.00 74.58  ? 110 THR A O     1 
ATOM   772  C CB    . THR A 1 99  ? 4.866   -3.297  -6.653  1.00 80.12  ? 110 THR A CB    1 
ATOM   773  O OG1   . THR A 1 99  ? 3.441   -3.399  -6.775  1.00 83.87  ? 110 THR A OG1   1 
ATOM   774  C CG2   . THR A 1 99  ? 5.250   -3.980  -5.400  1.00 81.20  ? 110 THR A CG2   1 
ATOM   775  N N     . VAL A 1 100 ? 7.019   -0.434  -5.717  1.00 78.06  ? 111 VAL A N     1 
ATOM   776  C CA    . VAL A 1 100 ? 8.380   0.059   -5.538  1.00 69.88  ? 111 VAL A CA    1 
ATOM   777  C C     . VAL A 1 100 ? 8.697   0.161   -4.054  1.00 77.83  ? 111 VAL A C     1 
ATOM   778  O O     . VAL A 1 100 ? 7.776   0.244   -3.228  1.00 75.35  ? 111 VAL A O     1 
ATOM   779  C CB    . VAL A 1 100 ? 8.594   1.428   -6.235  1.00 70.95  ? 111 VAL A CB    1 
ATOM   780  C CG1   . VAL A 1 100 ? 7.906   1.448   -7.596  1.00 69.32  ? 111 VAL A CG1   1 
ATOM   781  C CG2   . VAL A 1 100 ? 8.128   2.607   -5.380  1.00 64.34  ? 111 VAL A CG2   1 
ATOM   782  N N     . LYS A 1 101 ? 9.999   0.182   -3.746  1.00 77.10  ? 112 LYS A N     1 
ATOM   783  C CA    . LYS A 1 101 ? 10.525  0.185   -2.370  1.00 76.27  ? 112 LYS A CA    1 
ATOM   784  C C     . LYS A 1 101 ? 11.116  1.526   -1.889  1.00 78.73  ? 112 LYS A C     1 
ATOM   785  O O     . LYS A 1 101 ? 11.474  1.643   -0.716  1.00 80.70  ? 112 LYS A O     1 
ATOM   786  C CB    . LYS A 1 101 ? 11.604  -0.899  -2.227  1.00 82.82  ? 112 LYS A CB    1 
ATOM   787  C CG    . LYS A 1 101 ? 11.077  -2.331  -2.247  1.00 82.55  ? 112 LYS A CG    1 
ATOM   788  C CD    . LYS A 1 101 ? 12.138  -3.356  -1.837  1.00 77.93  ? 112 LYS A CD    1 
ATOM   789  C CE    . LYS A 1 101 ? 13.040  -3.760  -3.001  1.00 79.49  ? 112 LYS A CE    1 
ATOM   790  N NZ    . LYS A 1 101 ? 12.363  -4.634  -4.005  1.00 73.04  ? 112 LYS A NZ    1 
ATOM   791  N N     . LYS A 1 102 ? 11.237  2.516   -2.783  1.00 75.51  ? 113 LYS A N     1 
ATOM   792  C CA    . LYS A 1 102 ? 11.706  3.862   -2.431  1.00 71.32  ? 113 LYS A CA    1 
ATOM   793  C C     . LYS A 1 102 ? 10.555  4.875   -2.385  1.00 64.03  ? 113 LYS A C     1 
ATOM   794  O O     . LYS A 1 102 ? 9.567   4.719   -3.061  1.00 58.14  ? 113 LYS A O     1 
ATOM   795  C CB    . LYS A 1 102 ? 12.724  4.343   -3.451  1.00 77.18  ? 113 LYS A CB    1 
ATOM   796  C CG    . LYS A 1 102 ? 13.336  5.690   -3.103  1.00 78.64  ? 113 LYS A CG    1 
ATOM   797  C CD    . LYS A 1 102 ? 14.424  6.102   -4.071  1.00 78.90  ? 113 LYS A CD    1 
ATOM   798  C CE    . LYS A 1 102 ? 15.635  6.589   -3.306  1.00 76.44  ? 113 LYS A CE    1 
ATOM   799  N NZ    . LYS A 1 102 ? 16.509  7.317   -4.225  1.00 77.80  ? 113 LYS A NZ    1 
ATOM   800  N N     . LEU A 1 103 ? 10.712  5.923   -1.589  1.00 66.19  ? 114 LEU A N     1 
ATOM   801  C CA    . LEU A 1 103 ? 9.628   6.855   -1.293  1.00 66.52  ? 114 LEU A CA    1 
ATOM   802  C C     . LEU A 1 103 ? 10.189  8.254   -1.275  1.00 64.83  ? 114 LEU A C     1 
ATOM   803  O O     . LEU A 1 103 ? 11.205  8.485   -0.615  1.00 62.69  ? 114 LEU A O     1 
ATOM   804  C CB    . LEU A 1 103 ? 9.052   6.529   0.080   1.00 64.44  ? 114 LEU A CB    1 
ATOM   805  C CG    . LEU A 1 103 ? 7.908   7.399   0.557   1.00 64.20  ? 114 LEU A CG    1 
ATOM   806  C CD1   . LEU A 1 103 ? 6.587   6.870   0.026   1.00 64.99  ? 114 LEU A CD1   1 
ATOM   807  C CD2   . LEU A 1 103 ? 7.918   7.452   2.068   1.00 64.62  ? 114 LEU A CD2   1 
ATOM   808  N N     . PHE A 1 104 ? 9.509   9.164   -1.986  1.00 62.62  ? 115 PHE A N     1 
ATOM   809  C CA    . PHE A 1 104 ? 9.854   10.602  -2.041  1.00 59.03  ? 115 PHE A CA    1 
ATOM   810  C C     . PHE A 1 104 ? 9.059   11.357  -0.993  1.00 50.91  ? 115 PHE A C     1 
ATOM   811  O O     . PHE A 1 104 ? 7.869   11.160  -0.895  1.00 56.34  ? 115 PHE A O     1 
ATOM   812  C CB    . PHE A 1 104 ? 9.568   11.158  -3.451  1.00 55.51  ? 115 PHE A CB    1 
ATOM   813  C CG    . PHE A 1 104 ? 9.609   12.658  -3.553  1.00 58.23  ? 115 PHE A CG    1 
ATOM   814  C CD1   . PHE A 1 104 ? 8.489   13.418  -3.236  1.00 59.10  ? 115 PHE A CD1   1 
ATOM   815  C CD2   . PHE A 1 104 ? 10.744  13.313  -4.007  1.00 61.05  ? 115 PHE A CD2   1 
ATOM   816  C CE1   . PHE A 1 104 ? 8.502   14.799  -3.344  1.00 59.95  ? 115 PHE A CE1   1 
ATOM   817  C CE2   . PHE A 1 104 ? 10.766  14.700  -4.108  1.00 60.72  ? 115 PHE A CE2   1 
ATOM   818  C CZ    . PHE A 1 104 ? 9.644   15.444  -3.782  1.00 60.63  ? 115 PHE A CZ    1 
ATOM   819  N N     . VAL A 1 105 ? 9.708   12.288  -0.303  1.00 50.70  ? 116 VAL A N     1 
ATOM   820  C CA    . VAL A 1 105 ? 9.131   13.043  0.795   1.00 54.63  ? 116 VAL A CA    1 
ATOM   821  C C     . VAL A 1 105 ? 9.350   14.556  0.666   1.00 57.60  ? 116 VAL A C     1 
ATOM   822  O O     . VAL A 1 105 ? 10.483  15.012  0.818   1.00 52.99  ? 116 VAL A O     1 
ATOM   823  C CB    . VAL A 1 105 ? 9.792   12.579  2.121   1.00 55.15  ? 116 VAL A CB    1 
ATOM   824  C CG1   . VAL A 1 105 ? 9.326   13.425  3.286   1.00 54.10  ? 116 VAL A CG1   1 
ATOM   825  C CG2   . VAL A 1 105 ? 9.504   11.097  2.353   1.00 58.82  ? 116 VAL A CG2   1 
ATOM   826  N N     . GLY A 1 106 ? 8.263   15.325  0.486   1.00 55.93  ? 117 GLY A N     1 
ATOM   827  C CA    . GLY A 1 106 ? 8.337   16.778  0.213   1.00 50.32  ? 117 GLY A CA    1 
ATOM   828  C C     . GLY A 1 106 ? 7.572   17.671  1.174   1.00 53.46  ? 117 GLY A C     1 
ATOM   829  O O     . GLY A 1 106 ? 6.852   17.189  2.038   1.00 63.05  ? 117 GLY A O     1 
ATOM   830  N N     . GLY A 1 107 ? 7.738   18.982  1.036   1.00 50.15  ? 118 GLY A N     1 
ATOM   831  C CA    . GLY A 1 107 ? 7.088   19.946  1.926   1.00 50.68  ? 118 GLY A CA    1 
ATOM   832  C C     . GLY A 1 107 ? 7.684   19.997  3.346   1.00 57.38  ? 118 GLY A C     1 
ATOM   833  O O     . GLY A 1 107 ? 7.043   20.524  4.269   1.00 52.23  ? 118 GLY A O     1 
ATOM   834  N N     . ILE A 1 108 ? 8.910   19.486  3.507   1.00 59.57  ? 119 ILE A N     1 
ATOM   835  C CA    . ILE A 1 108 ? 9.589   19.432  4.817   1.00 68.50  ? 119 ILE A CA    1 
ATOM   836  C C     . ILE A 1 108 ? 10.404  20.695  5.236   1.00 76.58  ? 119 ILE A C     1 
ATOM   837  O O     . ILE A 1 108 ? 10.790  20.812  6.402   1.00 80.12  ? 119 ILE A O     1 
ATOM   838  C CB    . ILE A 1 108 ? 10.456  18.144  4.973   1.00 62.16  ? 119 ILE A CB    1 
ATOM   839  C CG1   . ILE A 1 108 ? 11.501  17.981  3.865   1.00 62.71  ? 119 ILE A CG1   1 
ATOM   840  C CG2   . ILE A 1 108 ? 9.561   16.923  4.992   1.00 66.66  ? 119 ILE A CG2   1 
ATOM   841  C CD1   . ILE A 1 108 ? 12.623  17.004  4.179   1.00 61.29  ? 119 ILE A CD1   1 
ATOM   842  N N     . LYS A 1 109 ? 10.649  21.630  4.309   1.00 85.29  ? 120 LYS A N     1 
ATOM   843  C CA    . LYS A 1 109 ? 11.330  22.916  4.609   1.00 76.48  ? 120 LYS A CA    1 
ATOM   844  C C     . LYS A 1 109 ? 12.742  22.718  5.162   1.00 71.23  ? 120 LYS A C     1 
ATOM   845  O O     . LYS A 1 109 ? 13.236  21.589  5.163   1.00 66.75  ? 120 LYS A O     1 
ATOM   846  C CB    . LYS A 1 109 ? 10.451  23.790  5.510   1.00 79.18  ? 120 LYS A CB    1 
ATOM   847  C CG    . LYS A 1 109 ? 9.105   24.068  4.877   1.00 85.24  ? 120 LYS A CG    1 
ATOM   848  C CD    . LYS A 1 109 ? 8.365   25.205  5.567   1.00 93.38  ? 120 LYS A CD    1 
ATOM   849  C CE    . LYS A 1 109 ? 7.047   25.474  4.855   1.00 95.20  ? 120 LYS A CE    1 
ATOM   850  N NZ    . LYS A 1 109 ? 6.398   26.730  5.310   1.00 100.57 ? 120 LYS A NZ    1 
ATOM   851  N N     . GLU A 1 110 ? 13.403  23.804  5.580   1.00 83.98  ? 121 GLU A N     1 
ATOM   852  C CA    . GLU A 1 110 ? 14.818  23.761  6.032   1.00 92.14  ? 121 GLU A CA    1 
ATOM   853  C C     . GLU A 1 110 ? 15.036  23.254  7.466   1.00 95.24  ? 121 GLU A C     1 
ATOM   854  O O     . GLU A 1 110 ? 16.128  22.785  7.779   1.00 107.06 ? 121 GLU A O     1 
ATOM   855  C CB    . GLU A 1 110 ? 15.524  25.125  5.823   1.00 97.87  ? 121 GLU A CB    1 
ATOM   856  C CG    . GLU A 1 110 ? 15.062  26.287  6.705   1.00 103.17 ? 121 GLU A CG    1 
ATOM   857  C CD    . GLU A 1 110 ? 15.595  27.648  6.238   1.00 107.29 ? 121 GLU A CD    1 
ATOM   858  O OE1   . GLU A 1 110 ? 16.833  27.822  6.113   1.00 94.76  ? 121 GLU A OE1   1 
ATOM   859  O OE2   . GLU A 1 110 ? 14.765  28.557  6.010   1.00 102.83 ? 121 GLU A OE2   1 
ATOM   860  N N     . ASP A 1 111 ? 14.004  23.305  8.314   1.00 90.03  ? 122 ASP A N     1 
ATOM   861  C CA    . ASP A 1 111 ? 14.122  22.894  9.727   1.00 85.28  ? 122 ASP A CA    1 
ATOM   862  C C     . ASP A 1 111 ? 13.790  21.418  10.015  1.00 83.76  ? 122 ASP A C     1 
ATOM   863  O O     . ASP A 1 111 ? 13.295  21.114  11.106  1.00 86.94  ? 122 ASP A O     1 
ATOM   864  C CB    . ASP A 1 111 ? 13.252  23.809  10.604  1.00 87.04  ? 122 ASP A CB    1 
ATOM   865  C CG    . ASP A 1 111 ? 11.767  23.679  10.303  1.00 87.32  ? 122 ASP A CG    1 
ATOM   866  O OD1   . ASP A 1 111 ? 11.383  22.692  9.654   1.00 81.95  ? 122 ASP A OD1   1 
ATOM   867  O OD2   . ASP A 1 111 ? 10.990  24.575  10.699  1.00 91.11  ? 122 ASP A OD2   1 
ATOM   868  N N     . THR A 1 112 ? 14.078  20.520  9.064   1.00 78.94  ? 123 THR A N     1 
ATOM   869  C CA    . THR A 1 112 ? 13.739  19.088  9.162   1.00 71.16  ? 123 THR A CA    1 
ATOM   870  C C     . THR A 1 112 ? 14.942  18.229  8.739   1.00 73.75  ? 123 THR A C     1 
ATOM   871  O O     . THR A 1 112 ? 15.467  18.402  7.639   1.00 67.12  ? 123 THR A O     1 
ATOM   872  C CB    . THR A 1 112 ? 12.505  18.727  8.267   1.00 70.15  ? 123 THR A CB    1 
ATOM   873  O OG1   . THR A 1 112 ? 11.281  19.224  8.850   1.00 60.69  ? 123 THR A OG1   1 
ATOM   874  C CG2   . THR A 1 112 ? 12.365  17.218  8.072   1.00 68.05  ? 123 THR A CG2   1 
ATOM   875  N N     . GLU A 1 113 ? 15.293  17.246  9.575   1.00 79.44  ? 124 GLU A N     1 
ATOM   876  C CA    . GLU A 1 113 ? 16.583  16.514  9.512   1.00 85.73  ? 124 GLU A CA    1 
ATOM   877  C C     . GLU A 1 113 ? 16.450  15.004  9.258   1.00 81.50  ? 124 GLU A C     1 
ATOM   878  O O     . GLU A 1 113 ? 15.451  14.404  9.604   1.00 99.52  ? 124 GLU A O     1 
ATOM   879  C CB    . GLU A 1 113 ? 17.367  16.705  10.827  1.00 93.88  ? 124 GLU A CB    1 
ATOM   880  C CG    . GLU A 1 113 ? 17.704  18.150  11.202  1.00 100.98 ? 124 GLU A CG    1 
ATOM   881  C CD    . GLU A 1 113 ? 18.967  18.660  10.526  1.00 110.45 ? 124 GLU A CD    1 
ATOM   882  O OE1   . GLU A 1 113 ? 20.043  18.052  10.739  1.00 112.93 ? 124 GLU A OE1   1 
ATOM   883  O OE2   . GLU A 1 113 ? 18.885  19.670  9.790   1.00 114.01 ? 124 GLU A OE2   1 
ATOM   884  N N     . GLU A 1 114 ? 17.498  14.394  8.708   1.00 81.50  ? 125 GLU A N     1 
ATOM   885  C CA    . GLU A 1 114 ? 17.576  12.945  8.419   1.00 82.74  ? 125 GLU A CA    1 
ATOM   886  C C     . GLU A 1 114 ? 17.045  12.032  9.537   1.00 88.39  ? 125 GLU A C     1 
ATOM   887  O O     . GLU A 1 114 ? 16.480  10.974  9.254   1.00 88.76  ? 125 GLU A O     1 
ATOM   888  C CB    . GLU A 1 114 ? 19.030  12.550  8.103   1.00 83.12  ? 125 GLU A CB    1 
ATOM   889  C CG    . GLU A 1 114 ? 19.171  11.242  7.345   1.00 85.94  ? 125 GLU A CG    1 
ATOM   890  C CD    . GLU A 1 114 ? 20.570  10.671  7.383   1.00 85.67  ? 125 GLU A CD    1 
ATOM   891  O OE1   . GLU A 1 114 ? 21.216  10.573  6.317   1.00 86.78  ? 125 GLU A OE1   1 
ATOM   892  O OE2   . GLU A 1 114 ? 21.012  10.308  8.487   1.00 88.23  ? 125 GLU A OE2   1 
ATOM   893  N N     . HIS A 1 115 ? 17.254  12.439  10.793  1.00 89.20  ? 126 HIS A N     1 
ATOM   894  C CA    . HIS A 1 115 ? 16.741  11.708  11.959  1.00 84.95  ? 126 HIS A CA    1 
ATOM   895  C C     . HIS A 1 115 ? 15.234  11.861  12.064  1.00 81.91  ? 126 HIS A C     1 
ATOM   896  O O     . HIS A 1 115 ? 14.554  10.897  12.443  1.00 81.99  ? 126 HIS A O     1 
ATOM   897  C CB    . HIS A 1 115 ? 17.435  12.134  13.286  1.00 80.31  ? 126 HIS A CB    1 
ATOM   898  C CG    . HIS A 1 115 ? 16.805  13.315  13.972  1.00 76.51  ? 126 HIS A CG    1 
ATOM   899  N ND1   . HIS A 1 115 ? 17.310  14.595  13.871  1.00 77.86  ? 126 HIS A ND1   1 
ATOM   900  C CD2   . HIS A 1 115 ? 15.720  13.406  14.781  1.00 75.25  ? 126 HIS A CD2   1 
ATOM   901  C CE1   . HIS A 1 115 ? 16.555  15.424  14.572  1.00 74.44  ? 126 HIS A CE1   1 
ATOM   902  N NE2   . HIS A 1 115 ? 15.579  14.728  15.129  1.00 72.93  ? 126 HIS A NE2   1 
ATOM   903  N N     . HIS A 1 116 ? 14.722  13.069  11.774  1.00 75.38  ? 127 HIS A N     1 
ATOM   904  C CA    . HIS A 1 116 ? 13.267  13.323  11.805  1.00 74.50  ? 127 HIS A CA    1 
ATOM   905  C C     . HIS A 1 116 ? 12.517  12.290  10.942  1.00 72.91  ? 127 HIS A C     1 
ATOM   906  O O     . HIS A 1 116 ? 11.468  11.765  11.341  1.00 67.09  ? 127 HIS A O     1 
ATOM   907  C CB    . HIS A 1 116 ? 12.903  14.738  11.315  1.00 80.19  ? 127 HIS A CB    1 
ATOM   908  C CG    . HIS A 1 116 ? 12.966  15.811  12.364  1.00 85.21  ? 127 HIS A CG    1 
ATOM   909  N ND1   . HIS A 1 116 ? 14.123  16.491  12.677  1.00 81.82  ? 127 HIS A ND1   1 
ATOM   910  C CD2   . HIS A 1 116 ? 11.994  16.362  13.128  1.00 86.15  ? 127 HIS A CD2   1 
ATOM   911  C CE1   . HIS A 1 116 ? 13.867  17.391  13.611  1.00 86.17  ? 127 HIS A CE1   1 
ATOM   912  N NE2   . HIS A 1 116 ? 12.579  17.345  13.892  1.00 83.27  ? 127 HIS A NE2   1 
ATOM   913  N N     . LEU A 1 117 ? 13.082  11.991  9.774   1.00 68.38  ? 128 LEU A N     1 
ATOM   914  C CA    . LEU A 1 117 ? 12.474  11.062  8.850   1.00 67.88  ? 128 LEU A CA    1 
ATOM   915  C C     . LEU A 1 117 ? 12.514  9.624   9.363   1.00 75.68  ? 128 LEU A C     1 
ATOM   916  O O     . LEU A 1 117 ? 11.501  8.931   9.260   1.00 72.34  ? 128 LEU A O     1 
ATOM   917  C CB    . LEU A 1 117 ? 13.099  11.204  7.465   1.00 64.25  ? 128 LEU A CB    1 
ATOM   918  C CG    . LEU A 1 117 ? 12.917  12.609  6.862   1.00 62.85  ? 128 LEU A CG    1 
ATOM   919  C CD1   . LEU A 1 117 ? 13.306  12.607  5.391   1.00 66.75  ? 128 LEU A CD1   1 
ATOM   920  C CD2   . LEU A 1 117 ? 11.498  13.145  6.994   1.00 58.00  ? 128 LEU A CD2   1 
ATOM   921  N N     . ARG A 1 118 ? 13.635  9.188   9.950   1.00 80.67  ? 129 ARG A N     1 
ATOM   922  C CA    . ARG A 1 118 ? 13.685  7.857   10.603  1.00 86.91  ? 129 ARG A CA    1 
ATOM   923  C C     . ARG A 1 118 ? 12.599  7.720   11.677  1.00 84.03  ? 129 ARG A C     1 
ATOM   924  O O     . ARG A 1 118 ? 11.803  6.780   11.651  1.00 80.09  ? 129 ARG A O     1 
ATOM   925  C CB    . ARG A 1 118 ? 15.063  7.561   11.229  1.00 90.25  ? 129 ARG A CB    1 
ATOM   926  C CG    . ARG A 1 118 ? 15.222  6.099   11.683  1.00 86.60  ? 129 ARG A CG    1 
ATOM   927  C CD    . ARG A 1 118 ? 16.638  5.769   12.123  1.00 83.11  ? 129 ARG A CD    1 
ATOM   928  N NE    . ARG A 1 118 ? 17.630  6.042   11.079  1.00 77.27  ? 129 ARG A NE    1 
ATOM   929  C CZ    . ARG A 1 118 ? 18.034  5.182   10.141  1.00 81.02  ? 129 ARG A CZ    1 
ATOM   930  N NH1   . ARG A 1 118 ? 17.548  3.936   10.054  1.00 85.41  ? 129 ARG A NH1   1 
ATOM   931  N NH2   . ARG A 1 118 ? 18.944  5.581   9.260   1.00 83.58  ? 129 ARG A NH2   1 
ATOM   932  N N     . ASP A 1 119 ? 12.578  8.675   12.601  1.00 79.18  ? 130 ASP A N     1 
ATOM   933  C CA    . ASP A 1 119 ? 11.606  8.698   13.688  1.00 79.82  ? 130 ASP A CA    1 
ATOM   934  C C     . ASP A 1 119 ? 10.215  8.330   13.164  1.00 73.01  ? 130 ASP A C     1 
ATOM   935  O O     . ASP A 1 119 ? 9.532   7.473   13.717  1.00 72.60  ? 130 ASP A O     1 
ATOM   936  C CB    . ASP A 1 119 ? 11.563  10.103  14.359  1.00 85.29  ? 130 ASP A CB    1 
ATOM   937  C CG    . ASP A 1 119 ? 12.437  10.222  15.636  1.00 93.53  ? 130 ASP A CG    1 
ATOM   938  O OD1   . ASP A 1 119 ? 12.500  9.270   16.461  1.00 96.77  ? 130 ASP A OD1   1 
ATOM   939  O OD2   . ASP A 1 119 ? 13.006  11.324  15.845  1.00 91.50  ? 130 ASP A OD2   1 
ATOM   940  N N     . TYR A 1 120 ? 9.815   9.000   12.090  1.00 66.53  ? 131 TYR A N     1 
ATOM   941  C CA    . TYR A 1 120 ? 8.475   8.898   11.575  1.00 60.82  ? 131 TYR A CA    1 
ATOM   942  C C     . TYR A 1 120 ? 8.269   7.585   10.796  1.00 60.58  ? 131 TYR A C     1 
ATOM   943  O O     . TYR A 1 120 ? 7.244   6.929   10.985  1.00 60.41  ? 131 TYR A O     1 
ATOM   944  C CB    . TYR A 1 120 ? 8.081   10.170  10.748  1.00 58.68  ? 131 TYR A CB    1 
ATOM   945  C CG    . TYR A 1 120 ? 6.626   10.141  10.319  1.00 50.11  ? 131 TYR A CG    1 
ATOM   946  C CD1   . TYR A 1 120 ? 6.236   9.503   9.147   1.00 47.95  ? 131 TYR A CD1   1 
ATOM   947  C CD2   . TYR A 1 120 ? 5.641   10.670  11.117  1.00 50.26  ? 131 TYR A CD2   1 
ATOM   948  C CE1   . TYR A 1 120 ? 4.903   9.419   8.781   1.00 47.41  ? 131 TYR A CE1   1 
ATOM   949  C CE2   . TYR A 1 120 ? 4.298   10.589  10.752  1.00 55.46  ? 131 TYR A CE2   1 
ATOM   950  C CZ    . TYR A 1 120 ? 3.945   9.954   9.573   1.00 52.70  ? 131 TYR A CZ    1 
ATOM   951  O OH    . TYR A 1 120 ? 2.620   9.867   9.180   1.00 60.77  ? 131 TYR A OH    1 
ATOM   952  N N     . PHE A 1 121 ? 9.246   7.196   9.973   1.00 63.84  ? 132 PHE A N     1 
ATOM   953  C CA    . PHE A 1 121 ? 9.054   6.135   8.975   1.00 71.65  ? 132 PHE A CA    1 
ATOM   954  C C     . PHE A 1 121 ? 9.486   4.739   9.408   1.00 75.53  ? 132 PHE A C     1 
ATOM   955  O O     . PHE A 1 121 ? 8.997   3.743   8.865   1.00 73.37  ? 132 PHE A O     1 
ATOM   956  C CB    . PHE A 1 121 ? 9.709   6.516   7.628   1.00 64.64  ? 132 PHE A CB    1 
ATOM   957  C CG    . PHE A 1 121 ? 8.917   7.527   6.855   1.00 58.18  ? 132 PHE A CG    1 
ATOM   958  C CD1   . PHE A 1 121 ? 7.637   7.228   6.420   1.00 61.65  ? 132 PHE A CD1   1 
ATOM   959  C CD2   . PHE A 1 121 ? 9.424   8.784   6.591   1.00 65.83  ? 132 PHE A CD2   1 
ATOM   960  C CE1   . PHE A 1 121 ? 6.876   8.158   5.747   1.00 64.30  ? 132 PHE A CE1   1 
ATOM   961  C CE2   . PHE A 1 121 ? 8.671   9.732   5.906   1.00 68.34  ? 132 PHE A CE2   1 
ATOM   962  C CZ    . PHE A 1 121 ? 7.396   9.420   5.478   1.00 65.41  ? 132 PHE A CZ    1 
ATOM   963  N N     . GLU A 1 122 ? 10.377  4.669   10.386  1.00 79.39  ? 133 GLU A N     1 
ATOM   964  C CA    . GLU A 1 122 ? 10.792  3.393   10.987  1.00 72.65  ? 133 GLU A CA    1 
ATOM   965  C C     . GLU A 1 122 ? 9.588   2.561   11.390  1.00 62.41  ? 133 GLU A C     1 
ATOM   966  O O     . GLU A 1 122 ? 9.624   1.347   11.284  1.00 68.87  ? 133 GLU A O     1 
ATOM   967  C CB    . GLU A 1 122 ? 11.661  3.654   12.223  1.00 76.92  ? 133 GLU A CB    1 
ATOM   968  C CG    . GLU A 1 122 ? 10.874  4.297   13.374  1.00 77.99  ? 133 GLU A CG    1 
ATOM   969  C CD    . GLU A 1 122 ? 11.727  4.903   14.472  1.00 80.58  ? 133 GLU A CD    1 
ATOM   970  O OE1   . GLU A 1 122 ? 12.948  4.611   14.545  1.00 74.74  ? 133 GLU A OE1   1 
ATOM   971  O OE2   . GLU A 1 122 ? 11.141  5.671   15.267  1.00 75.29  ? 133 GLU A OE2   1 
ATOM   972  N N     . GLU A 1 123 ? 8.523   3.237   11.820  1.00 58.89  ? 134 GLU A N     1 
ATOM   973  C CA    . GLU A 1 123 ? 7.253   2.624   12.203  1.00 62.51  ? 134 GLU A CA    1 
ATOM   974  C C     . GLU A 1 123 ? 6.572   1.800   11.101  1.00 65.79  ? 134 GLU A C     1 
ATOM   975  O O     . GLU A 1 123 ? 5.738   0.959   11.404  1.00 73.43  ? 134 GLU A O     1 
ATOM   976  C CB    . GLU A 1 123 ? 6.247   3.709   12.625  1.00 64.66  ? 134 GLU A CB    1 
ATOM   977  C CG    . GLU A 1 123 ? 6.608   4.530   13.865  1.00 77.11  ? 134 GLU A CG    1 
ATOM   978  C CD    . GLU A 1 123 ? 6.087   3.924   15.163  1.00 84.78  ? 134 GLU A CD    1 
ATOM   979  O OE1   . GLU A 1 123 ? 6.606   2.853   15.561  1.00 75.82  ? 134 GLU A OE1   1 
ATOM   980  O OE2   . GLU A 1 123 ? 5.164   4.532   15.778  1.00 87.06  ? 134 GLU A OE2   1 
ATOM   981  N N     . TYR A 1 124 ? 6.876   2.088   9.839   1.00 62.61  ? 135 TYR A N     1 
ATOM   982  C CA    . TYR A 1 124 ? 6.142   1.537   8.701   1.00 59.16  ? 135 TYR A CA    1 
ATOM   983  C C     . TYR A 1 124 ? 6.853   0.279   8.249   1.00 56.34  ? 135 TYR A C     1 
ATOM   984  O O     . TYR A 1 124 ? 6.214   -0.676  7.835   1.00 60.13  ? 135 TYR A O     1 
ATOM   985  C CB    . TYR A 1 124 ? 6.012   2.593   7.561   1.00 53.41  ? 135 TYR A CB    1 
ATOM   986  C CG    . TYR A 1 124 ? 4.975   3.630   7.883   1.00 50.21  ? 135 TYR A CG    1 
ATOM   987  C CD1   . TYR A 1 124 ? 5.275   4.766   8.651   1.00 53.73  ? 135 TYR A CD1   1 
ATOM   988  C CD2   . TYR A 1 124 ? 3.693   3.470   7.462   1.00 46.28  ? 135 TYR A CD2   1 
ATOM   989  C CE1   . TYR A 1 124 ? 4.283   5.691   8.974   1.00 54.09  ? 135 TYR A CE1   1 
ATOM   990  C CE2   . TYR A 1 124 ? 2.706   4.372   7.793   1.00 47.18  ? 135 TYR A CE2   1 
ATOM   991  C CZ    . TYR A 1 124 ? 2.983   5.470   8.547   1.00 50.79  ? 135 TYR A CZ    1 
ATOM   992  O OH    . TYR A 1 124 ? 1.934   6.336   8.819   1.00 57.77  ? 135 TYR A OH    1 
ATOM   993  N N     . GLY A 1 125 ? 8.178   0.287   8.315   1.00 50.90  ? 136 GLY A N     1 
ATOM   994  C CA    . GLY A 1 125 ? 8.951   -0.932  8.135   1.00 51.63  ? 136 GLY A CA    1 
ATOM   995  C C     . GLY A 1 125 ? 10.399  -0.609  8.340   1.00 57.00  ? 136 GLY A C     1 
ATOM   996  O O     . GLY A 1 125 ? 10.737  0.531   8.632   1.00 65.31  ? 136 GLY A O     1 
ATOM   997  N N     . LYS A 1 126 ? 11.264  -1.586  8.140   1.00 61.43  ? 137 LYS A N     1 
ATOM   998  C CA    . LYS A 1 126 ? 12.681  -1.340  8.292   1.00 70.01  ? 137 LYS A CA    1 
ATOM   999  C C     . LYS A 1 126 ? 13.246  -0.629  7.060   1.00 71.47  ? 137 LYS A C     1 
ATOM   1000 O O     . LYS A 1 126 ? 12.802  -0.910  5.939   1.00 72.97  ? 137 LYS A O     1 
ATOM   1001 C CB    . LYS A 1 126 ? 13.430  -2.645  8.574   1.00 79.21  ? 137 LYS A CB    1 
ATOM   1002 C CG    . LYS A 1 126 ? 14.811  -2.415  9.186   1.00 90.07  ? 137 LYS A CG    1 
ATOM   1003 C CD    . LYS A 1 126 ? 15.166  -3.402  10.295  1.00 96.06  ? 137 LYS A CD    1 
ATOM   1004 C CE    . LYS A 1 126 ? 16.159  -2.769  11.266  1.00 99.23  ? 137 LYS A CE    1 
ATOM   1005 N NZ    . LYS A 1 126 ? 16.811  -3.761  12.159  1.00 101.59 ? 137 LYS A NZ    1 
ATOM   1006 N N     . ILE A 1 127 ? 14.235  0.252   7.290   1.00 69.38  ? 138 ILE A N     1 
ATOM   1007 C CA    . ILE A 1 127 ? 14.836  1.136   6.274   1.00 77.03  ? 138 ILE A CA    1 
ATOM   1008 C C     . ILE A 1 127 ? 16.264  0.724   5.831   1.00 89.76  ? 138 ILE A C     1 
ATOM   1009 O O     . ILE A 1 127 ? 17.036  0.194   6.630   1.00 104.31 ? 138 ILE A O     1 
ATOM   1010 C CB    . ILE A 1 127 ? 14.916  2.581   6.825   1.00 82.22  ? 138 ILE A CB    1 
ATOM   1011 C CG1   . ILE A 1 127 ? 13.550  3.044   7.391   1.00 82.46  ? 138 ILE A CG1   1 
ATOM   1012 C CG2   . ILE A 1 127 ? 15.435  3.547   5.756   1.00 85.91  ? 138 ILE A CG2   1 
ATOM   1013 C CD1   . ILE A 1 127 ? 13.597  4.352   8.167   1.00 79.65  ? 138 ILE A CD1   1 
ATOM   1014 N N     . ASP A 1 128 ? 16.593  0.960   4.555   1.00 89.79  ? 139 ASP A N     1 
ATOM   1015 C CA    . ASP A 1 128 ? 17.985  0.968   4.062   1.00 86.27  ? 139 ASP A CA    1 
ATOM   1016 C C     . ASP A 1 128 ? 18.616  2.291   4.397   1.00 81.53  ? 139 ASP A C     1 
ATOM   1017 O O     . ASP A 1 128 ? 19.584  2.380   5.142   1.00 85.06  ? 139 ASP A O     1 
ATOM   1018 C CB    . ASP A 1 128 ? 18.054  0.878   2.526   1.00 86.99  ? 139 ASP A CB    1 
ATOM   1019 C CG    . ASP A 1 128 ? 18.012  -0.519  2.012   1.00 86.53  ? 139 ASP A CG    1 
ATOM   1020 O OD1   . ASP A 1 128 ? 19.026  -1.221  2.200   1.00 87.18  ? 139 ASP A OD1   1 
ATOM   1021 O OD2   . ASP A 1 128 ? 16.991  -0.896  1.390   1.00 84.26  ? 139 ASP A OD2   1 
ATOM   1022 N N     . THR A 1 129 ? 18.033  3.325   3.811   1.00 84.53  ? 140 THR A N     1 
ATOM   1023 C CA    . THR A 1 129 ? 18.694  4.595   3.610   1.00 93.19  ? 140 THR A CA    1 
ATOM   1024 C C     . THR A 1 129 ? 17.715  5.760   3.757   1.00 88.40  ? 140 THR A C     1 
ATOM   1025 O O     . THR A 1 129 ? 16.505  5.593   3.601   1.00 85.54  ? 140 THR A O     1 
ATOM   1026 C CB    . THR A 1 129 ? 19.320  4.647   2.193   1.00 99.17  ? 140 THR A CB    1 
ATOM   1027 O OG1   . THR A 1 129 ? 18.469  3.954   1.266   1.00 93.82  ? 140 THR A OG1   1 
ATOM   1028 C CG2   . THR A 1 129 ? 20.715  4.002   2.175   1.00 95.10  ? 140 THR A CG2   1 
ATOM   1029 N N     . ILE A 1 130 ? 18.280  6.923   4.078   1.00 86.38  ? 141 ILE A N     1 
ATOM   1030 C CA    . ILE A 1 130 ? 17.598  8.213   4.097   1.00 84.46  ? 141 ILE A CA    1 
ATOM   1031 C C     . ILE A 1 130 ? 18.485  9.221   3.321   1.00 85.23  ? 141 ILE A C     1 
ATOM   1032 O O     . ILE A 1 130 ? 19.693  9.028   3.206   1.00 84.44  ? 141 ILE A O     1 
ATOM   1033 C CB    . ILE A 1 130 ? 17.330  8.673   5.553   1.00 87.90  ? 141 ILE A CB    1 
ATOM   1034 C CG1   . ILE A 1 130 ? 16.575  7.569   6.313   1.00 85.81  ? 141 ILE A CG1   1 
ATOM   1035 C CG2   . ILE A 1 130 ? 16.559  10.001  5.590   1.00 92.93  ? 141 ILE A CG2   1 
ATOM   1036 C CD1   . ILE A 1 130 ? 16.007  7.966   7.665   1.00 88.22  ? 141 ILE A CD1   1 
ATOM   1037 N N     . GLU A 1 131 ? 17.871  10.261  2.755   1.00 89.00  ? 142 GLU A N     1 
ATOM   1038 C CA    . GLU A 1 131 ? 18.580  11.306  2.001   1.00 92.02  ? 142 GLU A CA    1 
ATOM   1039 C C     . GLU A 1 131 ? 17.869  12.651  2.149   1.00 87.96  ? 142 GLU A C     1 
ATOM   1040 O O     . GLU A 1 131 ? 16.784  12.820  1.603   1.00 88.05  ? 142 GLU A O     1 
ATOM   1041 C CB    . GLU A 1 131 ? 18.604  10.971  0.492   1.00 97.16  ? 142 GLU A CB    1 
ATOM   1042 C CG    . GLU A 1 131 ? 19.556  9.875   0.032   1.00 98.09  ? 142 GLU A CG    1 
ATOM   1043 C CD    . GLU A 1 131 ? 19.616  9.760   -1.486  1.00 103.53 ? 142 GLU A CD    1 
ATOM   1044 O OE1   . GLU A 1 131 ? 19.521  8.617   -2.005  1.00 99.59  ? 142 GLU A OE1   1 
ATOM   1045 O OE2   . GLU A 1 131 ? 19.753  10.817  -2.159  1.00 92.24  ? 142 GLU A OE2   1 
ATOM   1046 N N     . ILE A 1 132 ? 18.460  13.606  2.863   1.00 85.47  ? 143 ILE A N     1 
ATOM   1047 C CA    . ILE A 1 132 ? 17.995  15.003  2.778   1.00 87.80  ? 143 ILE A CA    1 
ATOM   1048 C C     . ILE A 1 132 ? 18.615  15.609  1.511   1.00 90.00  ? 143 ILE A C     1 
ATOM   1049 O O     . ILE A 1 132 ? 19.671  15.151  1.070   1.00 99.25  ? 143 ILE A O     1 
ATOM   1050 C CB    . ILE A 1 132 ? 18.377  15.845  4.019   1.00 86.05  ? 143 ILE A CB    1 
ATOM   1051 C CG1   . ILE A 1 132 ? 17.993  15.119  5.310   1.00 91.82  ? 143 ILE A CG1   1 
ATOM   1052 C CG2   . ILE A 1 132 ? 17.716  17.224  3.970   1.00 88.44  ? 143 ILE A CG2   1 
ATOM   1053 C CD1   . ILE A 1 132 ? 16.573  14.607  5.340   1.00 96.63  ? 143 ILE A CD1   1 
ATOM   1054 N N     . ILE A 1 133 ? 17.967  16.613  0.915   1.00 87.03  ? 144 ILE A N     1 
ATOM   1055 C CA    . ILE A 1 133 ? 18.483  17.222  -0.319  1.00 93.24  ? 144 ILE A CA    1 
ATOM   1056 C C     . ILE A 1 133 ? 18.698  18.737  -0.133  1.00 92.52  ? 144 ILE A C     1 
ATOM   1057 O O     . ILE A 1 133 ? 17.888  19.422  0.497   1.00 89.04  ? 144 ILE A O     1 
ATOM   1058 C CB    . ILE A 1 133 ? 17.577  16.890  -1.535  1.00 96.44  ? 144 ILE A CB    1 
ATOM   1059 C CG1   . ILE A 1 133 ? 17.385  15.366  -1.712  1.00 95.24  ? 144 ILE A CG1   1 
ATOM   1060 C CG2   . ILE A 1 133 ? 18.146  17.473  -2.824  1.00 97.76  ? 144 ILE A CG2   1 
ATOM   1061 C CD1   . ILE A 1 133 ? 18.586  14.601  -2.241  1.00 91.70  ? 144 ILE A CD1   1 
ATOM   1062 N N     . THR A 1 134 ? 19.804  19.232  -0.696  1.00 98.49  ? 145 THR A N     1 
ATOM   1063 C CA    . THR A 1 134 ? 20.354  20.582  -0.452  1.00 103.84 ? 145 THR A CA    1 
ATOM   1064 C C     . THR A 1 134 ? 21.344  20.915  -1.585  1.00 105.48 ? 145 THR A C     1 
ATOM   1065 O O     . THR A 1 134 ? 21.702  20.017  -2.360  1.00 99.40  ? 145 THR A O     1 
ATOM   1066 C CB    . THR A 1 134 ? 21.137  20.593  0.892   1.00 106.82 ? 145 THR A CB    1 
ATOM   1067 O OG1   . THR A 1 134 ? 20.256  20.285  1.986   1.00 101.95 ? 145 THR A OG1   1 
ATOM   1068 C CG2   . THR A 1 134 ? 21.852  21.932  1.160   1.00 102.87 ? 145 THR A CG2   1 
ATOM   1069 N N     . ASP A 1 135 ? 21.776  22.178  -1.706  1.00 108.13 ? 146 ASP A N     1 
ATOM   1070 C CA    . ASP A 1 135 ? 23.067  22.467  -2.371  1.00 109.54 ? 146 ASP A CA    1 
ATOM   1071 C C     . ASP A 1 135 ? 24.006  23.431  -1.597  1.00 109.59 ? 146 ASP A C     1 
ATOM   1072 O O     . ASP A 1 135 ? 24.828  22.952  -0.799  1.00 102.69 ? 146 ASP A O     1 
ATOM   1073 C CB    . ASP A 1 135 ? 22.879  22.849  -3.844  1.00 105.56 ? 146 ASP A CB    1 
ATOM   1074 C CG    . ASP A 1 135 ? 24.098  22.497  -4.686  1.00 104.69 ? 146 ASP A CG    1 
ATOM   1075 O OD1   . ASP A 1 135 ? 25.166  23.128  -4.484  1.00 96.32  ? 146 ASP A OD1   1 
ATOM   1076 O OD2   . ASP A 1 135 ? 23.990  21.560  -5.514  1.00 89.79  ? 146 ASP A OD2   1 
ATOM   1077 N N     . ARG A 1 136 ? 23.889  24.751  -1.825  1.00 100.92 ? 147 ARG A N     1 
ATOM   1078 C CA    . ARG A 1 136 ? 24.753  25.771  -1.191  1.00 103.91 ? 147 ARG A CA    1 
ATOM   1079 C C     . ARG A 1 136 ? 26.217  25.729  -1.694  1.00 102.15 ? 147 ARG A C     1 
ATOM   1080 O O     . ARG A 1 136 ? 26.590  26.390  -2.680  1.00 88.27  ? 147 ARG A O     1 
ATOM   1081 C CB    . ARG A 1 136 ? 24.694  25.631  0.345   1.00 106.52 ? 147 ARG A CB    1 
ATOM   1082 C CG    . ARG A 1 136 ? 24.637  26.936  1.133   1.00 111.40 ? 147 ARG A CG    1 
ATOM   1083 C CD    . ARG A 1 136 ? 25.935  27.243  1.878   1.00 119.65 ? 147 ARG A CD    1 
ATOM   1084 N NE    . ARG A 1 136 ? 25.727  28.143  3.026   1.00 119.53 ? 147 ARG A NE    1 
ATOM   1085 C CZ    . ARG A 1 136 ? 26.637  28.431  3.970   1.00 109.15 ? 147 ARG A CZ    1 
ATOM   1086 N NH1   . ARG A 1 136 ? 26.317  29.261  4.956   1.00 101.50 ? 147 ARG A NH1   1 
ATOM   1087 N NH2   . ARG A 1 136 ? 27.863  27.900  3.948   1.00 112.91 ? 147 ARG A NH2   1 
ATOM   1088 N N     . LYS A 1 140 ? 21.232  25.293  1.432   1.00 86.73  ? 151 LYS A N     1 
ATOM   1089 C CA    . LYS A 1 140 ? 20.914  25.076  2.835   1.00 101.11 ? 151 LYS A CA    1 
ATOM   1090 C C     . LYS A 1 140 ? 20.079  23.817  3.005   1.00 104.36 ? 151 LYS A C     1 
ATOM   1091 O O     . LYS A 1 140 ? 20.467  22.938  3.765   1.00 112.00 ? 151 LYS A O     1 
ATOM   1092 C CB    . LYS A 1 140 ? 20.171  26.278  3.437   1.00 106.08 ? 151 LYS A CB    1 
ATOM   1093 C CG    . LYS A 1 140 ? 19.878  26.165  4.940   1.00 110.30 ? 151 LYS A CG    1 
ATOM   1094 C CD    . LYS A 1 140 ? 20.875  26.902  5.844   1.00 106.81 ? 151 LYS A CD    1 
ATOM   1095 C CE    . LYS A 1 140 ? 22.268  26.292  5.870   1.00 104.59 ? 151 LYS A CE    1 
ATOM   1096 N NZ    . LYS A 1 140 ? 23.221  26.972  4.942   1.00 104.90 ? 151 LYS A NZ    1 
ATOM   1097 N N     . LYS A 1 141 ? 18.947  23.745  2.300   1.00 99.55  ? 152 LYS A N     1 
ATOM   1098 C CA    . LYS A 1 141 ? 18.047  22.569  2.290   1.00 98.82  ? 152 LYS A CA    1 
ATOM   1099 C C     . LYS A 1 141 ? 16.855  22.802  1.339   1.00 94.52  ? 152 LYS A C     1 
ATOM   1100 O O     . LYS A 1 141 ? 16.061  23.696  1.588   1.00 100.16 ? 152 LYS A O     1 
ATOM   1101 C CB    . LYS A 1 141 ? 17.533  22.227  3.712   1.00 99.35  ? 152 LYS A CB    1 
ATOM   1102 C CG    . LYS A 1 141 ? 18.131  20.962  4.332   1.00 101.79 ? 152 LYS A CG    1 
ATOM   1103 C CD    . LYS A 1 141 ? 17.717  20.772  5.792   1.00 105.07 ? 152 LYS A CD    1 
ATOM   1104 C CE    . LYS A 1 141 ? 18.528  21.608  6.777   1.00 104.71 ? 152 LYS A CE    1 
ATOM   1105 N NZ    . LYS A 1 141 ? 19.965  21.232  6.858   1.00 103.35 ? 152 LYS A NZ    1 
ATOM   1106 N N     . ARG A 1 142 ? 16.715  21.994  0.283   1.00 87.43  ? 153 ARG A N     1 
ATOM   1107 C CA    . ARG A 1 142 ? 15.620  22.174  -0.719  1.00 88.94  ? 153 ARG A CA    1 
ATOM   1108 C C     . ARG A 1 142 ? 14.165  21.922  -0.219  1.00 82.61  ? 153 ARG A C     1 
ATOM   1109 O O     . ARG A 1 142 ? 13.203  22.395  -0.839  1.00 81.66  ? 153 ARG A O     1 
ATOM   1110 C CB    . ARG A 1 142 ? 15.901  21.360  -2.016  1.00 93.24  ? 153 ARG A CB    1 
ATOM   1111 C CG    . ARG A 1 142 ? 16.373  22.204  -3.217  1.00 92.35  ? 153 ARG A CG    1 
ATOM   1112 C CD    . ARG A 1 142 ? 16.520  21.415  -4.533  1.00 86.53  ? 153 ARG A CD    1 
ATOM   1113 N NE    . ARG A 1 142 ? 17.899  20.974  -4.784  1.00 88.60  ? 153 ARG A NE    1 
ATOM   1114 C CZ    . ARG A 1 142 ? 18.286  20.041  -5.670  1.00 89.77  ? 153 ARG A CZ    1 
ATOM   1115 N NH1   . ARG A 1 142 ? 19.582  19.747  -5.776  1.00 84.48  ? 153 ARG A NH1   1 
ATOM   1116 N NH2   . ARG A 1 142 ? 17.412  19.384  -6.446  1.00 87.33  ? 153 ARG A NH2   1 
ATOM   1117 N N     . GLY A 1 143 ? 14.009  21.210  0.901   1.00 84.57  ? 154 GLY A N     1 
ATOM   1118 C CA    . GLY A 1 143 ? 12.688  20.921  1.501   1.00 79.20  ? 154 GLY A CA    1 
ATOM   1119 C C     . GLY A 1 143 ? 12.059  19.601  1.063   1.00 72.19  ? 154 GLY A C     1 
ATOM   1120 O O     . GLY A 1 143 ? 10.810  19.458  1.062   1.00 57.43  ? 154 GLY A O     1 
ATOM   1121 N N     . PHE A 1 144 ? 12.916  18.642  0.685   1.00 67.11  ? 155 PHE A N     1 
ATOM   1122 C CA    . PHE A 1 144 ? 12.475  17.302  0.297   1.00 69.44  ? 155 PHE A CA    1 
ATOM   1123 C C     . PHE A 1 144 ? 13.554  16.241  0.421   1.00 65.34  ? 155 PHE A C     1 
ATOM   1124 O O     . PHE A 1 144 ? 14.700  16.565  0.662   1.00 67.45  ? 155 PHE A O     1 
ATOM   1125 C CB    . PHE A 1 144 ? 11.823  17.279  -1.103  1.00 75.45  ? 155 PHE A CB    1 
ATOM   1126 C CG    . PHE A 1 144 ? 12.776  17.467  -2.257  1.00 78.70  ? 155 PHE A CG    1 
ATOM   1127 C CD1   . PHE A 1 144 ? 13.397  16.363  -2.858  1.00 79.27  ? 155 PHE A CD1   1 
ATOM   1128 C CD2   . PHE A 1 144 ? 13.004  18.736  -2.795  1.00 74.12  ? 155 PHE A CD2   1 
ATOM   1129 C CE1   . PHE A 1 144 ? 14.248  16.525  -3.951  1.00 75.29  ? 155 PHE A CE1   1 
ATOM   1130 C CE2   . PHE A 1 144 ? 13.854  18.898  -3.881  1.00 74.80  ? 155 PHE A CE2   1 
ATOM   1131 C CZ    . PHE A 1 144 ? 14.473  17.794  -4.464  1.00 70.25  ? 155 PHE A CZ    1 
ATOM   1132 N N     . GLY A 1 145 ? 13.167  14.972  0.285   1.00 64.70  ? 156 GLY A N     1 
ATOM   1133 C CA    . GLY A 1 145 ? 14.100  13.876  0.449   1.00 65.28  ? 156 GLY A CA    1 
ATOM   1134 C C     . GLY A 1 145 ? 13.531  12.509  0.132   1.00 70.43  ? 156 GLY A C     1 
ATOM   1135 O O     . GLY A 1 145 ? 12.363  12.395  -0.245  1.00 68.03  ? 156 GLY A O     1 
ATOM   1136 N N     . PHE A 1 146 ? 14.371  11.479  0.288   1.00 67.91  ? 157 PHE A N     1 
ATOM   1137 C CA    . PHE A 1 146 ? 14.038  10.094  -0.050  1.00 73.31  ? 157 PHE A CA    1 
ATOM   1138 C C     . PHE A 1 146 ? 14.287  9.095   1.094   1.00 74.77  ? 157 PHE A C     1 
ATOM   1139 O O     . PHE A 1 146 ? 15.139  9.339   1.959   1.00 61.87  ? 157 PHE A O     1 
ATOM   1140 C CB    . PHE A 1 146 ? 14.850  9.641   -1.243  1.00 81.78  ? 157 PHE A CB    1 
ATOM   1141 C CG    . PHE A 1 146 ? 14.623  10.454  -2.474  1.00 90.59  ? 157 PHE A CG    1 
ATOM   1142 C CD1   . PHE A 1 146 ? 15.360  11.617  -2.699  1.00 90.15  ? 157 PHE A CD1   1 
ATOM   1143 C CD2   . PHE A 1 146 ? 13.679  10.058  -3.420  1.00 91.79  ? 157 PHE A CD2   1 
ATOM   1144 C CE1   . PHE A 1 146 ? 15.161  12.377  -3.843  1.00 92.10  ? 157 PHE A CE1   1 
ATOM   1145 C CE2   . PHE A 1 146 ? 13.481  10.815  -4.568  1.00 92.27  ? 157 PHE A CE2   1 
ATOM   1146 C CZ    . PHE A 1 146 ? 14.221  11.977  -4.779  1.00 88.68  ? 157 PHE A CZ    1 
ATOM   1147 N N     . VAL A 1 147 ? 13.535  7.982   1.064   1.00 73.42  ? 158 VAL A N     1 
ATOM   1148 C CA    . VAL A 1 147 ? 13.556  6.919   2.090   1.00 73.66  ? 158 VAL A CA    1 
ATOM   1149 C C     . VAL A 1 147 ? 13.342  5.565   1.414   1.00 70.82  ? 158 VAL A C     1 
ATOM   1150 O O     . VAL A 1 147 ? 12.481  5.435   0.543   1.00 73.45  ? 158 VAL A O     1 
ATOM   1151 C CB    . VAL A 1 147 ? 12.450  7.127   3.166   1.00 77.65  ? 158 VAL A CB    1 
ATOM   1152 C CG1   . VAL A 1 147 ? 12.525  6.038   4.243   1.00 83.13  ? 158 VAL A CG1   1 
ATOM   1153 C CG2   . VAL A 1 147 ? 12.540  8.521   3.810   1.00 70.53  ? 158 VAL A CG2   1 
ATOM   1154 N N     . THR A 1 148 ? 14.093  4.546   1.819   1.00 75.45  ? 159 THR A N     1 
ATOM   1155 C CA    . THR A 1 148 ? 14.131  3.294   1.045   1.00 76.86  ? 159 THR A CA    1 
ATOM   1156 C C     . THR A 1 148 ? 13.965  2.073   1.936   1.00 76.07  ? 159 THR A C     1 
ATOM   1157 O O     . THR A 1 148 ? 14.806  1.795   2.763   1.00 74.50  ? 159 THR A O     1 
ATOM   1158 C CB    . THR A 1 148 ? 15.452  3.210   0.255   1.00 76.53  ? 159 THR A CB    1 
ATOM   1159 O OG1   . THR A 1 148 ? 15.849  4.534   -0.156  1.00 77.37  ? 159 THR A OG1   1 
ATOM   1160 C CG2   . THR A 1 148 ? 15.302  2.291   -0.958  1.00 74.44  ? 159 THR A CG2   1 
ATOM   1161 N N     . PHE A 1 149 ? 12.877  1.338   1.750   1.00 82.66  ? 160 PHE A N     1 
ATOM   1162 C CA    . PHE A 1 149 ? 12.524  0.214   2.630   1.00 80.18  ? 160 PHE A CA    1 
ATOM   1163 C C     . PHE A 1 149 ? 12.927  -1.146  2.045   1.00 87.39  ? 160 PHE A C     1 
ATOM   1164 O O     . PHE A 1 149 ? 13.343  -1.241  0.882   1.00 99.22  ? 160 PHE A O     1 
ATOM   1165 C CB    . PHE A 1 149 ? 11.021  0.240   2.922   1.00 73.53  ? 160 PHE A CB    1 
ATOM   1166 C CG    . PHE A 1 149 ? 10.536  1.540   3.519   1.00 69.08  ? 160 PHE A CG    1 
ATOM   1167 C CD1   . PHE A 1 149 ? 10.208  2.618   2.704   1.00 65.98  ? 160 PHE A CD1   1 
ATOM   1168 C CD2   . PHE A 1 149 ? 10.411  1.691   4.894   1.00 66.04  ? 160 PHE A CD2   1 
ATOM   1169 C CE1   . PHE A 1 149 ? 9.743   3.812   3.242   1.00 60.90  ? 160 PHE A CE1   1 
ATOM   1170 C CE2   . PHE A 1 149 ? 9.953   2.886   5.434   1.00 62.97  ? 160 PHE A CE2   1 
ATOM   1171 C CZ    . PHE A 1 149 ? 9.622   3.945   4.609   1.00 59.69  ? 160 PHE A CZ    1 
ATOM   1172 N N     . ASP A 1 150 ? 12.808  -2.191  2.864   1.00 88.41  ? 161 ASP A N     1 
ATOM   1173 C CA    . ASP A 1 150 ? 13.155  -3.560  2.452   1.00 94.83  ? 161 ASP A CA    1 
ATOM   1174 C C     . ASP A 1 150 ? 12.031  -4.271  1.664   1.00 93.48  ? 161 ASP A C     1 
ATOM   1175 O O     . ASP A 1 150 ? 12.314  -5.169  0.862   1.00 95.55  ? 161 ASP A O     1 
ATOM   1176 C CB    . ASP A 1 150 ? 13.617  -4.405  3.667   1.00 97.35  ? 161 ASP A CB    1 
ATOM   1177 C CG    . ASP A 1 150 ? 12.458  -5.006  4.480   1.00 95.74  ? 161 ASP A CG    1 
ATOM   1178 O OD1   . ASP A 1 150 ? 11.367  -4.391  4.557   1.00 108.28 ? 161 ASP A OD1   1 
ATOM   1179 O OD2   . ASP A 1 150 ? 12.657  -6.098  5.063   1.00 90.75  ? 161 ASP A OD2   1 
ATOM   1180 N N     . ASP A 1 151 ? 10.772  -3.897  1.914   1.00 86.38  ? 162 ASP A N     1 
ATOM   1181 C CA    . ASP A 1 151 ? 9.635   -4.411  1.141   1.00 84.91  ? 162 ASP A CA    1 
ATOM   1182 C C     . ASP A 1 151 ? 8.858   -3.228  0.546   1.00 82.42  ? 162 ASP A C     1 
ATOM   1183 O O     . ASP A 1 151 ? 8.962   -2.088  1.013   1.00 82.98  ? 162 ASP A O     1 
ATOM   1184 C CB    . ASP A 1 151 ? 8.739   -5.323  2.017   1.00 88.46  ? 162 ASP A CB    1 
ATOM   1185 C CG    . ASP A 1 151 ? 7.751   -6.200  1.196   1.00 91.53  ? 162 ASP A CG    1 
ATOM   1186 O OD1   . ASP A 1 151 ? 8.182   -6.869  0.231   1.00 99.96  ? 162 ASP A OD1   1 
ATOM   1187 O OD2   . ASP A 1 151 ? 6.537   -6.237  1.526   1.00 81.75  ? 162 ASP A OD2   1 
ATOM   1188 N N     . HIS A 1 152 ? 8.124   -3.510  -0.526  1.00 83.64  ? 163 HIS A N     1 
ATOM   1189 C CA    . HIS A 1 152 ? 7.218   -2.531  -1.153  1.00 80.08  ? 163 HIS A CA    1 
ATOM   1190 C C     . HIS A 1 152 ? 6.034   -2.123  -0.255  1.00 74.44  ? 163 HIS A C     1 
ATOM   1191 O O     . HIS A 1 152 ? 5.473   -1.029  -0.403  1.00 65.98  ? 163 HIS A O     1 
ATOM   1192 C CB    . HIS A 1 152 ? 6.711   -3.058  -2.525  1.00 74.84  ? 163 HIS A CB    1 
ATOM   1193 C CG    . HIS A 1 152 ? 5.844   -4.283  -2.449  1.00 71.68  ? 163 HIS A CG    1 
ATOM   1194 N ND1   . HIS A 1 152 ? 4.478   -4.221  -2.261  1.00 75.10  ? 163 HIS A ND1   1 
ATOM   1195 C CD2   . HIS A 1 152 ? 6.136   -5.597  -2.604  1.00 75.29  ? 163 HIS A CD2   1 
ATOM   1196 C CE1   . HIS A 1 152 ? 3.970   -5.441  -2.271  1.00 72.44  ? 163 HIS A CE1   1 
ATOM   1197 N NE2   . HIS A 1 152 ? 4.955   -6.294  -2.474  1.00 73.66  ? 163 HIS A NE2   1 
ATOM   1198 N N     . ASP A 1 153 ? 5.643   -3.004  0.662   1.00 69.72  ? 164 ASP A N     1 
ATOM   1199 C CA    . ASP A 1 153 ? 4.438   -2.777  1.444   1.00 62.01  ? 164 ASP A CA    1 
ATOM   1200 C C     . ASP A 1 153 ? 4.523   -1.581  2.424   1.00 59.61  ? 164 ASP A C     1 
ATOM   1201 O O     . ASP A 1 153 ? 3.506   -0.901  2.671   1.00 51.75  ? 164 ASP A O     1 
ATOM   1202 C CB    . ASP A 1 153 ? 4.041   -4.047  2.169   1.00 55.51  ? 164 ASP A CB    1 
ATOM   1203 C CG    . ASP A 1 153 ? 2.714   -3.908  2.856   1.00 61.48  ? 164 ASP A CG    1 
ATOM   1204 O OD1   . ASP A 1 153 ? 1.718   -3.558  2.194   1.00 64.64  ? 164 ASP A OD1   1 
ATOM   1205 O OD2   . ASP A 1 153 ? 2.644   -4.095  4.084   1.00 66.18  ? 164 ASP A OD2   1 
ATOM   1206 N N     . PRO A 1 154 ? 5.709   -1.325  2.998   1.00 53.19  ? 165 PRO A N     1 
ATOM   1207 C CA    . PRO A 1 154 ? 5.767   -0.083  3.729   1.00 59.85  ? 165 PRO A CA    1 
ATOM   1208 C C     . PRO A 1 154 ? 5.321   1.107   2.852   1.00 55.81  ? 165 PRO A C     1 
ATOM   1209 O O     . PRO A 1 154 ? 4.341   1.768   3.186   1.00 65.40  ? 165 PRO A O     1 
ATOM   1210 C CB    . PRO A 1 154 ? 7.241   -0.001  4.172   1.00 61.35  ? 165 PRO A CB    1 
ATOM   1211 C CG    . PRO A 1 154 ? 7.763   -1.396  4.101   1.00 58.50  ? 165 PRO A CG    1 
ATOM   1212 C CD    . PRO A 1 154 ? 6.722   -2.271  3.471   1.00 58.99  ? 165 PRO A CD    1 
ATOM   1213 N N     . VAL A 1 155 ? 5.978   1.305   1.718   1.00 52.71  ? 166 VAL A N     1 
ATOM   1214 C CA    . VAL A 1 155 ? 5.604   2.358   0.770   1.00 51.82  ? 166 VAL A CA    1 
ATOM   1215 C C     . VAL A 1 155 ? 4.126   2.348   0.431   1.00 55.31  ? 166 VAL A C     1 
ATOM   1216 O O     . VAL A 1 155 ? 3.425   3.393   0.613   1.00 50.05  ? 166 VAL A O     1 
ATOM   1217 C CB    . VAL A 1 155 ? 6.392   2.270   -0.534  1.00 50.27  ? 166 VAL A CB    1 
ATOM   1218 C CG1   . VAL A 1 155 ? 6.033   3.441   -1.436  1.00 54.71  ? 166 VAL A CG1   1 
ATOM   1219 C CG2   . VAL A 1 155 ? 7.881   2.239   -0.248  1.00 50.41  ? 166 VAL A CG2   1 
ATOM   1220 N N     . ASP A 1 156 ? 3.650   1.189   -0.046  1.00 51.61  ? 167 ASP A N     1 
ATOM   1221 C CA    . ASP A 1 156 ? 2.216   1.031   -0.388  1.00 55.94  ? 167 ASP A CA    1 
ATOM   1222 C C     . ASP A 1 156 ? 1.297   1.508   0.741   1.00 54.70  ? 167 ASP A C     1 
ATOM   1223 O O     . ASP A 1 156 ? 0.297   2.195   0.492   1.00 63.94  ? 167 ASP A O     1 
ATOM   1224 C CB    . ASP A 1 156 ? 1.851   -0.412  -0.692  1.00 60.73  ? 167 ASP A CB    1 
ATOM   1225 C CG    . ASP A 1 156 ? 2.595   -0.998  -1.901  1.00 72.09  ? 167 ASP A CG    1 
ATOM   1226 O OD1   . ASP A 1 156 ? 3.497   -0.338  -2.506  1.00 73.62  ? 167 ASP A OD1   1 
ATOM   1227 O OD2   . ASP A 1 156 ? 2.263   -2.176  -2.222  1.00 77.70  ? 167 ASP A OD2   1 
ATOM   1228 N N     . LYS A 1 157 ? 1.640   1.166   1.984   1.00 49.30  ? 168 LYS A N     1 
ATOM   1229 C CA    . LYS A 1 157 ? 0.830   1.566   3.130   1.00 48.95  ? 168 LYS A CA    1 
ATOM   1230 C C     . LYS A 1 157 ? 0.921   3.060   3.274   1.00 48.24  ? 168 LYS A C     1 
ATOM   1231 O O     . LYS A 1 157 ? -0.090  3.728   3.444   1.00 54.22  ? 168 LYS A O     1 
ATOM   1232 C CB    . LYS A 1 157 ? 1.319   0.868   4.414   1.00 56.61  ? 168 LYS A CB    1 
ATOM   1233 C CG    . LYS A 1 157 ? 0.487   1.038   5.704   1.00 56.80  ? 168 LYS A CG    1 
ATOM   1234 C CD    . LYS A 1 157 ? 1.327   0.462   6.864   1.00 64.92  ? 168 LYS A CD    1 
ATOM   1235 C CE    . LYS A 1 157 ? 0.553   0.090   8.122   1.00 66.78  ? 168 LYS A CE    1 
ATOM   1236 N NZ    . LYS A 1 157 ? 1.306   -0.949  8.880   1.00 65.52  ? 168 LYS A NZ    1 
ATOM   1237 N N     . ILE A 1 158 ? 2.147   3.568   3.178   1.00 48.12  ? 169 ILE A N     1 
ATOM   1238 C CA    . ILE A 1 158 ? 2.428   5.000   3.268   1.00 51.81  ? 169 ILE A CA    1 
ATOM   1239 C C     . ILE A 1 158 ? 1.626   5.866   2.277   1.00 54.02  ? 169 ILE A C     1 
ATOM   1240 O O     . ILE A 1 158 ? 0.967   6.837   2.686   1.00 52.59  ? 169 ILE A O     1 
ATOM   1241 C CB    . ILE A 1 158 ? 3.956   5.261   3.149   1.00 49.73  ? 169 ILE A CB    1 
ATOM   1242 C CG1   . ILE A 1 158 ? 4.633   4.871   4.451   1.00 47.58  ? 169 ILE A CG1   1 
ATOM   1243 C CG2   . ILE A 1 158 ? 4.257   6.727   2.873   1.00 52.47  ? 169 ILE A CG2   1 
ATOM   1244 C CD1   . ILE A 1 158 ? 6.121   4.617   4.346   1.00 47.99  ? 169 ILE A CD1   1 
ATOM   1245 N N     . VAL A 1 159 ? 1.659   5.500   0.994   1.00 56.43  ? 170 VAL A N     1 
ATOM   1246 C CA    . VAL A 1 159 ? 0.977   6.304   -0.027  1.00 54.19  ? 170 VAL A CA    1 
ATOM   1247 C C     . VAL A 1 159 ? -0.554  6.159   -0.073  1.00 53.51  ? 170 VAL A C     1 
ATOM   1248 O O     . VAL A 1 159 ? -1.160  6.736   -0.941  1.00 54.75  ? 170 VAL A O     1 
ATOM   1249 C CB    . VAL A 1 159 ? 1.567   6.086   -1.446  1.00 50.29  ? 170 VAL A CB    1 
ATOM   1250 C CG1   . VAL A 1 159 ? 3.068   6.280   -1.431  1.00 42.98  ? 170 VAL A CG1   1 
ATOM   1251 C CG2   . VAL A 1 159 ? 1.144   4.735   -2.023  1.00 47.46  ? 170 VAL A CG2   1 
ATOM   1252 N N     . LEU A 1 160 ? -1.185  5.435   0.860   1.00 58.67  ? 171 LEU A N     1 
ATOM   1253 C CA    . LEU A 1 160 ? -2.675  5.478   1.008   1.00 56.70  ? 171 LEU A CA    1 
ATOM   1254 C C     . LEU A 1 160 ? -3.144  6.855   1.457   1.00 53.24  ? 171 LEU A C     1 
ATOM   1255 O O     . LEU A 1 160 ? -4.330  7.173   1.446   1.00 54.03  ? 171 LEU A O     1 
ATOM   1256 C CB    . LEU A 1 160 ? -3.188  4.432   2.025   1.00 58.30  ? 171 LEU A CB    1 
ATOM   1257 C CG    . LEU A 1 160 ? -2.939  2.942   1.735   1.00 58.72  ? 171 LEU A CG    1 
ATOM   1258 C CD1   . LEU A 1 160 ? -3.092  2.143   3.014   1.00 54.85  ? 171 LEU A CD1   1 
ATOM   1259 C CD2   . LEU A 1 160 ? -3.867  2.423   0.643   1.00 57.67  ? 171 LEU A CD2   1 
ATOM   1260 N N     . GLN A 1 161 ? -2.182  7.641   1.899   1.00 54.34  ? 172 GLN A N     1 
ATOM   1261 C CA    . GLN A 1 161 ? -2.380  8.935   2.471   1.00 53.96  ? 172 GLN A CA    1 
ATOM   1262 C C     . GLN A 1 161 ? -1.348  9.823   1.777   1.00 52.70  ? 172 GLN A C     1 
ATOM   1263 O O     . GLN A 1 161 ? -0.141  9.562   1.782   1.00 58.12  ? 172 GLN A O     1 
ATOM   1264 C CB    . GLN A 1 161 ? -2.171  8.776   3.965   1.00 53.00  ? 172 GLN A CB    1 
ATOM   1265 C CG    . GLN A 1 161 ? -1.830  9.996   4.765   1.00 57.52  ? 172 GLN A CG    1 
ATOM   1266 C CD    . GLN A 1 161 ? -1.323  9.626   6.174   1.00 61.65  ? 172 GLN A CD    1 
ATOM   1267 O OE1   . GLN A 1 161 ? -0.468  10.319  6.739   1.00 53.21  ? 172 GLN A OE1   1 
ATOM   1268 N NE2   . GLN A 1 161 ? -1.805  8.489   6.710   1.00 52.88  ? 172 GLN A NE2   1 
ATOM   1269 N N     . LYS A 1 162 ? -1.844  10.829  1.100   1.00 51.93  ? 173 LYS A N     1 
ATOM   1270 C CA    . LYS A 1 162 ? -1.005  11.751  0.404   1.00 54.04  ? 173 LYS A CA    1 
ATOM   1271 C C     . LYS A 1 162 ? -0.169  12.594  1.409   1.00 51.57  ? 173 LYS A C     1 
ATOM   1272 O O     . LYS A 1 162 ? 1.046   12.780  1.246   1.00 54.34  ? 173 LYS A O     1 
ATOM   1273 C CB    . LYS A 1 162 ? -1.892  12.623  -0.497  1.00 57.37  ? 173 LYS A CB    1 
ATOM   1274 C CG    . LYS A 1 162 ? -1.122  13.686  -1.287  1.00 74.48  ? 173 LYS A CG    1 
ATOM   1275 C CD    . LYS A 1 162 ? -1.326  15.098  -0.703  1.00 80.74  ? 173 LYS A CD    1 
ATOM   1276 C CE    . LYS A 1 162 ? -2.401  15.906  -1.444  1.00 78.21  ? 173 LYS A CE    1 
ATOM   1277 N NZ    . LYS A 1 162 ? -1.814  16.827  -2.468  1.00 76.26  ? 173 LYS A NZ    1 
ATOM   1278 N N     . TYR A 1 163 ? -0.803  13.072  2.458   1.00 50.18  ? 174 TYR A N     1 
ATOM   1279 C CA    . TYR A 1 163 ? -0.131  13.954  3.382   1.00 58.83  ? 174 TYR A CA    1 
ATOM   1280 C C     . TYR A 1 163 ? 0.170   13.264  4.679   1.00 53.16  ? 174 TYR A C     1 
ATOM   1281 O O     . TYR A 1 163 ? -0.730  12.710  5.271   1.00 55.36  ? 174 TYR A O     1 
ATOM   1282 C CB    . TYR A 1 163 ? -1.000  15.164  3.629   1.00 65.77  ? 174 TYR A CB    1 
ATOM   1283 C CG    . TYR A 1 163 ? -0.957  16.227  2.544   1.00 67.71  ? 174 TYR A CG    1 
ATOM   1284 C CD1   . TYR A 1 163 ? 0.249   16.772  2.110   1.00 72.52  ? 174 TYR A CD1   1 
ATOM   1285 C CD2   . TYR A 1 163 ? -2.130  16.762  2.028   1.00 78.06  ? 174 TYR A CD2   1 
ATOM   1286 C CE1   . TYR A 1 163 ? 0.295   17.785  1.161   1.00 71.40  ? 174 TYR A CE1   1 
ATOM   1287 C CE2   . TYR A 1 163 ? -2.090  17.780  1.085   1.00 79.92  ? 174 TYR A CE2   1 
ATOM   1288 C CZ    . TYR A 1 163 ? -0.872  18.275  0.649   1.00 73.41  ? 174 TYR A CZ    1 
ATOM   1289 O OH    . TYR A 1 163 ? -0.844  19.270  -0.294  1.00 78.57  ? 174 TYR A OH    1 
ATOM   1290 N N     . HIS A 1 164 ? 1.439   13.290  5.103   1.00 56.38  ? 175 HIS A N     1 
ATOM   1291 C CA    . HIS A 1 164 ? 1.873   12.838  6.465   1.00 51.72  ? 175 HIS A CA    1 
ATOM   1292 C C     . HIS A 1 164 ? 2.388   14.023  7.255   1.00 53.23  ? 175 HIS A C     1 
ATOM   1293 O O     . HIS A 1 164 ? 3.226   14.785  6.733   1.00 52.53  ? 175 HIS A O     1 
ATOM   1294 C CB    . HIS A 1 164 ? 3.008   11.806  6.389   1.00 50.64  ? 175 HIS A CB    1 
ATOM   1295 C CG    . HIS A 1 164 ? 2.581   10.485  5.852   1.00 54.41  ? 175 HIS A CG    1 
ATOM   1296 N ND1   . HIS A 1 164 ? 2.287   9.416   6.662   1.00 58.20  ? 175 HIS A ND1   1 
ATOM   1297 C CD2   . HIS A 1 164 ? 2.365   10.068  4.583   1.00 60.74  ? 175 HIS A CD2   1 
ATOM   1298 C CE1   . HIS A 1 164 ? 1.911   8.392   5.919   1.00 65.07  ? 175 HIS A CE1   1 
ATOM   1299 N NE2   . HIS A 1 164 ? 1.940   8.761   4.654   1.00 61.40  ? 175 HIS A NE2   1 
ATOM   1300 N N     . THR A 1 165 ? 1.905   14.178  8.497   1.00 50.95  ? 176 THR A N     1 
ATOM   1301 C CA    . THR A 1 165 ? 2.358   15.246  9.398   1.00 50.91  ? 176 THR A CA    1 
ATOM   1302 C C     . THR A 1 165 ? 3.712   14.851  10.056  1.00 55.31  ? 176 THR A C     1 
ATOM   1303 O O     . THR A 1 165 ? 3.761   13.893  10.838  1.00 59.79  ? 176 THR A O     1 
ATOM   1304 C CB    . THR A 1 165 ? 1.359   15.518  10.503  1.00 51.32  ? 176 THR A CB    1 
ATOM   1305 O OG1   . THR A 1 165 ? 0.129   16.007  9.968   1.00 46.64  ? 176 THR A OG1   1 
ATOM   1306 C CG2   . THR A 1 165 ? 1.934   16.522  11.508  1.00 54.16  ? 176 THR A CG2   1 
ATOM   1307 N N     . ILE A 1 166 ? 4.777   15.582  9.714   1.00 46.31  ? 177 ILE A N     1 
ATOM   1308 C CA    . ILE A 1 166 ? 6.170   15.333  10.157  1.00 53.43  ? 177 ILE A CA    1 
ATOM   1309 C C     . ILE A 1 166 ? 6.784   16.683  10.558  1.00 56.53  ? 177 ILE A C     1 
ATOM   1310 O O     . ILE A 1 166 ? 6.990   17.578  9.718   1.00 51.23  ? 177 ILE A O     1 
ATOM   1311 C CB    . ILE A 1 166 ? 7.076   14.738  9.035   1.00 55.85  ? 177 ILE A CB    1 
ATOM   1312 C CG1   . ILE A 1 166 ? 6.395   13.559  8.324   1.00 58.98  ? 177 ILE A CG1   1 
ATOM   1313 C CG2   . ILE A 1 166 ? 8.451   14.324  9.571   1.00 57.72  ? 177 ILE A CG2   1 
ATOM   1314 C CD1   . ILE A 1 166 ? 7.272   12.794  7.321   1.00 60.96  ? 177 ILE A CD1   1 
ATOM   1315 N N     . ASN A 1 167 ? 7.039   16.843  11.849  1.00 56.20  ? 178 ASN A N     1 
ATOM   1316 C CA    . ASN A 1 167 ? 7.801   17.966  12.335  1.00 55.16  ? 178 ASN A CA    1 
ATOM   1317 C C     . ASN A 1 167 ? 7.125   19.306  12.082  1.00 54.78  ? 178 ASN A C     1 
ATOM   1318 O O     . ASN A 1 167 ? 7.722   20.222  11.494  1.00 62.70  ? 178 ASN A O     1 
ATOM   1319 C CB    . ASN A 1 167 ? 9.201   17.943  11.709  1.00 54.96  ? 178 ASN A CB    1 
ATOM   1320 C CG    . ASN A 1 167 ? 10.128  18.930  12.367  1.00 63.75  ? 178 ASN A CG    1 
ATOM   1321 O OD1   . ASN A 1 167 ? 10.216  18.961  13.602  1.00 63.80  ? 178 ASN A OD1   1 
ATOM   1322 N ND2   . ASN A 1 167 ? 10.814  19.758  11.555  1.00 63.06  ? 178 ASN A ND2   1 
ATOM   1323 N N     . GLY A 1 168 ? 5.874   19.417  12.499  1.00 49.36  ? 179 GLY A N     1 
ATOM   1324 C CA    . GLY A 1 168 ? 5.088   20.617  12.246  1.00 55.80  ? 179 GLY A CA    1 
ATOM   1325 C C     . GLY A 1 168 ? 4.684   20.925  10.795  1.00 61.08  ? 179 GLY A C     1 
ATOM   1326 O O     . GLY A 1 168 ? 4.051   21.966  10.548  1.00 66.18  ? 179 GLY A O     1 
ATOM   1327 N N     . HIS A 1 169 ? 4.983   20.034  9.841   1.00 63.13  ? 180 HIS A N     1 
ATOM   1328 C CA    . HIS A 1 169 ? 4.684   20.283  8.401   1.00 58.82  ? 180 HIS A CA    1 
ATOM   1329 C C     . HIS A 1 169 ? 3.710   19.300  7.811   1.00 58.74  ? 180 HIS A C     1 
ATOM   1330 O O     . HIS A 1 169 ? 3.827   18.098  8.058   1.00 52.97  ? 180 HIS A O     1 
ATOM   1331 C CB    . HIS A 1 169 ? 5.921   20.146  7.531   1.00 56.55  ? 180 HIS A CB    1 
ATOM   1332 C CG    . HIS A 1 169 ? 7.107   20.894  8.038   1.00 58.84  ? 180 HIS A CG    1 
ATOM   1333 N ND1   . HIS A 1 169 ? 7.059   22.237  8.353   1.00 55.30  ? 180 HIS A ND1   1 
ATOM   1334 C CD2   . HIS A 1 169 ? 8.374   20.484  8.283   1.00 55.00  ? 180 HIS A CD2   1 
ATOM   1335 C CE1   . HIS A 1 169 ? 8.247   22.616  8.793   1.00 54.94  ? 180 HIS A CE1   1 
ATOM   1336 N NE2   . HIS A 1 169 ? 9.067   21.579  8.738   1.00 57.92  ? 180 HIS A NE2   1 
ATOM   1337 N N     . ASN A 1 170 ? 2.793   19.813  6.989   1.00 60.06  ? 181 ASN A N     1 
ATOM   1338 C CA    . ASN A 1 170 ? 2.041   18.978  6.053   1.00 58.99  ? 181 ASN A CA    1 
ATOM   1339 C C     . ASN A 1 170 ? 2.974   18.466  4.947   1.00 57.81  ? 181 ASN A C     1 
ATOM   1340 O O     . ASN A 1 170 ? 3.169   19.127  3.928   1.00 77.46  ? 181 ASN A O     1 
ATOM   1341 C CB    . ASN A 1 170 ? 0.853   19.730  5.462   1.00 60.68  ? 181 ASN A CB    1 
ATOM   1342 C CG    . ASN A 1 170 ? -0.465  19.189  5.937   1.00 73.40  ? 181 ASN A CG    1 
ATOM   1343 O OD1   . ASN A 1 170 ? -0.695  17.984  5.875   1.00 76.77  ? 181 ASN A OD1   1 
ATOM   1344 N ND2   . ASN A 1 170 ? -1.363  20.077  6.382   1.00 81.78  ? 181 ASN A ND2   1 
ATOM   1345 N N     . ALA A 1 171 ? 3.540   17.281  5.155   1.00 51.30  ? 182 ALA A N     1 
ATOM   1346 C CA    . ALA A 1 171 ? 4.463   16.691  4.221   1.00 52.34  ? 182 ALA A CA    1 
ATOM   1347 C C     . ALA A 1 171 ? 3.769   15.751  3.212   1.00 54.33  ? 182 ALA A C     1 
ATOM   1348 O O     . ALA A 1 171 ? 2.806   15.067  3.559   1.00 65.61  ? 182 ALA A O     1 
ATOM   1349 C CB    . ALA A 1 171 ? 5.567   15.981  4.965   1.00 49.87  ? 182 ALA A CB    1 
ATOM   1350 N N     . GLU A 1 172 ? 4.275   15.730  1.975   1.00 48.60  ? 183 GLU A N     1 
ATOM   1351 C CA    . GLU A 1 172 ? 3.612   15.047  0.845   1.00 51.37  ? 183 GLU A CA    1 
ATOM   1352 C C     . GLU A 1 172 ? 4.449   13.844  0.507   1.00 48.45  ? 183 GLU A C     1 
ATOM   1353 O O     . GLU A 1 172 ? 5.698   13.935  0.423   1.00 49.66  ? 183 GLU A O     1 
ATOM   1354 C CB    . GLU A 1 172 ? 3.479   15.974  -0.387  1.00 56.42  ? 183 GLU A CB    1 
ATOM   1355 C CG    . GLU A 1 172 ? 2.832   15.312  -1.613  1.00 66.25  ? 183 GLU A CG    1 
ATOM   1356 C CD    . GLU A 1 172 ? 2.400   16.270  -2.730  1.00 68.19  ? 183 GLU A CD    1 
ATOM   1357 O OE1   . GLU A 1 172 ? 2.150   17.464  -2.470  1.00 60.40  ? 183 GLU A OE1   1 
ATOM   1358 O OE2   . GLU A 1 172 ? 2.298   15.799  -3.887  1.00 74.38  ? 183 GLU A OE2   1 
ATOM   1359 N N     . VAL A 1 173 ? 3.803   12.700  0.338   1.00 44.89  ? 184 VAL A N     1 
ATOM   1360 C CA    . VAL A 1 173 ? 4.569   11.530  -0.123  1.00 50.03  ? 184 VAL A CA    1 
ATOM   1361 C C     . VAL A 1 173 ? 4.142   11.006  -1.484  1.00 47.40  ? 184 VAL A C     1 
ATOM   1362 O O     . VAL A 1 173 ? 2.977   11.083  -1.843  1.00 46.92  ? 184 VAL A O     1 
ATOM   1363 C CB    . VAL A 1 173 ? 4.568   10.345  0.881   1.00 51.24  ? 184 VAL A CB    1 
ATOM   1364 C CG1   . VAL A 1 173 ? 5.343   10.722  2.144   1.00 51.80  ? 184 VAL A CG1   1 
ATOM   1365 C CG2   . VAL A 1 173 ? 3.149   9.843   1.155   1.00 50.06  ? 184 VAL A CG2   1 
ATOM   1366 N N     . ARG A 1 174 ? 5.119   10.400  -2.170  1.00 53.68  ? 185 ARG A N     1 
ATOM   1367 C CA    . ARG A 1 174 ? 4.992   9.898   -3.528  1.00 54.17  ? 185 ARG A CA    1 
ATOM   1368 C C     . ARG A 1 174 ? 5.974   8.757   -3.696  1.00 57.34  ? 185 ARG A C     1 
ATOM   1369 O O     . ARG A 1 174 ? 7.114   8.875   -3.232  1.00 53.94  ? 185 ARG A O     1 
ATOM   1370 C CB    . ARG A 1 174 ? 5.426   10.974  -4.520  1.00 52.38  ? 185 ARG A CB    1 
ATOM   1371 C CG    . ARG A 1 174 ? 4.674   12.288  -4.461  1.00 53.63  ? 185 ARG A CG    1 
ATOM   1372 C CD    . ARG A 1 174 ? 5.530   13.353  -5.135  1.00 55.62  ? 185 ARG A CD    1 
ATOM   1373 N NE    . ARG A 1 174 ? 4.919   14.672  -5.071  1.00 58.15  ? 185 ARG A NE    1 
ATOM   1374 C CZ    . ARG A 1 174 ? 5.499   15.800  -5.485  1.00 63.61  ? 185 ARG A CZ    1 
ATOM   1375 N NH1   . ARG A 1 174 ? 6.718   15.773  -6.004  1.00 56.96  ? 185 ARG A NH1   1 
ATOM   1376 N NH2   . ARG A 1 174 ? 4.853   16.970  -5.374  1.00 66.25  ? 185 ARG A NH2   1 
ATOM   1377 N N     A LYS A 1 175 ? 5.547   7.672   -4.351  0.50 60.00  ? 186 LYS A N     1 
ATOM   1378 N N     B LYS A 1 175 ? 5.543   7.672   -4.352  0.50 58.24  ? 186 LYS A N     1 
ATOM   1379 C CA    A LYS A 1 175 ? 6.455   6.606   -4.780  0.50 60.49  ? 186 LYS A CA    1 
ATOM   1380 C CA    B LYS A 1 175 ? 6.441   6.594   -4.784  0.50 57.68  ? 186 LYS A CA    1 
ATOM   1381 C C     A LYS A 1 175 ? 7.521   7.233   -5.648  0.50 65.93  ? 186 LYS A C     1 
ATOM   1382 C C     B LYS A 1 175 ? 7.516   7.223   -5.651  0.50 64.26  ? 186 LYS A C     1 
ATOM   1383 O O     A LYS A 1 175 ? 7.208   8.039   -6.531  0.50 71.47  ? 186 LYS A O     1 
ATOM   1384 O O     B LYS A 1 175 ? 7.202   8.025   -6.537  0.50 70.08  ? 186 LYS A O     1 
ATOM   1385 C CB    A LYS A 1 175 ? 5.713   5.556   -5.591  0.50 61.57  ? 186 LYS A CB    1 
ATOM   1386 C CB    B LYS A 1 175 ? 5.688   5.544   -5.601  0.50 56.72  ? 186 LYS A CB    1 
ATOM   1387 C CG    A LYS A 1 175 ? 4.760   4.687   -4.785  0.50 63.75  ? 186 LYS A CG    1 
ATOM   1388 C CG    B LYS A 1 175 ? 4.480   4.897   -4.918  0.50 56.27  ? 186 LYS A CG    1 
ATOM   1389 C CD    A LYS A 1 175 ? 4.002   3.717   -5.677  0.50 65.63  ? 186 LYS A CD    1 
ATOM   1390 C CD    B LYS A 1 175 ? 4.098   3.579   -5.590  0.50 56.56  ? 186 LYS A CD    1 
ATOM   1391 C CE    A LYS A 1 175 ? 3.399   2.572   -4.879  0.50 70.50  ? 186 LYS A CE    1 
ATOM   1392 C CE    B LYS A 1 175 ? 3.242   2.679   -4.694  0.50 59.30  ? 186 LYS A CE    1 
ATOM   1393 N NZ    A LYS A 1 175 ? 2.394   1.803   -5.668  0.50 70.23  ? 186 LYS A NZ    1 
ATOM   1394 N NZ    B LYS A 1 175 ? 1.776   2.648   -5.000  0.50 56.87  ? 186 LYS A NZ    1 
ATOM   1395 N N     . ALA A 1 176 ? 8.779   6.901   -5.379  1.00 68.26  ? 187 ALA A N     1 
ATOM   1396 C CA    . ALA A 1 176 ? 9.891   7.488   -6.125  1.00 67.37  ? 187 ALA A CA    1 
ATOM   1397 C C     . ALA A 1 176 ? 9.892   6.885   -7.519  1.00 74.33  ? 187 ALA A C     1 
ATOM   1398 O O     . ALA A 1 176 ? 9.801   5.664   -7.679  1.00 66.37  ? 187 ALA A O     1 
ATOM   1399 C CB    . ALA A 1 176 ? 11.215  7.230   -5.443  1.00 68.04  ? 187 ALA A CB    1 
ATOM   1400 N N     . LEU A 1 177 ? 9.914   7.767   -8.511  1.00 79.59  ? 188 LEU A N     1 
ATOM   1401 C CA    . LEU A 1 177 ? 10.027  7.391   -9.904  1.00 80.12  ? 188 LEU A CA    1 
ATOM   1402 C C     . LEU A 1 177 ? 11.464  7.670   -10.323 1.00 83.42  ? 188 LEU A C     1 
ATOM   1403 O O     . LEU A 1 177 ? 12.142  8.514   -9.708  1.00 76.27  ? 188 LEU A O     1 
ATOM   1404 C CB    . LEU A 1 177 ? 9.034   8.208   -10.748 1.00 84.47  ? 188 LEU A CB    1 
ATOM   1405 C CG    . LEU A 1 177 ? 7.557   8.248   -10.292 1.00 83.75  ? 188 LEU A CG    1 
ATOM   1406 C CD1   . LEU A 1 177 ? 6.837   9.413   -10.964 1.00 82.97  ? 188 LEU A CD1   1 
ATOM   1407 C CD2   . LEU A 1 177 ? 6.805   6.930   -10.518 1.00 74.47  ? 188 LEU A CD2   1 
ATOM   1408 N N     . SER A 1 178 ? 11.918  6.958   -11.361 1.00 92.84  ? 189 SER A N     1 
ATOM   1409 C CA    . SER A 1 178 ? 13.274  7.117   -11.935 1.00 96.76  ? 189 SER A CA    1 
ATOM   1410 C C     . SER A 1 178 ? 13.561  8.578   -12.391 1.00 95.89  ? 189 SER A C     1 
ATOM   1411 O O     . SER A 1 178 ? 13.493  9.492   -11.576 1.00 95.94  ? 189 SER A O     1 
ATOM   1412 C CB    . SER A 1 178 ? 13.477  6.096   -13.072 1.00 92.35  ? 189 SER A CB    1 
ATOM   1413 O OG    . SER A 1 178 ? 12.794  6.486   -14.257 1.00 95.71  ? 189 SER A OG    1 
ATOM   1414 N N     . ARG A 1 179 ? 13.945  8.794   -13.651 1.00 105.61 ? 190 ARG A N     1 
ATOM   1415 C CA    . ARG A 1 179 ? 13.877  10.122  -14.276 1.00 102.53 ? 190 ARG A CA    1 
ATOM   1416 C C     . ARG A 1 179 ? 13.523  9.920   -15.756 1.00 89.88  ? 190 ARG A C     1 
ATOM   1417 O O     . ARG A 1 179 ? 14.402  10.071  -16.591 1.00 88.39  ? 190 ARG A O     1 
ATOM   1418 C CB    . ARG A 1 179 ? 15.203  10.909  -14.161 1.00 102.13 ? 190 ARG A CB    1 
ATOM   1419 C CG    . ARG A 1 179 ? 15.789  11.100  -12.764 1.00 108.27 ? 190 ARG A CG    1 
ATOM   1420 C CD    . ARG A 1 179 ? 16.746  9.964   -12.404 1.00 114.13 ? 190 ARG A CD    1 
ATOM   1421 N NE    . ARG A 1 179 ? 17.398  10.103  -11.097 1.00 119.20 ? 190 ARG A NE    1 
ATOM   1422 C CZ    . ARG A 1 179 ? 18.392  10.949  -10.804 1.00 120.33 ? 190 ARG A CZ    1 
ATOM   1423 N NH1   . ARG A 1 179 ? 18.871  11.805  -11.712 1.00 120.89 ? 190 ARG A NH1   1 
ATOM   1424 N NH2   . ARG A 1 179 ? 18.911  10.953  -9.573  1.00 113.86 ? 190 ARG A NH2   1 
ATOM   1425 N N     . GLN A 1 180 ? 12.278  9.580   -16.123 1.00 95.72  ? 191 GLN A N     1 
ATOM   1426 C CA    . GLN A 1 180 ? 11.092  9.466   -15.252 1.00 91.37  ? 191 GLN A CA    1 
ATOM   1427 C C     . GLN A 1 180 ? 10.320  8.199   -15.620 1.00 88.73  ? 191 GLN A C     1 
ATOM   1428 O O     . GLN A 1 180 ? 9.202   7.966   -15.152 1.00 89.54  ? 191 GLN A O     1 
ATOM   1429 C CB    . GLN A 1 180 ? 10.192  10.700  -15.430 1.00 89.36  ? 191 GLN A CB    1 
ATOM   1430 C CG    . GLN A 1 180 ? 10.737  11.980  -14.785 1.00 89.19  ? 191 GLN A CG    1 
ATOM   1431 C CD    . GLN A 1 180 ? 10.584  13.232  -15.648 1.00 91.35  ? 191 GLN A CD    1 
ATOM   1432 O OE1   . GLN A 1 180 ? 10.043  14.237  -15.186 1.00 74.95  ? 191 GLN A OE1   1 
ATOM   1433 N NE2   . GLN A 1 180 ? 11.086  13.188  -16.899 1.00 89.80  ? 191 GLN A NE2   1 
ATOM   1434 O "O5'" . A   B 2 1   ? -5.591  -4.410  -12.353 1.00 68.11  ? 1   A   B "O5'" 1 
ATOM   1435 C "C5'" . A   B 2 1   ? -6.690  -4.094  -13.221 1.00 74.41  ? 1   A   B "C5'" 1 
ATOM   1436 C "C4'" . A   B 2 1   ? -7.791  -3.389  -12.459 1.00 71.52  ? 1   A   B "C4'" 1 
ATOM   1437 O "O4'" . A   B 2 1   ? -7.592  -3.537  -11.028 1.00 68.36  ? 1   A   B "O4'" 1 
ATOM   1438 C "C3'" . A   B 2 1   ? -7.866  -1.876  -12.667 1.00 66.34  ? 1   A   B "C3'" 1 
ATOM   1439 O "O3'" . A   B 2 1   ? -9.102  -1.392  -12.193 1.00 63.14  ? 1   A   B "O3'" 1 
ATOM   1440 C "C2'" . A   B 2 1   ? -6.859  -1.378  -11.652 1.00 67.46  ? 1   A   B "C2'" 1 
ATOM   1441 O "O2'" . A   B 2 1   ? -7.016  -0.037  -11.238 1.00 71.28  ? 1   A   B "O2'" 1 
ATOM   1442 C "C1'" . A   B 2 1   ? -7.190  -2.292  -10.480 1.00 66.81  ? 1   A   B "C1'" 1 
ATOM   1443 N N9    . A   B 2 1   ? -6.048  -2.512  -9.607  1.00 70.26  ? 1   A   B N9    1 
ATOM   1444 C C8    . A   B 2 1   ? -4.838  -3.123  -9.845  1.00 68.17  ? 1   A   B C8    1 
ATOM   1445 N N7    . A   B 2 1   ? -4.041  -3.138  -8.807  1.00 63.86  ? 1   A   B N7    1 
ATOM   1446 C C5    . A   B 2 1   ? -4.772  -2.489  -7.821  1.00 60.52  ? 1   A   B C5    1 
ATOM   1447 C C6    . A   B 2 1   ? -4.488  -2.181  -6.485  1.00 53.42  ? 1   A   B C6    1 
ATOM   1448 N N6    . A   B 2 1   ? -3.339  -2.493  -5.880  1.00 53.47  ? 1   A   B N6    1 
ATOM   1449 N N1    . A   B 2 1   ? -5.427  -1.507  -5.787  1.00 59.09  ? 1   A   B N1    1 
ATOM   1450 C C2    . A   B 2 1   ? -6.586  -1.205  -6.388  1.00 57.54  ? 1   A   B C2    1 
ATOM   1451 N N3    . A   B 2 1   ? -6.970  -1.441  -7.633  1.00 60.70  ? 1   A   B N3    1 
ATOM   1452 C C4    . A   B 2 1   ? -6.004  -2.090  -8.306  1.00 62.96  ? 1   A   B C4    1 
ATOM   1453 P P     . G   B 2 2   ? -10.377 -1.455  -13.085 1.00 59.03  ? 2   G   B P     1 
ATOM   1454 O OP1   . G   B 2 2   ? -10.143 -2.385  -14.218 1.00 61.86  ? 2   G   B OP1   1 
ATOM   1455 O OP2   . G   B 2 2   ? -10.812 -0.080  -13.325 1.00 68.24  ? 2   G   B OP2   1 
ATOM   1456 O "O5'" . G   B 2 2   ? -11.389 -2.249  -12.169 1.00 55.45  ? 2   G   B "O5'" 1 
ATOM   1457 C "C5'" . G   B 2 2   ? -11.359 -2.098  -10.760 1.00 57.78  ? 2   G   B "C5'" 1 
ATOM   1458 C "C4'" . G   B 2 2   ? -12.734 -2.413  -10.259 1.00 62.91  ? 2   G   B "C4'" 1 
ATOM   1459 O "O4'" . G   B 2 2   ? -12.691 -2.564  -8.823  1.00 62.29  ? 2   G   B "O4'" 1 
ATOM   1460 C "C3'" . G   B 2 2   ? -13.781 -1.344  -10.542 1.00 63.37  ? 2   G   B "C3'" 1 
ATOM   1461 O "O3'" . G   B 2 2   ? -15.065 -1.937  -10.605 1.00 72.90  ? 2   G   B "O3'" 1 
ATOM   1462 C "C2'" . G   B 2 2   ? -13.732 -0.493  -9.287  1.00 65.25  ? 2   G   B "C2'" 1 
ATOM   1463 O "O2'" . G   B 2 2   ? -14.988 0.102   -9.051  1.00 61.53  ? 2   G   B "O2'" 1 
ATOM   1464 C "C1'" . G   B 2 2   ? -13.467 -1.559  -8.222  1.00 64.81  ? 2   G   B "C1'" 1 
ATOM   1465 N N9    . G   B 2 2   ? -12.813 -1.142  -6.983  1.00 57.23  ? 2   G   B N9    1 
ATOM   1466 C C8    . G   B 2 2   ? -13.295 -1.383  -5.720  1.00 58.86  ? 2   G   B C8    1 
ATOM   1467 N N7    . G   B 2 2   ? -12.551 -0.869  -4.780  1.00 56.45  ? 2   G   B N7    1 
ATOM   1468 C C5    . G   B 2 2   ? -11.501 -0.271  -5.460  1.00 51.41  ? 2   G   B C5    1 
ATOM   1469 C C6    . G   B 2 2   ? -10.372 0.420   -4.965  1.00 48.46  ? 2   G   B C6    1 
ATOM   1470 O O6    . G   B 2 2   ? -10.064 0.639   -3.791  1.00 60.20  ? 2   G   B O6    1 
ATOM   1471 N N1    . G   B 2 2   ? -9.566  0.892   -5.995  1.00 47.48  ? 2   G   B N1    1 
ATOM   1472 C C2    . G   B 2 2   ? -9.810  0.708   -7.335  1.00 48.23  ? 2   G   B C2    1 
ATOM   1473 N N2    . G   B 2 2   ? -8.900  1.233   -8.177  1.00 46.50  ? 2   G   B N2    1 
ATOM   1474 N N3    . G   B 2 2   ? -10.868 0.064   -7.812  1.00 46.12  ? 2   G   B N3    1 
ATOM   1475 C C4    . G   B 2 2   ? -11.656 -0.410  -6.824  1.00 48.34  ? 2   G   B C4    1 
ATOM   1476 P P     . G   B 2 3   ? -15.914 -1.912  -11.959 1.00 66.59  ? 3   G   B P     1 
ATOM   1477 O OP1   . G   B 2 3   ? -15.140 -2.628  -12.995 1.00 69.67  ? 3   G   B OP1   1 
ATOM   1478 O OP2   . G   B 2 3   ? -16.319 -0.518  -12.205 1.00 75.25  ? 3   G   B OP2   1 
ATOM   1479 O "O5'" . G   B 2 3   ? -17.171 -2.786  -11.543 1.00 59.84  ? 3   G   B "O5'" 1 
ATOM   1480 C "C5'" . G   B 2 3   ? -18.125 -2.273  -10.599 1.00 65.82  ? 3   G   B "C5'" 1 
ATOM   1481 C "C4'" . G   B 2 3   ? -18.901 -3.412  -9.990  1.00 67.81  ? 3   G   B "C4'" 1 
ATOM   1482 O "O4'" . G   B 2 3   ? -17.984 -4.433  -9.510  1.00 63.40  ? 3   G   B "O4'" 1 
ATOM   1483 C "C3'" . G   B 2 3   ? -19.747 -3.059  -8.782  1.00 67.98  ? 3   G   B "C3'" 1 
ATOM   1484 O "O3'" . G   B 2 3   ? -21.031 -2.603  -9.157  1.00 77.68  ? 3   G   B "O3'" 1 
ATOM   1485 C "C2'" . G   B 2 3   ? -19.805 -4.388  -8.057  1.00 66.52  ? 3   G   B "C2'" 1 
ATOM   1486 O "O2'" . G   B 2 3   ? -20.600 -5.328  -8.725  1.00 67.62  ? 3   G   B "O2'" 1 
ATOM   1487 C "C1'" . G   B 2 3   ? -18.361 -4.838  -8.202  1.00 64.02  ? 3   G   B "C1'" 1 
ATOM   1488 N N9    . G   B 2 3   ? -17.437 -4.229  -7.240  1.00 59.78  ? 3   G   B N9    1 
ATOM   1489 C C8    . G   B 2 3   ? -16.408 -3.363  -7.520  1.00 54.55  ? 3   G   B C8    1 
ATOM   1490 N N7    . G   B 2 3   ? -15.729 -3.017  -6.460  1.00 53.30  ? 3   G   B N7    1 
ATOM   1491 C C5    . G   B 2 3   ? -16.349 -3.686  -5.417  1.00 50.65  ? 3   G   B C5    1 
ATOM   1492 C C6    . G   B 2 3   ? -16.047 -3.709  -4.031  1.00 58.80  ? 3   G   B C6    1 
ATOM   1493 O O6    . G   B 2 3   ? -15.145 -3.109  -3.427  1.00 60.82  ? 3   G   B O6    1 
ATOM   1494 N N1    . G   B 2 3   ? -16.923 -4.533  -3.330  1.00 57.12  ? 3   G   B N1    1 
ATOM   1495 C C2    . G   B 2 3   ? -17.964 -5.239  -3.890  1.00 51.25  ? 3   G   B C2    1 
ATOM   1496 N N2    . G   B 2 3   ? -18.707 -5.979  -3.046  1.00 49.72  ? 3   G   B N2    1 
ATOM   1497 N N3    . G   B 2 3   ? -18.235 -5.248  -5.183  1.00 46.71  ? 3   G   B N3    1 
ATOM   1498 C C4    . G   B 2 3   ? -17.399 -4.450  -5.882  1.00 52.30  ? 3   G   B C4    1 
ATOM   1499 P P     . G   B 2 4   ? -21.573 -1.205  -8.608  1.00 79.16  ? 4   G   B P     1 
ATOM   1500 O OP1   . G   B 2 4   ? -22.888 -0.962  -9.249  1.00 90.68  ? 4   G   B OP1   1 
ATOM   1501 O OP2   . G   B 2 4   ? -20.502 -0.193  -8.803  1.00 69.23  ? 4   G   B OP2   1 
ATOM   1502 O "O5'" . G   B 2 4   ? -21.866 -1.539  -7.078  1.00 67.40  ? 4   G   B "O5'" 1 
ATOM   1503 C "C5'" . G   B 2 4   ? -22.986 -2.372  -6.705  1.00 73.46  ? 4   G   B "C5'" 1 
ATOM   1504 C "C4'" . G   B 2 4   ? -22.859 -2.826  -5.272  1.00 74.19  ? 4   G   B "C4'" 1 
ATOM   1505 O "O4'" . G   B 2 4   ? -21.562 -3.459  -5.103  1.00 78.51  ? 4   G   B "O4'" 1 
ATOM   1506 C "C3'" . G   B 2 4   ? -22.900 -1.727  -4.210  1.00 75.11  ? 4   G   B "C3'" 1 
ATOM   1507 O "O3'" . G   B 2 4   ? -24.209 -1.379  -3.766  1.00 74.05  ? 4   G   B "O3'" 1 
ATOM   1508 C "C2'" . G   B 2 4   ? -22.101 -2.350  -3.070  1.00 74.28  ? 4   G   B "C2'" 1 
ATOM   1509 O "O2'" . G   B 2 4   ? -22.836 -3.134  -2.144  1.00 73.41  ? 4   G   B "O2'" 1 
ATOM   1510 C "C1'" . G   B 2 4   ? -21.013 -3.103  -3.846  1.00 70.59  ? 4   G   B "C1'" 1 
ATOM   1511 N N9    . G   B 2 4   ? -19.838 -2.262  -4.062  1.00 61.63  ? 4   G   B N9    1 
ATOM   1512 C C8    . G   B 2 4   ? -19.427 -1.634  -5.216  1.00 56.94  ? 4   G   B C8    1 
ATOM   1513 N N7    . G   B 2 4   ? -18.372 -0.882  -5.042  1.00 50.39  ? 4   G   B N7    1 
ATOM   1514 C C5    . G   B 2 4   ? -18.093 -0.990  -3.687  1.00 48.70  ? 4   G   B C5    1 
ATOM   1515 C C6    . G   B 2 4   ? -17.033 -0.443  -2.920  1.00 50.53  ? 4   G   B C6    1 
ATOM   1516 O O6    . G   B 2 4   ? -16.113 0.297   -3.293  1.00 52.46  ? 4   G   B O6    1 
ATOM   1517 N N1    . G   B 2 4   ? -17.113 -0.831  -1.585  1.00 46.85  ? 4   G   B N1    1 
ATOM   1518 C C2    . G   B 2 4   ? -18.084 -1.652  -1.056  1.00 49.78  ? 4   G   B C2    1 
ATOM   1519 N N2    . G   B 2 4   ? -17.994 -1.910  0.257   1.00 48.73  ? 4   G   B N2    1 
ATOM   1520 N N3    . G   B 2 4   ? -19.065 -2.185  -1.763  1.00 45.86  ? 4   G   B N3    1 
ATOM   1521 C C4    . G   B 2 4   ? -18.993 -1.836  -3.066  1.00 54.56  ? 4   G   B C4    1 
ATOM   1522 P P     . A   B 2 5   ? -24.626 0.163   -3.524  1.00 74.57  ? 5   A   B P     1 
ATOM   1523 O OP1   . A   B 2 5   ? -26.057 0.173   -3.133  1.00 84.07  ? 5   A   B OP1   1 
ATOM   1524 O OP2   . A   B 2 5   ? -24.151 0.995   -4.680  1.00 54.30  ? 5   A   B OP2   1 
ATOM   1525 O "O5'" . A   B 2 5   ? -23.817 0.589   -2.222  1.00 66.31  ? 5   A   B "O5'" 1 
ATOM   1526 C "C5'" . A   B 2 5   ? -23.874 -0.161  -0.998  1.00 70.03  ? 5   A   B "C5'" 1 
ATOM   1527 C "C4'" . A   B 2 5   ? -22.723 0.243   -0.101  1.00 74.15  ? 5   A   B "C4'" 1 
ATOM   1528 O "O4'" . A   B 2 5   ? -21.449 -0.079  -0.728  1.00 69.38  ? 5   A   B "O4'" 1 
ATOM   1529 C "C3'" . A   B 2 5   ? -22.616 1.732   0.214   1.00 73.83  ? 5   A   B "C3'" 1 
ATOM   1530 O "O3'" . A   B 2 5   ? -23.497 2.034   1.293   1.00 70.32  ? 5   A   B "O3'" 1 
ATOM   1531 C "C2'" . A   B 2 5   ? -21.147 1.853   0.609   1.00 73.65  ? 5   A   B "C2'" 1 
ATOM   1532 O "O2'" . A   B 2 5   ? -20.921 1.442   1.944   1.00 74.97  ? 5   A   B "O2'" 1 
ATOM   1533 C "C1'" . A   B 2 5   ? -20.481 0.897   -0.387  1.00 64.51  ? 5   A   B "C1'" 1 
ATOM   1534 N N9    . A   B 2 5   ? -19.998 1.535   -1.620  1.00 58.69  ? 5   A   B N9    1 
ATOM   1535 C C8    . A   B 2 5   ? -20.553 1.505   -2.876  1.00 60.90  ? 5   A   B C8    1 
ATOM   1536 N N7    . A   B 2 5   ? -19.861 2.165   -3.776  1.00 62.46  ? 5   A   B N7    1 
ATOM   1537 C C5    . A   B 2 5   ? -18.780 2.666   -3.065  1.00 55.18  ? 5   A   B C5    1 
ATOM   1538 C C6    . A   B 2 5   ? -17.682 3.460   -3.447  1.00 60.64  ? 5   A   B C6    1 
ATOM   1539 N N6    . A   B 2 5   ? -17.489 3.906   -4.692  1.00 66.12  ? 5   A   B N6    1 
ATOM   1540 N N1    . A   B 2 5   ? -16.789 3.801   -2.489  1.00 50.86  ? 5   A   B N1    1 
ATOM   1541 C C2    . A   B 2 5   ? -16.977 3.339   -1.244  1.00 54.55  ? 5   A   B C2    1 
ATOM   1542 N N3    . A   B 2 5   ? -17.964 2.581   -0.765  1.00 56.86  ? 5   A   B N3    1 
ATOM   1543 C C4    . A   B 2 5   ? -18.853 2.290   -1.734  1.00 55.43  ? 5   A   B C4    1 
ATOM   1544 P P     . C   B 2 6   ? -24.351 3.397   1.335   1.00 77.59  ? 6   C   B P     1 
ATOM   1545 O OP1   . C   B 2 6   ? -25.299 3.274   2.472   1.00 80.80  ? 6   C   B OP1   1 
ATOM   1546 O OP2   . C   B 2 6   ? -24.849 3.695   -0.034  1.00 62.80  ? 6   C   B OP2   1 
ATOM   1547 O "O5'" . C   B 2 6   ? -23.298 4.544   1.690   1.00 68.57  ? 6   C   B "O5'" 1 
ATOM   1548 C "C5'" . C   B 2 6   ? -22.431 4.483   2.839   1.00 74.26  ? 6   C   B "C5'" 1 
ATOM   1549 C "C4'" . C   B 2 6   ? -21.276 5.445   2.657   1.00 76.92  ? 6   C   B "C4'" 1 
ATOM   1550 O "O4'" . C   B 2 6   ? -20.503 5.083   1.486   1.00 75.16  ? 6   C   B "O4'" 1 
ATOM   1551 C "C3'" . C   B 2 6   ? -21.704 6.896   2.474   1.00 81.42  ? 6   C   B "C3'" 1 
ATOM   1552 O "O3'" . C   B 2 6   ? -21.117 7.723   3.461   1.00 89.41  ? 6   C   B "O3'" 1 
ATOM   1553 C "C2'" . C   B 2 6   ? -21.349 7.238   1.029   1.00 77.91  ? 6   C   B "C2'" 1 
ATOM   1554 O "O2'" . C   B 2 6   ? -20.974 8.585   0.808   1.00 72.80  ? 6   C   B "O2'" 1 
ATOM   1555 C "C1'" . C   B 2 6   ? -20.242 6.233   0.709   1.00 78.16  ? 6   C   B "C1'" 1 
ATOM   1556 N N1    . C   B 2 6   ? -20.287 5.872   -0.729  1.00 76.18  ? 6   C   B N1    1 
ATOM   1557 C C2    . C   B 2 6   ? -19.381 6.478   -1.613  1.00 71.48  ? 6   C   B C2    1 
ATOM   1558 O O2    . C   B 2 6   ? -18.511 7.237   -1.156  1.00 70.81  ? 6   C   B O2    1 
ATOM   1559 N N3    . C   B 2 6   ? -19.466 6.207   -2.936  1.00 68.64  ? 6   C   B N3    1 
ATOM   1560 C C4    . C   B 2 6   ? -20.421 5.389   -3.390  1.00 74.12  ? 6   C   B C4    1 
ATOM   1561 N N4    . C   B 2 6   ? -20.453 5.132   -4.701  1.00 70.42  ? 6   C   B N4    1 
ATOM   1562 C C5    . C   B 2 6   ? -21.361 4.768   -2.515  1.00 73.55  ? 6   C   B C5    1 
ATOM   1563 C C6    . C   B 2 6   ? -21.270 5.049   -1.209  1.00 76.38  ? 6   C   B C6    1 
ATOM   1564 P P     . U   B 2 7   ? -22.040 8.309   4.625   1.00 91.01  ? 7   U   B P     1 
ATOM   1565 O OP1   . U   B 2 7   ? -21.559 7.769   5.922   1.00 82.99  ? 7   U   B OP1   1 
ATOM   1566 O OP2   . U   B 2 7   ? -23.483 8.180   4.223   1.00 72.62  ? 7   U   B OP2   1 
ATOM   1567 O "O5'" . U   B 2 7   ? -21.660 9.847   4.632   1.00 81.98  ? 7   U   B "O5'" 1 
ATOM   1568 C "C5'" . U   B 2 7   ? -21.360 10.609  3.457   1.00 79.73  ? 7   U   B "C5'" 1 
ATOM   1569 C "C4'" . U   B 2 7   ? -20.905 11.959  3.937   1.00 82.49  ? 7   U   B "C4'" 1 
ATOM   1570 O "O4'" . U   B 2 7   ? -21.869 12.419  4.933   1.00 77.03  ? 7   U   B "O4'" 1 
ATOM   1571 C "C3'" . U   B 2 7   ? -19.539 11.944  4.630   1.00 74.64  ? 7   U   B "C3'" 1 
ATOM   1572 O "O3'" . U   B 2 7   ? -18.709 13.042  4.258   1.00 79.87  ? 7   U   B "O3'" 1 
ATOM   1573 C "C2'" . U   B 2 7   ? -19.905 11.936  6.111   1.00 74.24  ? 7   U   B "C2'" 1 
ATOM   1574 O "O2'" . U   B 2 7   ? -18.923 12.440  6.997   1.00 72.51  ? 7   U   B "O2'" 1 
ATOM   1575 C "C1'" . U   B 2 7   ? -21.181 12.776  6.110   1.00 77.97  ? 7   U   B "C1'" 1 
ATOM   1576 N N1    . U   B 2 7   ? -22.042 12.543  7.286   1.00 68.11  ? 7   U   B N1    1 
ATOM   1577 C C2    . U   B 2 7   ? -22.042 13.519  8.265   1.00 66.19  ? 7   U   B C2    1 
ATOM   1578 O O2    . U   B 2 7   ? -21.421 14.567  8.160   1.00 61.55  ? 7   U   B O2    1 
ATOM   1579 N N3    . U   B 2 7   ? -22.805 13.229  9.368   1.00 67.35  ? 7   U   B N3    1 
ATOM   1580 C C4    . U   B 2 7   ? -23.552 12.092  9.593   1.00 72.71  ? 7   U   B C4    1 
ATOM   1581 O O4    . U   B 2 7   ? -24.197 11.988  10.639  1.00 83.84  ? 7   U   B O4    1 
ATOM   1582 C C5    . U   B 2 7   ? -23.496 11.126  8.539   1.00 68.35  ? 7   U   B C5    1 
ATOM   1583 C C6    . U   B 2 7   ? -22.748 11.371  7.454   1.00 67.17  ? 7   U   B C6    1 
ATOM   1584 P P     . A   B 2 8   ? -17.120 13.021  4.563   1.00 77.46  ? 8   A   B P     1 
ATOM   1585 O OP1   . A   B 2 8   ? -16.674 11.615  4.629   1.00 86.14  ? 8   A   B OP1   1 
ATOM   1586 O OP2   . A   B 2 8   ? -16.858 13.904  5.709   1.00 83.12  ? 8   A   B OP2   1 
ATOM   1587 O "O5'" . A   B 2 8   ? -16.494 13.730  3.281   1.00 82.34  ? 8   A   B "O5'" 1 
ATOM   1588 C "C5'" . A   B 2 8   ? -16.998 13.496  1.955   1.00 80.73  ? 8   A   B "C5'" 1 
ATOM   1589 C "C4'" . A   B 2 8   ? -16.415 14.520  1.009   1.00 85.18  ? 8   A   B "C4'" 1 
ATOM   1590 O "O4'" . A   B 2 8   ? -16.881 15.828  1.410   1.00 84.39  ? 8   A   B "O4'" 1 
ATOM   1591 C "C3'" . A   B 2 8   ? -14.883 14.579  0.933   1.00 78.46  ? 8   A   B "C3'" 1 
ATOM   1592 O "O3'" . A   B 2 8   ? -14.321 14.640  -0.373  1.00 82.26  ? 8   A   B "O3'" 1 
ATOM   1593 C "C2'" . A   B 2 8   ? -14.509 15.913  1.570   1.00 76.75  ? 8   A   B "C2'" 1 
ATOM   1594 O "O2'" . A   B 2 8   ? -13.434 16.514  0.861   1.00 73.61  ? 8   A   B "O2'" 1 
ATOM   1595 C "C1'" . A   B 2 8   ? -15.804 16.726  1.466   1.00 72.55  ? 8   A   B "C1'" 1 
ATOM   1596 N N9    . A   B 2 8   ? -15.994 17.573  2.638   1.00 62.24  ? 8   A   B N9    1 
ATOM   1597 C C8    . A   B 2 8   ? -16.173 17.167  3.939   1.00 67.46  ? 8   A   B C8    1 
ATOM   1598 N N7    . A   B 2 8   ? -16.231 18.156  4.797   1.00 65.25  ? 8   A   B N7    1 
ATOM   1599 C C5    . A   B 2 8   ? -16.069 19.289  4.011   1.00 64.70  ? 8   A   B C5    1 
ATOM   1600 C C6    . A   B 2 8   ? -16.050 20.659  4.319   1.00 64.06  ? 8   A   B C6    1 
ATOM   1601 N N6    . A   B 2 8   ? -16.199 21.143  5.554   1.00 69.53  ? 8   A   B N6    1 
ATOM   1602 N N1    . A   B 2 8   ? -15.865 21.529  3.302   1.00 68.27  ? 8   A   B N1    1 
ATOM   1603 C C2    . A   B 2 8   ? -15.715 21.044  2.063   1.00 65.90  ? 8   A   B C2    1 
ATOM   1604 N N3    . A   B 2 8   ? -15.714 19.779  1.650   1.00 60.35  ? 8   A   B N3    1 
ATOM   1605 C C4    . A   B 2 8   ? -15.907 18.942  2.682   1.00 61.06  ? 8   A   B C4    1 
ATOM   1606 P P     . G   B 2 9   ? -14.557 13.464  -1.413  1.00 85.19  ? 9   G   B P     1 
ATOM   1607 O OP1   . G   B 2 9   ? -15.325 12.385  -0.747  1.00 74.72  ? 9   G   B OP1   1 
ATOM   1608 O OP2   . G   B 2 9   ? -13.260 13.176  -2.057  1.00 96.45  ? 9   G   B OP2   1 
ATOM   1609 O "O5'" . G   B 2 9   ? -15.543 14.108  -2.479  1.00 88.27  ? 9   G   B "O5'" 1 
ATOM   1610 C "C5'" . G   B 2 9   ? -15.753 15.525  -2.503  1.00 90.96  ? 9   G   B "C5'" 1 
ATOM   1611 C "C4'" . G   B 2 9   ? -16.728 15.879  -3.591  1.00 89.97  ? 9   G   B "C4'" 1 
ATOM   1612 O "O4'" . G   B 2 9   ? -17.295 17.178  -3.314  1.00 98.95  ? 9   G   B "O4'" 1 
ATOM   1613 C "C3'" . G   B 2 9   ? -16.132 16.012  -4.978  1.00 95.19  ? 9   G   B "C3'" 1 
ATOM   1614 O "O3'" . G   B 2 9   ? -17.161 15.753  -5.919  1.00 97.68  ? 9   G   B "O3'" 1 
ATOM   1615 C "C2'" . G   B 2 9   ? -15.618 17.448  -4.981  1.00 99.52  ? 9   G   B "C2'" 1 
ATOM   1616 O "O2'" . G   B 2 9   ? -15.516 18.019  -6.271  1.00 106.34 ? 9   G   B "O2'" 1 
ATOM   1617 C "C1'" . G   B 2 9   ? -16.657 18.156  -4.106  1.00 100.60 ? 9   G   B "C1'" 1 
ATOM   1618 N N9    . G   B 2 9   ? -16.081 19.157  -3.215  1.00 102.45 ? 9   G   B N9    1 
ATOM   1619 C C8    . G   B 2 9   ? -15.363 18.950  -2.060  1.00 107.88 ? 9   G   B C8    1 
ATOM   1620 N N7    . G   B 2 9   ? -14.971 20.060  -1.496  1.00 103.04 ? 9   G   B N7    1 
ATOM   1621 C C5    . G   B 2 9   ? -15.463 21.057  -2.325  1.00 106.63 ? 9   G   B C5    1 
ATOM   1622 C C6    . G   B 2 9   ? -15.361 22.468  -2.224  1.00 116.29 ? 9   G   B C6    1 
ATOM   1623 O O6    . G   B 2 9   ? -14.797 23.140  -1.352  1.00 117.60 ? 9   G   B O6    1 
ATOM   1624 N N1    . G   B 2 9   ? -16.002 23.103  -3.284  1.00 124.06 ? 9   G   B N1    1 
ATOM   1625 C C2    . G   B 2 9   ? -16.655 22.462  -4.311  1.00 130.66 ? 9   G   B C2    1 
ATOM   1626 N N2    . G   B 2 9   ? -17.206 23.245  -5.251  1.00 145.25 ? 9   G   B N2    1 
ATOM   1627 N N3    . G   B 2 9   ? -16.767 21.149  -4.408  1.00 117.74 ? 9   G   B N3    1 
ATOM   1628 C C4    . G   B 2 9   ? -16.154 20.515  -3.388  1.00 105.86 ? 9   G   B C4    1 
ATOM   1629 P P     . C   B 2 10  ? -16.861 14.744  -7.082  1.00 76.88  ? 10  C   B P     1 
ATOM   1630 O OP1   . C   B 2 10  ? -18.085 13.990  -7.377  1.00 78.59  ? 10  C   B OP1   1 
ATOM   1631 O OP2   . C   B 2 10  ? -15.645 14.013  -6.735  1.00 75.20  ? 10  C   B OP2   1 
ATOM   1632 O "O5'" . C   B 2 10  ? -16.604 15.720  -8.306  1.00 78.76  ? 10  C   B "O5'" 1 
HETATM 1633 O O     . HOH C 3 .   ? 15.375  19.609  2.246   1.00 55.41  ? 201 HOH A O     1 
HETATM 1634 O O     . HOH C 3 .   ? -6.978  -18.479 -6.288  1.00 46.81  ? 202 HOH A O     1 
HETATM 1635 O O     . HOH C 3 .   ? -11.742 -15.778 -9.258  1.00 49.07  ? 203 HOH A O     1 
HETATM 1636 O O     . HOH C 3 .   ? -11.891 0.944   11.467  1.00 58.20  ? 204 HOH A O     1 
HETATM 1637 O O     . HOH C 3 .   ? -8.017  -22.788 -11.742 1.00 49.48  ? 205 HOH A O     1 
HETATM 1638 O O     . HOH C 3 .   ? 8.453   10.449  14.327  1.00 52.46  ? 206 HOH A O     1 
# 
loop_
_pdbx_poly_seq_scheme.asym_id 
_pdbx_poly_seq_scheme.entity_id 
_pdbx_poly_seq_scheme.seq_id 
_pdbx_poly_seq_scheme.mon_id 
_pdbx_poly_seq_scheme.ndb_seq_num 
_pdbx_poly_seq_scheme.pdb_seq_num 
_pdbx_poly_seq_scheme.auth_seq_num 
_pdbx_poly_seq_scheme.pdb_mon_id 
_pdbx_poly_seq_scheme.auth_mon_id 
_pdbx_poly_seq_scheme.pdb_strand_id 
_pdbx_poly_seq_scheme.pdb_ins_code 
_pdbx_poly_seq_scheme.hetero 
A 1 1   ARG 1   12  ?   ?   ?   A . n 
A 1 2   LYS 2   13  ?   ?   ?   A . n 
A 1 3   LYS 3   14  ?   ?   ?   A . n 
A 1 4   ARG 4   15  15  ARG ARG A . n 
A 1 5   GLU 5   16  16  GLU GLU A . n 
A 1 6   LYS 6   17  17  LYS LYS A . n 
A 1 7   GLU 7   18  18  GLU GLU A . n 
A 1 8   GLN 8   19  19  GLN GLN A . n 
A 1 9   PHE 9   20  20  PHE PHE A . n 
A 1 10  ARG 10  21  21  ARG ARG A . n 
A 1 11  LYS 11  22  22  LYS LYS A . n 
A 1 12  LEU 12  23  23  LEU LEU A . n 
A 1 13  PHE 13  24  24  PHE PHE A . n 
A 1 14  ILE 14  25  25  ILE ILE A . n 
A 1 15  GLY 15  26  26  GLY GLY A . n 
A 1 16  GLY 16  27  27  GLY GLY A . n 
A 1 17  LEU 17  28  28  LEU LEU A . n 
A 1 18  SER 18  29  29  SER SER A . n 
A 1 19  PHE 19  30  30  PHE PHE A . n 
A 1 20  GLU 20  31  31  GLU GLU A . n 
A 1 21  THR 21  32  32  THR THR A . n 
A 1 22  THR 22  33  33  THR THR A . n 
A 1 23  GLU 23  34  34  GLU GLU A . n 
A 1 24  GLU 24  35  35  GLU GLU A . n 
A 1 25  SER 25  36  36  SER SER A . n 
A 1 26  LEU 26  37  37  LEU LEU A . n 
A 1 27  ARG 27  38  38  ARG ARG A . n 
A 1 28  ASN 28  39  39  ASN ASN A . n 
A 1 29  TYR 29  40  40  TYR TYR A . n 
A 1 30  TYR 30  41  41  TYR TYR A . n 
A 1 31  GLU 31  42  42  GLU GLU A . n 
A 1 32  GLN 32  43  43  GLN GLN A . n 
A 1 33  TRP 33  44  44  TRP TRP A . n 
A 1 34  GLY 34  45  45  GLY GLY A . n 
A 1 35  LYS 35  46  46  LYS LYS A . n 
A 1 36  LEU 36  47  47  LEU LEU A . n 
A 1 37  THR 37  48  48  THR THR A . n 
A 1 38  ASP 38  49  49  ASP ASP A . n 
A 1 39  CYS 39  50  50  CYS CYS A . n 
A 1 40  VAL 40  51  51  VAL VAL A . n 
A 1 41  VAL 41  52  52  VAL VAL A . n 
A 1 42  MET 42  53  53  MET MET A . n 
A 1 43  ARG 43  54  54  ARG ARG A . n 
A 1 44  ASP 44  55  55  ASP ASP A . n 
A 1 45  PRO 45  56  56  PRO PRO A . n 
A 1 46  ALA 46  57  57  ALA ALA A . n 
A 1 47  SER 47  58  58  SER SER A . n 
A 1 48  LYS 48  59  59  LYS LYS A . n 
A 1 49  ARG 49  60  60  ARG ARG A . n 
A 1 50  SER 50  61  61  SER SER A . n 
A 1 51  ARG 51  62  62  ARG ARG A . n 
A 1 52  GLY 52  63  63  GLY GLY A . n 
A 1 53  PHE 53  64  64  PHE PHE A . n 
A 1 54  GLY 54  65  65  GLY GLY A . n 
A 1 55  PHE 55  66  66  PHE PHE A . n 
A 1 56  VAL 56  67  67  VAL VAL A . n 
A 1 57  THR 57  68  68  THR THR A . n 
A 1 58  PHE 58  69  69  PHE PHE A . n 
A 1 59  SER 59  70  70  SER SER A . n 
A 1 60  SER 60  71  71  SER SER A . n 
A 1 61  MET 61  72  72  MET MET A . n 
A 1 62  ALA 62  73  73  ALA ALA A . n 
A 1 63  GLU 63  74  74  GLU GLU A . n 
A 1 64  VAL 64  75  75  VAL VAL A . n 
A 1 65  ASP 65  76  76  ASP ASP A . n 
A 1 66  ALA 66  77  77  ALA ALA A . n 
A 1 67  ALA 67  78  78  ALA ALA A . n 
A 1 68  MET 68  79  79  MET MET A . n 
A 1 69  ALA 69  80  80  ALA ALA A . n 
A 1 70  ALA 70  81  81  ALA ALA A . n 
A 1 71  ARG 71  82  82  ARG ARG A . n 
A 1 72  PRO 72  83  83  PRO PRO A . n 
A 1 73  HIS 73  84  84  HIS HIS A . n 
A 1 74  SER 74  85  85  SER SER A . n 
A 1 75  ILE 75  86  86  ILE ILE A . n 
A 1 76  ASP 76  87  87  ASP ASP A . n 
A 1 77  GLY 77  88  88  GLY GLY A . n 
A 1 78  ARG 78  89  89  ARG ARG A . n 
A 1 79  VAL 79  90  90  VAL VAL A . n 
A 1 80  VAL 80  91  91  VAL VAL A . n 
A 1 81  GLU 81  92  92  GLU GLU A . n 
A 1 82  PRO 82  93  93  PRO PRO A . n 
A 1 83  LYS 83  94  94  LYS LYS A . n 
A 1 84  ARG 84  95  95  ARG ARG A . n 
A 1 85  ALA 85  96  96  ALA ALA A . n 
A 1 86  VAL 86  97  97  VAL VAL A . n 
A 1 87  ALA 87  98  98  ALA ALA A . n 
A 1 88  ARG 88  99  99  ARG ARG A . n 
A 1 89  GLU 89  100 100 GLU GLU A . n 
A 1 90  GLU 90  101 101 GLU GLU A . n 
A 1 91  SER 91  102 102 SER SER A . n 
A 1 92  GLY 92  103 103 GLY GLY A . n 
A 1 93  LYS 93  104 104 LYS LYS A . n 
A 1 94  PRO 94  105 105 PRO PRO A . n 
A 1 95  GLY 95  106 106 GLY GLY A . n 
A 1 96  ALA 96  107 107 ALA ALA A . n 
A 1 97  HIS 97  108 108 HIS HIS A . n 
A 1 98  VAL 98  109 109 VAL VAL A . n 
A 1 99  THR 99  110 110 THR THR A . n 
A 1 100 VAL 100 111 111 VAL VAL A . n 
A 1 101 LYS 101 112 112 LYS LYS A . n 
A 1 102 LYS 102 113 113 LYS LYS A . n 
A 1 103 LEU 103 114 114 LEU LEU A . n 
A 1 104 PHE 104 115 115 PHE PHE A . n 
A 1 105 VAL 105 116 116 VAL VAL A . n 
A 1 106 GLY 106 117 117 GLY GLY A . n 
A 1 107 GLY 107 118 118 GLY GLY A . n 
A 1 108 ILE 108 119 119 ILE ILE A . n 
A 1 109 LYS 109 120 120 LYS LYS A . n 
A 1 110 GLU 110 121 121 GLU GLU A . n 
A 1 111 ASP 111 122 122 ASP ASP A . n 
A 1 112 THR 112 123 123 THR THR A . n 
A 1 113 GLU 113 124 124 GLU GLU A . n 
A 1 114 GLU 114 125 125 GLU GLU A . n 
A 1 115 HIS 115 126 126 HIS HIS A . n 
A 1 116 HIS 116 127 127 HIS HIS A . n 
A 1 117 LEU 117 128 128 LEU LEU A . n 
A 1 118 ARG 118 129 129 ARG ARG A . n 
A 1 119 ASP 119 130 130 ASP ASP A . n 
A 1 120 TYR 120 131 131 TYR TYR A . n 
A 1 121 PHE 121 132 132 PHE PHE A . n 
A 1 122 GLU 122 133 133 GLU GLU A . n 
A 1 123 GLU 123 134 134 GLU GLU A . n 
A 1 124 TYR 124 135 135 TYR TYR A . n 
A 1 125 GLY 125 136 136 GLY GLY A . n 
A 1 126 LYS 126 137 137 LYS LYS A . n 
A 1 127 ILE 127 138 138 ILE ILE A . n 
A 1 128 ASP 128 139 139 ASP ASP A . n 
A 1 129 THR 129 140 140 THR THR A . n 
A 1 130 ILE 130 141 141 ILE ILE A . n 
A 1 131 GLU 131 142 142 GLU GLU A . n 
A 1 132 ILE 132 143 143 ILE ILE A . n 
A 1 133 ILE 133 144 144 ILE ILE A . n 
A 1 134 THR 134 145 145 THR THR A . n 
A 1 135 ASP 135 146 146 ASP ASP A . n 
A 1 136 ARG 136 147 147 ARG ARG A . n 
A 1 137 GLN 137 148 ?   ?   ?   A . n 
A 1 138 SER 138 149 ?   ?   ?   A . n 
A 1 139 GLY 139 150 ?   ?   ?   A . n 
A 1 140 LYS 140 151 151 LYS LYS A . n 
A 1 141 LYS 141 152 152 LYS LYS A . n 
A 1 142 ARG 142 153 153 ARG ARG A . n 
A 1 143 GLY 143 154 154 GLY GLY A . n 
A 1 144 PHE 144 155 155 PHE PHE A . n 
A 1 145 GLY 145 156 156 GLY GLY A . n 
A 1 146 PHE 146 157 157 PHE PHE A . n 
A 1 147 VAL 147 158 158 VAL VAL A . n 
A 1 148 THR 148 159 159 THR THR A . n 
A 1 149 PHE 149 160 160 PHE PHE A . n 
A 1 150 ASP 150 161 161 ASP ASP A . n 
A 1 151 ASP 151 162 162 ASP ASP A . n 
A 1 152 HIS 152 163 163 HIS HIS A . n 
A 1 153 ASP 153 164 164 ASP ASP A . n 
A 1 154 PRO 154 165 165 PRO PRO A . n 
A 1 155 VAL 155 166 166 VAL VAL A . n 
A 1 156 ASP 156 167 167 ASP ASP A . n 
A 1 157 LYS 157 168 168 LYS LYS A . n 
A 1 158 ILE 158 169 169 ILE ILE A . n 
A 1 159 VAL 159 170 170 VAL VAL A . n 
A 1 160 LEU 160 171 171 LEU LEU A . n 
A 1 161 GLN 161 172 172 GLN GLN A . n 
A 1 162 LYS 162 173 173 LYS LYS A . n 
A 1 163 TYR 163 174 174 TYR TYR A . n 
A 1 164 HIS 164 175 175 HIS HIS A . n 
A 1 165 THR 165 176 176 THR THR A . n 
A 1 166 ILE 166 177 177 ILE ILE A . n 
A 1 167 ASN 167 178 178 ASN ASN A . n 
A 1 168 GLY 168 179 179 GLY GLY A . n 
A 1 169 HIS 169 180 180 HIS HIS A . n 
A 1 170 ASN 170 181 181 ASN ASN A . n 
A 1 171 ALA 171 182 182 ALA ALA A . n 
A 1 172 GLU 172 183 183 GLU GLU A . n 
A 1 173 VAL 173 184 184 VAL VAL A . n 
A 1 174 ARG 174 185 185 ARG ARG A . n 
A 1 175 LYS 175 186 186 LYS LYS A . n 
A 1 176 ALA 176 187 187 ALA ALA A . n 
A 1 177 LEU 177 188 188 LEU LEU A . n 
A 1 178 SER 178 189 189 SER SER A . n 
A 1 179 ARG 179 190 190 ARG ARG A . n 
A 1 180 GLN 180 191 191 GLN GLN A . n 
A 1 181 GLU 181 192 ?   ?   ?   A . n 
A 1 182 MET 182 193 ?   ?   ?   A . n 
A 1 183 GLN 183 194 ?   ?   ?   A . n 
A 1 184 GLU 184 195 ?   ?   ?   A . n 
B 2 1   A   1   1   1   A   A   B . n 
B 2 2   G   2   2   2   G   G   B . n 
B 2 3   G   3   3   3   G   G   B . n 
B 2 4   G   4   4   4   G   G   B . n 
B 2 5   A   5   5   5   A   A   B . n 
B 2 6   C   6   6   6   C   C   B . n 
B 2 7   U   7   7   7   U   U   B . n 
B 2 8   A   8   8   8   A   A   B . n 
B 2 9   G   9   9   9   G   G   B . n 
B 2 10  C   10  10  10  C   C   B . n 
# 
loop_
_pdbx_nonpoly_scheme.asym_id 
_pdbx_nonpoly_scheme.entity_id 
_pdbx_nonpoly_scheme.mon_id 
_pdbx_nonpoly_scheme.ndb_seq_num 
_pdbx_nonpoly_scheme.pdb_seq_num 
_pdbx_nonpoly_scheme.auth_seq_num 
_pdbx_nonpoly_scheme.pdb_mon_id 
_pdbx_nonpoly_scheme.auth_mon_id 
_pdbx_nonpoly_scheme.pdb_strand_id 
_pdbx_nonpoly_scheme.pdb_ins_code 
C 3 HOH 1 201 3 HOH HOH A . 
C 3 HOH 2 202 4 HOH HOH A . 
C 3 HOH 3 203 2 HOH HOH A . 
C 3 HOH 4 204 6 HOH HOH A . 
C 3 HOH 5 205 7 HOH HOH A . 
C 3 HOH 6 206 5 HOH HOH A . 
# 
_pdbx_struct_assembly.id                   1 
_pdbx_struct_assembly.details              author_and_software_defined_assembly 
_pdbx_struct_assembly.method_details       PISA 
_pdbx_struct_assembly.oligomeric_details   dimeric 
_pdbx_struct_assembly.oligomeric_count     2 
# 
_pdbx_struct_assembly_gen.assembly_id       1 
_pdbx_struct_assembly_gen.oper_expression   1 
_pdbx_struct_assembly_gen.asym_id_list      A,B,C 
# 
loop_
_pdbx_struct_assembly_prop.biol_id 
_pdbx_struct_assembly_prop.type 
_pdbx_struct_assembly_prop.value 
_pdbx_struct_assembly_prop.details 
1 'ABSA (A^2)' 1210  ? 
1 MORE         -0    ? 
1 'SSA (A^2)'  11590 ? 
# 
_pdbx_struct_oper_list.id                   1 
_pdbx_struct_oper_list.type                 'identity operation' 
_pdbx_struct_oper_list.name                 1_555 
_pdbx_struct_oper_list.symmetry_operation   x,y,z 
_pdbx_struct_oper_list.matrix[1][1]         1.0000000000 
_pdbx_struct_oper_list.matrix[1][2]         0.0000000000 
_pdbx_struct_oper_list.matrix[1][3]         0.0000000000 
_pdbx_struct_oper_list.vector[1]            0.0000000000 
_pdbx_struct_oper_list.matrix[2][1]         0.0000000000 
_pdbx_struct_oper_list.matrix[2][2]         1.0000000000 
_pdbx_struct_oper_list.matrix[2][3]         0.0000000000 
_pdbx_struct_oper_list.vector[2]            0.0000000000 
_pdbx_struct_oper_list.matrix[3][1]         0.0000000000 
_pdbx_struct_oper_list.matrix[3][2]         0.0000000000 
_pdbx_struct_oper_list.matrix[3][3]         1.0000000000 
_pdbx_struct_oper_list.vector[3]            0.0000000000 
# 
loop_
_pdbx_audit_revision_history.ordinal 
_pdbx_audit_revision_history.data_content_type 
_pdbx_audit_revision_history.major_revision 
_pdbx_audit_revision_history.minor_revision 
_pdbx_audit_revision_history.revision_date 
1 'Structure model' 1 0 2018-01-17 
2 'Structure model' 1 1 2018-02-07 
3 'Structure model' 1 2 2018-02-14 
4 'Structure model' 1 3 2023-11-22 
# 
_pdbx_audit_revision_details.ordinal             1 
_pdbx_audit_revision_details.revision_ordinal    1 
_pdbx_audit_revision_details.data_content_type   'Structure model' 
_pdbx_audit_revision_details.provider            repository 
_pdbx_audit_revision_details.type                'Initial release' 
_pdbx_audit_revision_details.description         ? 
_pdbx_audit_revision_details.details             ? 
# 
loop_
_pdbx_audit_revision_group.ordinal 
_pdbx_audit_revision_group.revision_ordinal 
_pdbx_audit_revision_group.data_content_type 
_pdbx_audit_revision_group.group 
1 2 'Structure model' 'Database references'    
2 3 'Structure model' 'Database references'    
3 4 'Structure model' 'Data collection'        
4 4 'Structure model' 'Database references'    
5 4 'Structure model' 'Refinement description' 
# 
loop_
_pdbx_audit_revision_category.ordinal 
_pdbx_audit_revision_category.revision_ordinal 
_pdbx_audit_revision_category.data_content_type 
_pdbx_audit_revision_category.category 
1 2 'Structure model' citation                      
2 2 'Structure model' citation_author               
3 3 'Structure model' citation                      
4 3 'Structure model' citation_author               
5 4 'Structure model' chem_comp_atom                
6 4 'Structure model' chem_comp_bond                
7 4 'Structure model' database_2                    
8 4 'Structure model' pdbx_initial_refinement_model 
# 
loop_
_pdbx_audit_revision_item.ordinal 
_pdbx_audit_revision_item.revision_ordinal 
_pdbx_audit_revision_item.data_content_type 
_pdbx_audit_revision_item.item 
1  2 'Structure model' '_citation.country'                   
2  2 'Structure model' '_citation.journal_abbrev'            
3  2 'Structure model' '_citation.journal_id_CSD'            
4  2 'Structure model' '_citation.journal_id_ISSN'           
5  2 'Structure model' '_citation.journal_volume'            
6  2 'Structure model' '_citation.pdbx_database_id_DOI'      
7  2 'Structure model' '_citation.title'                     
8  2 'Structure model' '_citation.year'                      
9  3 'Structure model' '_citation.page_first'                
10 3 'Structure model' '_citation.page_last'                 
11 3 'Structure model' '_citation.pdbx_database_id_PubMed'   
12 3 'Structure model' '_citation.title'                     
13 3 'Structure model' '_citation_author.name'               
14 4 'Structure model' '_database_2.pdbx_DOI'                
15 4 'Structure model' '_database_2.pdbx_database_accession' 
# 
loop_
_software.citation_id 
_software.classification 
_software.compiler_name 
_software.compiler_version 
_software.contact_author 
_software.contact_author_email 
_software.date 
_software.description 
_software.dependencies 
_software.hardware 
_software.language 
_software.location 
_software.mods 
_software.name 
_software.os 
_software.os_version 
_software.type 
_software.version 
_software.pdbx_ordinal 
? refinement       ? ? ? ? ? ? ? ? ? ? ? REFMAC   ? ? ? 5.8.0135 1 
? 'data reduction' ? ? ? ? ? ? ? ? ? ? ? DENZO    ? ? ? .        2 
? 'data scaling'   ? ? ? ? ? ? ? ? ? ? ? HKL-3000 ? ? ? .        3 
? phasing          ? ? ? ? ? ? ? ? ? ? ? PHASER   ? ? ? .        4 
# 
_pdbx_validate_rmsd_angle.id                         1 
_pdbx_validate_rmsd_angle.PDB_model_num              1 
_pdbx_validate_rmsd_angle.auth_atom_id_1             NE 
_pdbx_validate_rmsd_angle.auth_asym_id_1             A 
_pdbx_validate_rmsd_angle.auth_comp_id_1             ARG 
_pdbx_validate_rmsd_angle.auth_seq_id_1              89 
_pdbx_validate_rmsd_angle.PDB_ins_code_1             ? 
_pdbx_validate_rmsd_angle.label_alt_id_1             ? 
_pdbx_validate_rmsd_angle.auth_atom_id_2             CZ 
_pdbx_validate_rmsd_angle.auth_asym_id_2             A 
_pdbx_validate_rmsd_angle.auth_comp_id_2             ARG 
_pdbx_validate_rmsd_angle.auth_seq_id_2              89 
_pdbx_validate_rmsd_angle.PDB_ins_code_2             ? 
_pdbx_validate_rmsd_angle.label_alt_id_2             ? 
_pdbx_validate_rmsd_angle.auth_atom_id_3             NH2 
_pdbx_validate_rmsd_angle.auth_asym_id_3             A 
_pdbx_validate_rmsd_angle.auth_comp_id_3             ARG 
_pdbx_validate_rmsd_angle.auth_seq_id_3              89 
_pdbx_validate_rmsd_angle.PDB_ins_code_3             ? 
_pdbx_validate_rmsd_angle.label_alt_id_3             ? 
_pdbx_validate_rmsd_angle.angle_value                123.78 
_pdbx_validate_rmsd_angle.angle_target_value         120.30 
_pdbx_validate_rmsd_angle.angle_deviation            3.48 
_pdbx_validate_rmsd_angle.angle_standard_deviation   0.50 
_pdbx_validate_rmsd_angle.linker_flag                N 
# 
loop_
_pdbx_validate_torsion.id 
_pdbx_validate_torsion.PDB_model_num 
_pdbx_validate_torsion.auth_comp_id 
_pdbx_validate_torsion.auth_asym_id 
_pdbx_validate_torsion.auth_seq_id 
_pdbx_validate_torsion.PDB_ins_code 
_pdbx_validate_torsion.label_alt_id 
_pdbx_validate_torsion.phi 
_pdbx_validate_torsion.psi 
1  1 GLN A 43  ? ? -65.75  1.74    
2  1 ASP A 49  ? ? -173.20 148.75  
3  1 VAL A 51  ? ? -173.54 124.27  
4  1 GLU A 100 ? ? -21.59  -45.08  
5  1 LYS A 120 ? ? 60.35   -174.09 
6  1 ASP A 122 ? ? -91.44  32.58   
7  1 ASP A 146 ? ? -131.79 -89.38  
8  1 LYS A 152 ? ? -178.24 117.52  
9  1 ASN A 181 ? ? -69.31  92.67   
10 1 SER A 189 ? ? -56.75  -124.84 
# 
loop_
_pdbx_unobs_or_zero_occ_atoms.id 
_pdbx_unobs_or_zero_occ_atoms.PDB_model_num 
_pdbx_unobs_or_zero_occ_atoms.polymer_flag 
_pdbx_unobs_or_zero_occ_atoms.occupancy_flag 
_pdbx_unobs_or_zero_occ_atoms.auth_asym_id 
_pdbx_unobs_or_zero_occ_atoms.auth_comp_id 
_pdbx_unobs_or_zero_occ_atoms.auth_seq_id 
_pdbx_unobs_or_zero_occ_atoms.PDB_ins_code 
_pdbx_unobs_or_zero_occ_atoms.auth_atom_id 
_pdbx_unobs_or_zero_occ_atoms.label_alt_id 
_pdbx_unobs_or_zero_occ_atoms.label_asym_id 
_pdbx_unobs_or_zero_occ_atoms.label_comp_id 
_pdbx_unobs_or_zero_occ_atoms.label_seq_id 
_pdbx_unobs_or_zero_occ_atoms.label_atom_id 
1  1 Y 1 B C 10 ? "C5'" ? B C 10 "C5'" 
2  1 Y 1 B C 10 ? "C4'" ? B C 10 "C4'" 
3  1 Y 1 B C 10 ? "O4'" ? B C 10 "O4'" 
4  1 Y 1 B C 10 ? "C3'" ? B C 10 "C3'" 
5  1 Y 1 B C 10 ? "O3'" ? B C 10 "O3'" 
6  1 Y 1 B C 10 ? "C2'" ? B C 10 "C2'" 
7  1 Y 1 B C 10 ? "O2'" ? B C 10 "O2'" 
8  1 Y 1 B C 10 ? "C1'" ? B C 10 "C1'" 
9  1 Y 1 B C 10 ? N1    ? B C 10 N1    
10 1 Y 1 B C 10 ? C2    ? B C 10 C2    
11 1 Y 1 B C 10 ? O2    ? B C 10 O2    
12 1 Y 1 B C 10 ? N3    ? B C 10 N3    
13 1 Y 1 B C 10 ? C4    ? B C 10 C4    
14 1 Y 1 B C 10 ? N4    ? B C 10 N4    
15 1 Y 1 B C 10 ? C5    ? B C 10 C5    
16 1 Y 1 B C 10 ? C6    ? B C 10 C6    
# 
loop_
_pdbx_unobs_or_zero_occ_residues.id 
_pdbx_unobs_or_zero_occ_residues.PDB_model_num 
_pdbx_unobs_or_zero_occ_residues.polymer_flag 
_pdbx_unobs_or_zero_occ_residues.occupancy_flag 
_pdbx_unobs_or_zero_occ_residues.auth_asym_id 
_pdbx_unobs_or_zero_occ_residues.auth_comp_id 
_pdbx_unobs_or_zero_occ_residues.auth_seq_id 
_pdbx_unobs_or_zero_occ_residues.PDB_ins_code 
_pdbx_unobs_or_zero_occ_residues.label_asym_id 
_pdbx_unobs_or_zero_occ_residues.label_comp_id 
_pdbx_unobs_or_zero_occ_residues.label_seq_id 
1  1 Y 1 A ARG 12  ? A ARG 1   
2  1 Y 1 A LYS 13  ? A LYS 2   
3  1 Y 1 A LYS 14  ? A LYS 3   
4  1 Y 1 A GLN 148 ? A GLN 137 
5  1 Y 1 A SER 149 ? A SER 138 
6  1 Y 1 A GLY 150 ? A GLY 139 
7  1 Y 1 A GLU 192 ? A GLU 181 
8  1 Y 1 A MET 193 ? A MET 182 
9  1 Y 1 A GLN 194 ? A GLN 183 
10 1 Y 1 A GLU 195 ? A GLU 184 
# 
loop_
_chem_comp_atom.comp_id 
_chem_comp_atom.atom_id 
_chem_comp_atom.type_symbol 
_chem_comp_atom.pdbx_aromatic_flag 
_chem_comp_atom.pdbx_stereo_config 
_chem_comp_atom.pdbx_ordinal 
A   OP3    O N N 1   
A   P      P N N 2   
A   OP1    O N N 3   
A   OP2    O N N 4   
A   "O5'"  O N N 5   
A   "C5'"  C N N 6   
A   "C4'"  C N R 7   
A   "O4'"  O N N 8   
A   "C3'"  C N S 9   
A   "O3'"  O N N 10  
A   "C2'"  C N R 11  
A   "O2'"  O N N 12  
A   "C1'"  C N R 13  
A   N9     N Y N 14  
A   C8     C Y N 15  
A   N7     N Y N 16  
A   C5     C Y N 17  
A   C6     C Y N 18  
A   N6     N N N 19  
A   N1     N Y N 20  
A   C2     C Y N 21  
A   N3     N Y N 22  
A   C4     C Y N 23  
A   HOP3   H N N 24  
A   HOP2   H N N 25  
A   "H5'"  H N N 26  
A   "H5''" H N N 27  
A   "H4'"  H N N 28  
A   "H3'"  H N N 29  
A   "HO3'" H N N 30  
A   "H2'"  H N N 31  
A   "HO2'" H N N 32  
A   "H1'"  H N N 33  
A   H8     H N N 34  
A   H61    H N N 35  
A   H62    H N N 36  
A   H2     H N N 37  
ALA N      N N N 38  
ALA CA     C N S 39  
ALA C      C N N 40  
ALA O      O N N 41  
ALA CB     C N N 42  
ALA OXT    O N N 43  
ALA H      H N N 44  
ALA H2     H N N 45  
ALA HA     H N N 46  
ALA HB1    H N N 47  
ALA HB2    H N N 48  
ALA HB3    H N N 49  
ALA HXT    H N N 50  
ARG N      N N N 51  
ARG CA     C N S 52  
ARG C      C N N 53  
ARG O      O N N 54  
ARG CB     C N N 55  
ARG CG     C N N 56  
ARG CD     C N N 57  
ARG NE     N N N 58  
ARG CZ     C N N 59  
ARG NH1    N N N 60  
ARG NH2    N N N 61  
ARG OXT    O N N 62  
ARG H      H N N 63  
ARG H2     H N N 64  
ARG HA     H N N 65  
ARG HB2    H N N 66  
ARG HB3    H N N 67  
ARG HG2    H N N 68  
ARG HG3    H N N 69  
ARG HD2    H N N 70  
ARG HD3    H N N 71  
ARG HE     H N N 72  
ARG HH11   H N N 73  
ARG HH12   H N N 74  
ARG HH21   H N N 75  
ARG HH22   H N N 76  
ARG HXT    H N N 77  
ASN N      N N N 78  
ASN CA     C N S 79  
ASN C      C N N 80  
ASN O      O N N 81  
ASN CB     C N N 82  
ASN CG     C N N 83  
ASN OD1    O N N 84  
ASN ND2    N N N 85  
ASN OXT    O N N 86  
ASN H      H N N 87  
ASN H2     H N N 88  
ASN HA     H N N 89  
ASN HB2    H N N 90  
ASN HB3    H N N 91  
ASN HD21   H N N 92  
ASN HD22   H N N 93  
ASN HXT    H N N 94  
ASP N      N N N 95  
ASP CA     C N S 96  
ASP C      C N N 97  
ASP O      O N N 98  
ASP CB     C N N 99  
ASP CG     C N N 100 
ASP OD1    O N N 101 
ASP OD2    O N N 102 
ASP OXT    O N N 103 
ASP H      H N N 104 
ASP H2     H N N 105 
ASP HA     H N N 106 
ASP HB2    H N N 107 
ASP HB3    H N N 108 
ASP HD2    H N N 109 
ASP HXT    H N N 110 
C   OP3    O N N 111 
C   P      P N N 112 
C   OP1    O N N 113 
C   OP2    O N N 114 
C   "O5'"  O N N 115 
C   "C5'"  C N N 116 
C   "C4'"  C N R 117 
C   "O4'"  O N N 118 
C   "C3'"  C N S 119 
C   "O3'"  O N N 120 
C   "C2'"  C N R 121 
C   "O2'"  O N N 122 
C   "C1'"  C N R 123 
C   N1     N N N 124 
C   C2     C N N 125 
C   O2     O N N 126 
C   N3     N N N 127 
C   C4     C N N 128 
C   N4     N N N 129 
C   C5     C N N 130 
C   C6     C N N 131 
C   HOP3   H N N 132 
C   HOP2   H N N 133 
C   "H5'"  H N N 134 
C   "H5''" H N N 135 
C   "H4'"  H N N 136 
C   "H3'"  H N N 137 
C   "HO3'" H N N 138 
C   "H2'"  H N N 139 
C   "HO2'" H N N 140 
C   "H1'"  H N N 141 
C   H41    H N N 142 
C   H42    H N N 143 
C   H5     H N N 144 
C   H6     H N N 145 
CYS N      N N N 146 
CYS CA     C N R 147 
CYS C      C N N 148 
CYS O      O N N 149 
CYS CB     C N N 150 
CYS SG     S N N 151 
CYS OXT    O N N 152 
CYS H      H N N 153 
CYS H2     H N N 154 
CYS HA     H N N 155 
CYS HB2    H N N 156 
CYS HB3    H N N 157 
CYS HG     H N N 158 
CYS HXT    H N N 159 
G   OP3    O N N 160 
G   P      P N N 161 
G   OP1    O N N 162 
G   OP2    O N N 163 
G   "O5'"  O N N 164 
G   "C5'"  C N N 165 
G   "C4'"  C N R 166 
G   "O4'"  O N N 167 
G   "C3'"  C N S 168 
G   "O3'"  O N N 169 
G   "C2'"  C N R 170 
G   "O2'"  O N N 171 
G   "C1'"  C N R 172 
G   N9     N Y N 173 
G   C8     C Y N 174 
G   N7     N Y N 175 
G   C5     C Y N 176 
G   C6     C N N 177 
G   O6     O N N 178 
G   N1     N N N 179 
G   C2     C N N 180 
G   N2     N N N 181 
G   N3     N N N 182 
G   C4     C Y N 183 
G   HOP3   H N N 184 
G   HOP2   H N N 185 
G   "H5'"  H N N 186 
G   "H5''" H N N 187 
G   "H4'"  H N N 188 
G   "H3'"  H N N 189 
G   "HO3'" H N N 190 
G   "H2'"  H N N 191 
G   "HO2'" H N N 192 
G   "H1'"  H N N 193 
G   H8     H N N 194 
G   H1     H N N 195 
G   H21    H N N 196 
G   H22    H N N 197 
GLN N      N N N 198 
GLN CA     C N S 199 
GLN C      C N N 200 
GLN O      O N N 201 
GLN CB     C N N 202 
GLN CG     C N N 203 
GLN CD     C N N 204 
GLN OE1    O N N 205 
GLN NE2    N N N 206 
GLN OXT    O N N 207 
GLN H      H N N 208 
GLN H2     H N N 209 
GLN HA     H N N 210 
GLN HB2    H N N 211 
GLN HB3    H N N 212 
GLN HG2    H N N 213 
GLN HG3    H N N 214 
GLN HE21   H N N 215 
GLN HE22   H N N 216 
GLN HXT    H N N 217 
GLU N      N N N 218 
GLU CA     C N S 219 
GLU C      C N N 220 
GLU O      O N N 221 
GLU CB     C N N 222 
GLU CG     C N N 223 
GLU CD     C N N 224 
GLU OE1    O N N 225 
GLU OE2    O N N 226 
GLU OXT    O N N 227 
GLU H      H N N 228 
GLU H2     H N N 229 
GLU HA     H N N 230 
GLU HB2    H N N 231 
GLU HB3    H N N 232 
GLU HG2    H N N 233 
GLU HG3    H N N 234 
GLU HE2    H N N 235 
GLU HXT    H N N 236 
GLY N      N N N 237 
GLY CA     C N N 238 
GLY C      C N N 239 
GLY O      O N N 240 
GLY OXT    O N N 241 
GLY H      H N N 242 
GLY H2     H N N 243 
GLY HA2    H N N 244 
GLY HA3    H N N 245 
GLY HXT    H N N 246 
HIS N      N N N 247 
HIS CA     C N S 248 
HIS C      C N N 249 
HIS O      O N N 250 
HIS CB     C N N 251 
HIS CG     C Y N 252 
HIS ND1    N Y N 253 
HIS CD2    C Y N 254 
HIS CE1    C Y N 255 
HIS NE2    N Y N 256 
HIS OXT    O N N 257 
HIS H      H N N 258 
HIS H2     H N N 259 
HIS HA     H N N 260 
HIS HB2    H N N 261 
HIS HB3    H N N 262 
HIS HD1    H N N 263 
HIS HD2    H N N 264 
HIS HE1    H N N 265 
HIS HE2    H N N 266 
HIS HXT    H N N 267 
HOH O      O N N 268 
HOH H1     H N N 269 
HOH H2     H N N 270 
ILE N      N N N 271 
ILE CA     C N S 272 
ILE C      C N N 273 
ILE O      O N N 274 
ILE CB     C N S 275 
ILE CG1    C N N 276 
ILE CG2    C N N 277 
ILE CD1    C N N 278 
ILE OXT    O N N 279 
ILE H      H N N 280 
ILE H2     H N N 281 
ILE HA     H N N 282 
ILE HB     H N N 283 
ILE HG12   H N N 284 
ILE HG13   H N N 285 
ILE HG21   H N N 286 
ILE HG22   H N N 287 
ILE HG23   H N N 288 
ILE HD11   H N N 289 
ILE HD12   H N N 290 
ILE HD13   H N N 291 
ILE HXT    H N N 292 
LEU N      N N N 293 
LEU CA     C N S 294 
LEU C      C N N 295 
LEU O      O N N 296 
LEU CB     C N N 297 
LEU CG     C N N 298 
LEU CD1    C N N 299 
LEU CD2    C N N 300 
LEU OXT    O N N 301 
LEU H      H N N 302 
LEU H2     H N N 303 
LEU HA     H N N 304 
LEU HB2    H N N 305 
LEU HB3    H N N 306 
LEU HG     H N N 307 
LEU HD11   H N N 308 
LEU HD12   H N N 309 
LEU HD13   H N N 310 
LEU HD21   H N N 311 
LEU HD22   H N N 312 
LEU HD23   H N N 313 
LEU HXT    H N N 314 
LYS N      N N N 315 
LYS CA     C N S 316 
LYS C      C N N 317 
LYS O      O N N 318 
LYS CB     C N N 319 
LYS CG     C N N 320 
LYS CD     C N N 321 
LYS CE     C N N 322 
LYS NZ     N N N 323 
LYS OXT    O N N 324 
LYS H      H N N 325 
LYS H2     H N N 326 
LYS HA     H N N 327 
LYS HB2    H N N 328 
LYS HB3    H N N 329 
LYS HG2    H N N 330 
LYS HG3    H N N 331 
LYS HD2    H N N 332 
LYS HD3    H N N 333 
LYS HE2    H N N 334 
LYS HE3    H N N 335 
LYS HZ1    H N N 336 
LYS HZ2    H N N 337 
LYS HZ3    H N N 338 
LYS HXT    H N N 339 
MET N      N N N 340 
MET CA     C N S 341 
MET C      C N N 342 
MET O      O N N 343 
MET CB     C N N 344 
MET CG     C N N 345 
MET SD     S N N 346 
MET CE     C N N 347 
MET OXT    O N N 348 
MET H      H N N 349 
MET H2     H N N 350 
MET HA     H N N 351 
MET HB2    H N N 352 
MET HB3    H N N 353 
MET HG2    H N N 354 
MET HG3    H N N 355 
MET HE1    H N N 356 
MET HE2    H N N 357 
MET HE3    H N N 358 
MET HXT    H N N 359 
PHE N      N N N 360 
PHE CA     C N S 361 
PHE C      C N N 362 
PHE O      O N N 363 
PHE CB     C N N 364 
PHE CG     C Y N 365 
PHE CD1    C Y N 366 
PHE CD2    C Y N 367 
PHE CE1    C Y N 368 
PHE CE2    C Y N 369 
PHE CZ     C Y N 370 
PHE OXT    O N N 371 
PHE H      H N N 372 
PHE H2     H N N 373 
PHE HA     H N N 374 
PHE HB2    H N N 375 
PHE HB3    H N N 376 
PHE HD1    H N N 377 
PHE HD2    H N N 378 
PHE HE1    H N N 379 
PHE HE2    H N N 380 
PHE HZ     H N N 381 
PHE HXT    H N N 382 
PRO N      N N N 383 
PRO CA     C N S 384 
PRO C      C N N 385 
PRO O      O N N 386 
PRO CB     C N N 387 
PRO CG     C N N 388 
PRO CD     C N N 389 
PRO OXT    O N N 390 
PRO H      H N N 391 
PRO HA     H N N 392 
PRO HB2    H N N 393 
PRO HB3    H N N 394 
PRO HG2    H N N 395 
PRO HG3    H N N 396 
PRO HD2    H N N 397 
PRO HD3    H N N 398 
PRO HXT    H N N 399 
SER N      N N N 400 
SER CA     C N S 401 
SER C      C N N 402 
SER O      O N N 403 
SER CB     C N N 404 
SER OG     O N N 405 
SER OXT    O N N 406 
SER H      H N N 407 
SER H2     H N N 408 
SER HA     H N N 409 
SER HB2    H N N 410 
SER HB3    H N N 411 
SER HG     H N N 412 
SER HXT    H N N 413 
THR N      N N N 414 
THR CA     C N S 415 
THR C      C N N 416 
THR O      O N N 417 
THR CB     C N R 418 
THR OG1    O N N 419 
THR CG2    C N N 420 
THR OXT    O N N 421 
THR H      H N N 422 
THR H2     H N N 423 
THR HA     H N N 424 
THR HB     H N N 425 
THR HG1    H N N 426 
THR HG21   H N N 427 
THR HG22   H N N 428 
THR HG23   H N N 429 
THR HXT    H N N 430 
TRP N      N N N 431 
TRP CA     C N S 432 
TRP C      C N N 433 
TRP O      O N N 434 
TRP CB     C N N 435 
TRP CG     C Y N 436 
TRP CD1    C Y N 437 
TRP CD2    C Y N 438 
TRP NE1    N Y N 439 
TRP CE2    C Y N 440 
TRP CE3    C Y N 441 
TRP CZ2    C Y N 442 
TRP CZ3    C Y N 443 
TRP CH2    C Y N 444 
TRP OXT    O N N 445 
TRP H      H N N 446 
TRP H2     H N N 447 
TRP HA     H N N 448 
TRP HB2    H N N 449 
TRP HB3    H N N 450 
TRP HD1    H N N 451 
TRP HE1    H N N 452 
TRP HE3    H N N 453 
TRP HZ2    H N N 454 
TRP HZ3    H N N 455 
TRP HH2    H N N 456 
TRP HXT    H N N 457 
TYR N      N N N 458 
TYR CA     C N S 459 
TYR C      C N N 460 
TYR O      O N N 461 
TYR CB     C N N 462 
TYR CG     C Y N 463 
TYR CD1    C Y N 464 
TYR CD2    C Y N 465 
TYR CE1    C Y N 466 
TYR CE2    C Y N 467 
TYR CZ     C Y N 468 
TYR OH     O N N 469 
TYR OXT    O N N 470 
TYR H      H N N 471 
TYR H2     H N N 472 
TYR HA     H N N 473 
TYR HB2    H N N 474 
TYR HB3    H N N 475 
TYR HD1    H N N 476 
TYR HD2    H N N 477 
TYR HE1    H N N 478 
TYR HE2    H N N 479 
TYR HH     H N N 480 
TYR HXT    H N N 481 
U   OP3    O N N 482 
U   P      P N N 483 
U   OP1    O N N 484 
U   OP2    O N N 485 
U   "O5'"  O N N 486 
U   "C5'"  C N N 487 
U   "C4'"  C N R 488 
U   "O4'"  O N N 489 
U   "C3'"  C N S 490 
U   "O3'"  O N N 491 
U   "C2'"  C N R 492 
U   "O2'"  O N N 493 
U   "C1'"  C N R 494 
U   N1     N N N 495 
U   C2     C N N 496 
U   O2     O N N 497 
U   N3     N N N 498 
U   C4     C N N 499 
U   O4     O N N 500 
U   C5     C N N 501 
U   C6     C N N 502 
U   HOP3   H N N 503 
U   HOP2   H N N 504 
U   "H5'"  H N N 505 
U   "H5''" H N N 506 
U   "H4'"  H N N 507 
U   "H3'"  H N N 508 
U   "HO3'" H N N 509 
U   "H2'"  H N N 510 
U   "HO2'" H N N 511 
U   "H1'"  H N N 512 
U   H3     H N N 513 
U   H5     H N N 514 
U   H6     H N N 515 
VAL N      N N N 516 
VAL CA     C N S 517 
VAL C      C N N 518 
VAL O      O N N 519 
VAL CB     C N N 520 
VAL CG1    C N N 521 
VAL CG2    C N N 522 
VAL OXT    O N N 523 
VAL H      H N N 524 
VAL H2     H N N 525 
VAL HA     H N N 526 
VAL HB     H N N 527 
VAL HG11   H N N 528 
VAL HG12   H N N 529 
VAL HG13   H N N 530 
VAL HG21   H N N 531 
VAL HG22   H N N 532 
VAL HG23   H N N 533 
VAL HXT    H N N 534 
# 
loop_
_chem_comp_bond.comp_id 
_chem_comp_bond.atom_id_1 
_chem_comp_bond.atom_id_2 
_chem_comp_bond.value_order 
_chem_comp_bond.pdbx_aromatic_flag 
_chem_comp_bond.pdbx_stereo_config 
_chem_comp_bond.pdbx_ordinal 
A   OP3   P      sing N N 1   
A   OP3   HOP3   sing N N 2   
A   P     OP1    doub N N 3   
A   P     OP2    sing N N 4   
A   P     "O5'"  sing N N 5   
A   OP2   HOP2   sing N N 6   
A   "O5'" "C5'"  sing N N 7   
A   "C5'" "C4'"  sing N N 8   
A   "C5'" "H5'"  sing N N 9   
A   "C5'" "H5''" sing N N 10  
A   "C4'" "O4'"  sing N N 11  
A   "C4'" "C3'"  sing N N 12  
A   "C4'" "H4'"  sing N N 13  
A   "O4'" "C1'"  sing N N 14  
A   "C3'" "O3'"  sing N N 15  
A   "C3'" "C2'"  sing N N 16  
A   "C3'" "H3'"  sing N N 17  
A   "O3'" "HO3'" sing N N 18  
A   "C2'" "O2'"  sing N N 19  
A   "C2'" "C1'"  sing N N 20  
A   "C2'" "H2'"  sing N N 21  
A   "O2'" "HO2'" sing N N 22  
A   "C1'" N9     sing N N 23  
A   "C1'" "H1'"  sing N N 24  
A   N9    C8     sing Y N 25  
A   N9    C4     sing Y N 26  
A   C8    N7     doub Y N 27  
A   C8    H8     sing N N 28  
A   N7    C5     sing Y N 29  
A   C5    C6     sing Y N 30  
A   C5    C4     doub Y N 31  
A   C6    N6     sing N N 32  
A   C6    N1     doub Y N 33  
A   N6    H61    sing N N 34  
A   N6    H62    sing N N 35  
A   N1    C2     sing Y N 36  
A   C2    N3     doub Y N 37  
A   C2    H2     sing N N 38  
A   N3    C4     sing Y N 39  
ALA N     CA     sing N N 40  
ALA N     H      sing N N 41  
ALA N     H2     sing N N 42  
ALA CA    C      sing N N 43  
ALA CA    CB     sing N N 44  
ALA CA    HA     sing N N 45  
ALA C     O      doub N N 46  
ALA C     OXT    sing N N 47  
ALA CB    HB1    sing N N 48  
ALA CB    HB2    sing N N 49  
ALA CB    HB3    sing N N 50  
ALA OXT   HXT    sing N N 51  
ARG N     CA     sing N N 52  
ARG N     H      sing N N 53  
ARG N     H2     sing N N 54  
ARG CA    C      sing N N 55  
ARG CA    CB     sing N N 56  
ARG CA    HA     sing N N 57  
ARG C     O      doub N N 58  
ARG C     OXT    sing N N 59  
ARG CB    CG     sing N N 60  
ARG CB    HB2    sing N N 61  
ARG CB    HB3    sing N N 62  
ARG CG    CD     sing N N 63  
ARG CG    HG2    sing N N 64  
ARG CG    HG3    sing N N 65  
ARG CD    NE     sing N N 66  
ARG CD    HD2    sing N N 67  
ARG CD    HD3    sing N N 68  
ARG NE    CZ     sing N N 69  
ARG NE    HE     sing N N 70  
ARG CZ    NH1    sing N N 71  
ARG CZ    NH2    doub N N 72  
ARG NH1   HH11   sing N N 73  
ARG NH1   HH12   sing N N 74  
ARG NH2   HH21   sing N N 75  
ARG NH2   HH22   sing N N 76  
ARG OXT   HXT    sing N N 77  
ASN N     CA     sing N N 78  
ASN N     H      sing N N 79  
ASN N     H2     sing N N 80  
ASN CA    C      sing N N 81  
ASN CA    CB     sing N N 82  
ASN CA    HA     sing N N 83  
ASN C     O      doub N N 84  
ASN C     OXT    sing N N 85  
ASN CB    CG     sing N N 86  
ASN CB    HB2    sing N N 87  
ASN CB    HB3    sing N N 88  
ASN CG    OD1    doub N N 89  
ASN CG    ND2    sing N N 90  
ASN ND2   HD21   sing N N 91  
ASN ND2   HD22   sing N N 92  
ASN OXT   HXT    sing N N 93  
ASP N     CA     sing N N 94  
ASP N     H      sing N N 95  
ASP N     H2     sing N N 96  
ASP CA    C      sing N N 97  
ASP CA    CB     sing N N 98  
ASP CA    HA     sing N N 99  
ASP C     O      doub N N 100 
ASP C     OXT    sing N N 101 
ASP CB    CG     sing N N 102 
ASP CB    HB2    sing N N 103 
ASP CB    HB3    sing N N 104 
ASP CG    OD1    doub N N 105 
ASP CG    OD2    sing N N 106 
ASP OD2   HD2    sing N N 107 
ASP OXT   HXT    sing N N 108 
C   OP3   P      sing N N 109 
C   OP3   HOP3   sing N N 110 
C   P     OP1    doub N N 111 
C   P     OP2    sing N N 112 
C   P     "O5'"  sing N N 113 
C   OP2   HOP2   sing N N 114 
C   "O5'" "C5'"  sing N N 115 
C   "C5'" "C4'"  sing N N 116 
C   "C5'" "H5'"  sing N N 117 
C   "C5'" "H5''" sing N N 118 
C   "C4'" "O4'"  sing N N 119 
C   "C4'" "C3'"  sing N N 120 
C   "C4'" "H4'"  sing N N 121 
C   "O4'" "C1'"  sing N N 122 
C   "C3'" "O3'"  sing N N 123 
C   "C3'" "C2'"  sing N N 124 
C   "C3'" "H3'"  sing N N 125 
C   "O3'" "HO3'" sing N N 126 
C   "C2'" "O2'"  sing N N 127 
C   "C2'" "C1'"  sing N N 128 
C   "C2'" "H2'"  sing N N 129 
C   "O2'" "HO2'" sing N N 130 
C   "C1'" N1     sing N N 131 
C   "C1'" "H1'"  sing N N 132 
C   N1    C2     sing N N 133 
C   N1    C6     sing N N 134 
C   C2    O2     doub N N 135 
C   C2    N3     sing N N 136 
C   N3    C4     doub N N 137 
C   C4    N4     sing N N 138 
C   C4    C5     sing N N 139 
C   N4    H41    sing N N 140 
C   N4    H42    sing N N 141 
C   C5    C6     doub N N 142 
C   C5    H5     sing N N 143 
C   C6    H6     sing N N 144 
CYS N     CA     sing N N 145 
CYS N     H      sing N N 146 
CYS N     H2     sing N N 147 
CYS CA    C      sing N N 148 
CYS CA    CB     sing N N 149 
CYS CA    HA     sing N N 150 
CYS C     O      doub N N 151 
CYS C     OXT    sing N N 152 
CYS CB    SG     sing N N 153 
CYS CB    HB2    sing N N 154 
CYS CB    HB3    sing N N 155 
CYS SG    HG     sing N N 156 
CYS OXT   HXT    sing N N 157 
G   OP3   P      sing N N 158 
G   OP3   HOP3   sing N N 159 
G   P     OP1    doub N N 160 
G   P     OP2    sing N N 161 
G   P     "O5'"  sing N N 162 
G   OP2   HOP2   sing N N 163 
G   "O5'" "C5'"  sing N N 164 
G   "C5'" "C4'"  sing N N 165 
G   "C5'" "H5'"  sing N N 166 
G   "C5'" "H5''" sing N N 167 
G   "C4'" "O4'"  sing N N 168 
G   "C4'" "C3'"  sing N N 169 
G   "C4'" "H4'"  sing N N 170 
G   "O4'" "C1'"  sing N N 171 
G   "C3'" "O3'"  sing N N 172 
G   "C3'" "C2'"  sing N N 173 
G   "C3'" "H3'"  sing N N 174 
G   "O3'" "HO3'" sing N N 175 
G   "C2'" "O2'"  sing N N 176 
G   "C2'" "C1'"  sing N N 177 
G   "C2'" "H2'"  sing N N 178 
G   "O2'" "HO2'" sing N N 179 
G   "C1'" N9     sing N N 180 
G   "C1'" "H1'"  sing N N 181 
G   N9    C8     sing Y N 182 
G   N9    C4     sing Y N 183 
G   C8    N7     doub Y N 184 
G   C8    H8     sing N N 185 
G   N7    C5     sing Y N 186 
G   C5    C6     sing N N 187 
G   C5    C4     doub Y N 188 
G   C6    O6     doub N N 189 
G   C6    N1     sing N N 190 
G   N1    C2     sing N N 191 
G   N1    H1     sing N N 192 
G   C2    N2     sing N N 193 
G   C2    N3     doub N N 194 
G   N2    H21    sing N N 195 
G   N2    H22    sing N N 196 
G   N3    C4     sing N N 197 
GLN N     CA     sing N N 198 
GLN N     H      sing N N 199 
GLN N     H2     sing N N 200 
GLN CA    C      sing N N 201 
GLN CA    CB     sing N N 202 
GLN CA    HA     sing N N 203 
GLN C     O      doub N N 204 
GLN C     OXT    sing N N 205 
GLN CB    CG     sing N N 206 
GLN CB    HB2    sing N N 207 
GLN CB    HB3    sing N N 208 
GLN CG    CD     sing N N 209 
GLN CG    HG2    sing N N 210 
GLN CG    HG3    sing N N 211 
GLN CD    OE1    doub N N 212 
GLN CD    NE2    sing N N 213 
GLN NE2   HE21   sing N N 214 
GLN NE2   HE22   sing N N 215 
GLN OXT   HXT    sing N N 216 
GLU N     CA     sing N N 217 
GLU N     H      sing N N 218 
GLU N     H2     sing N N 219 
GLU CA    C      sing N N 220 
GLU CA    CB     sing N N 221 
GLU CA    HA     sing N N 222 
GLU C     O      doub N N 223 
GLU C     OXT    sing N N 224 
GLU CB    CG     sing N N 225 
GLU CB    HB2    sing N N 226 
GLU CB    HB3    sing N N 227 
GLU CG    CD     sing N N 228 
GLU CG    HG2    sing N N 229 
GLU CG    HG3    sing N N 230 
GLU CD    OE1    doub N N 231 
GLU CD    OE2    sing N N 232 
GLU OE2   HE2    sing N N 233 
GLU OXT   HXT    sing N N 234 
GLY N     CA     sing N N 235 
GLY N     H      sing N N 236 
GLY N     H2     sing N N 237 
GLY CA    C      sing N N 238 
GLY CA    HA2    sing N N 239 
GLY CA    HA3    sing N N 240 
GLY C     O      doub N N 241 
GLY C     OXT    sing N N 242 
GLY OXT   HXT    sing N N 243 
HIS N     CA     sing N N 244 
HIS N     H      sing N N 245 
HIS N     H2     sing N N 246 
HIS CA    C      sing N N 247 
HIS CA    CB     sing N N 248 
HIS CA    HA     sing N N 249 
HIS C     O      doub N N 250 
HIS C     OXT    sing N N 251 
HIS CB    CG     sing N N 252 
HIS CB    HB2    sing N N 253 
HIS CB    HB3    sing N N 254 
HIS CG    ND1    sing Y N 255 
HIS CG    CD2    doub Y N 256 
HIS ND1   CE1    doub Y N 257 
HIS ND1   HD1    sing N N 258 
HIS CD2   NE2    sing Y N 259 
HIS CD2   HD2    sing N N 260 
HIS CE1   NE2    sing Y N 261 
HIS CE1   HE1    sing N N 262 
HIS NE2   HE2    sing N N 263 
HIS OXT   HXT    sing N N 264 
HOH O     H1     sing N N 265 
HOH O     H2     sing N N 266 
ILE N     CA     sing N N 267 
ILE N     H      sing N N 268 
ILE N     H2     sing N N 269 
ILE CA    C      sing N N 270 
ILE CA    CB     sing N N 271 
ILE CA    HA     sing N N 272 
ILE C     O      doub N N 273 
ILE C     OXT    sing N N 274 
ILE CB    CG1    sing N N 275 
ILE CB    CG2    sing N N 276 
ILE CB    HB     sing N N 277 
ILE CG1   CD1    sing N N 278 
ILE CG1   HG12   sing N N 279 
ILE CG1   HG13   sing N N 280 
ILE CG2   HG21   sing N N 281 
ILE CG2   HG22   sing N N 282 
ILE CG2   HG23   sing N N 283 
ILE CD1   HD11   sing N N 284 
ILE CD1   HD12   sing N N 285 
ILE CD1   HD13   sing N N 286 
ILE OXT   HXT    sing N N 287 
LEU N     CA     sing N N 288 
LEU N     H      sing N N 289 
LEU N     H2     sing N N 290 
LEU CA    C      sing N N 291 
LEU CA    CB     sing N N 292 
LEU CA    HA     sing N N 293 
LEU C     O      doub N N 294 
LEU C     OXT    sing N N 295 
LEU CB    CG     sing N N 296 
LEU CB    HB2    sing N N 297 
LEU CB    HB3    sing N N 298 
LEU CG    CD1    sing N N 299 
LEU CG    CD2    sing N N 300 
LEU CG    HG     sing N N 301 
LEU CD1   HD11   sing N N 302 
LEU CD1   HD12   sing N N 303 
LEU CD1   HD13   sing N N 304 
LEU CD2   HD21   sing N N 305 
LEU CD2   HD22   sing N N 306 
LEU CD2   HD23   sing N N 307 
LEU OXT   HXT    sing N N 308 
LYS N     CA     sing N N 309 
LYS N     H      sing N N 310 
LYS N     H2     sing N N 311 
LYS CA    C      sing N N 312 
LYS CA    CB     sing N N 313 
LYS CA    HA     sing N N 314 
LYS C     O      doub N N 315 
LYS C     OXT    sing N N 316 
LYS CB    CG     sing N N 317 
LYS CB    HB2    sing N N 318 
LYS CB    HB3    sing N N 319 
LYS CG    CD     sing N N 320 
LYS CG    HG2    sing N N 321 
LYS CG    HG3    sing N N 322 
LYS CD    CE     sing N N 323 
LYS CD    HD2    sing N N 324 
LYS CD    HD3    sing N N 325 
LYS CE    NZ     sing N N 326 
LYS CE    HE2    sing N N 327 
LYS CE    HE3    sing N N 328 
LYS NZ    HZ1    sing N N 329 
LYS NZ    HZ2    sing N N 330 
LYS NZ    HZ3    sing N N 331 
LYS OXT   HXT    sing N N 332 
MET N     CA     sing N N 333 
MET N     H      sing N N 334 
MET N     H2     sing N N 335 
MET CA    C      sing N N 336 
MET CA    CB     sing N N 337 
MET CA    HA     sing N N 338 
MET C     O      doub N N 339 
MET C     OXT    sing N N 340 
MET CB    CG     sing N N 341 
MET CB    HB2    sing N N 342 
MET CB    HB3    sing N N 343 
MET CG    SD     sing N N 344 
MET CG    HG2    sing N N 345 
MET CG    HG3    sing N N 346 
MET SD    CE     sing N N 347 
MET CE    HE1    sing N N 348 
MET CE    HE2    sing N N 349 
MET CE    HE3    sing N N 350 
MET OXT   HXT    sing N N 351 
PHE N     CA     sing N N 352 
PHE N     H      sing N N 353 
PHE N     H2     sing N N 354 
PHE CA    C      sing N N 355 
PHE CA    CB     sing N N 356 
PHE CA    HA     sing N N 357 
PHE C     O      doub N N 358 
PHE C     OXT    sing N N 359 
PHE CB    CG     sing N N 360 
PHE CB    HB2    sing N N 361 
PHE CB    HB3    sing N N 362 
PHE CG    CD1    doub Y N 363 
PHE CG    CD2    sing Y N 364 
PHE CD1   CE1    sing Y N 365 
PHE CD1   HD1    sing N N 366 
PHE CD2   CE2    doub Y N 367 
PHE CD2   HD2    sing N N 368 
PHE CE1   CZ     doub Y N 369 
PHE CE1   HE1    sing N N 370 
PHE CE2   CZ     sing Y N 371 
PHE CE2   HE2    sing N N 372 
PHE CZ    HZ     sing N N 373 
PHE OXT   HXT    sing N N 374 
PRO N     CA     sing N N 375 
PRO N     CD     sing N N 376 
PRO N     H      sing N N 377 
PRO CA    C      sing N N 378 
PRO CA    CB     sing N N 379 
PRO CA    HA     sing N N 380 
PRO C     O      doub N N 381 
PRO C     OXT    sing N N 382 
PRO CB    CG     sing N N 383 
PRO CB    HB2    sing N N 384 
PRO CB    HB3    sing N N 385 
PRO CG    CD     sing N N 386 
PRO CG    HG2    sing N N 387 
PRO CG    HG3    sing N N 388 
PRO CD    HD2    sing N N 389 
PRO CD    HD3    sing N N 390 
PRO OXT   HXT    sing N N 391 
SER N     CA     sing N N 392 
SER N     H      sing N N 393 
SER N     H2     sing N N 394 
SER CA    C      sing N N 395 
SER CA    CB     sing N N 396 
SER CA    HA     sing N N 397 
SER C     O      doub N N 398 
SER C     OXT    sing N N 399 
SER CB    OG     sing N N 400 
SER CB    HB2    sing N N 401 
SER CB    HB3    sing N N 402 
SER OG    HG     sing N N 403 
SER OXT   HXT    sing N N 404 
THR N     CA     sing N N 405 
THR N     H      sing N N 406 
THR N     H2     sing N N 407 
THR CA    C      sing N N 408 
THR CA    CB     sing N N 409 
THR CA    HA     sing N N 410 
THR C     O      doub N N 411 
THR C     OXT    sing N N 412 
THR CB    OG1    sing N N 413 
THR CB    CG2    sing N N 414 
THR CB    HB     sing N N 415 
THR OG1   HG1    sing N N 416 
THR CG2   HG21   sing N N 417 
THR CG2   HG22   sing N N 418 
THR CG2   HG23   sing N N 419 
THR OXT   HXT    sing N N 420 
TRP N     CA     sing N N 421 
TRP N     H      sing N N 422 
TRP N     H2     sing N N 423 
TRP CA    C      sing N N 424 
TRP CA    CB     sing N N 425 
TRP CA    HA     sing N N 426 
TRP C     O      doub N N 427 
TRP C     OXT    sing N N 428 
TRP CB    CG     sing N N 429 
TRP CB    HB2    sing N N 430 
TRP CB    HB3    sing N N 431 
TRP CG    CD1    doub Y N 432 
TRP CG    CD2    sing Y N 433 
TRP CD1   NE1    sing Y N 434 
TRP CD1   HD1    sing N N 435 
TRP CD2   CE2    doub Y N 436 
TRP CD2   CE3    sing Y N 437 
TRP NE1   CE2    sing Y N 438 
TRP NE1   HE1    sing N N 439 
TRP CE2   CZ2    sing Y N 440 
TRP CE3   CZ3    doub Y N 441 
TRP CE3   HE3    sing N N 442 
TRP CZ2   CH2    doub Y N 443 
TRP CZ2   HZ2    sing N N 444 
TRP CZ3   CH2    sing Y N 445 
TRP CZ3   HZ3    sing N N 446 
TRP CH2   HH2    sing N N 447 
TRP OXT   HXT    sing N N 448 
TYR N     CA     sing N N 449 
TYR N     H      sing N N 450 
TYR N     H2     sing N N 451 
TYR CA    C      sing N N 452 
TYR CA    CB     sing N N 453 
TYR CA    HA     sing N N 454 
TYR C     O      doub N N 455 
TYR C     OXT    sing N N 456 
TYR CB    CG     sing N N 457 
TYR CB    HB2    sing N N 458 
TYR CB    HB3    sing N N 459 
TYR CG    CD1    doub Y N 460 
TYR CG    CD2    sing Y N 461 
TYR CD1   CE1    sing Y N 462 
TYR CD1   HD1    sing N N 463 
TYR CD2   CE2    doub Y N 464 
TYR CD2   HD2    sing N N 465 
TYR CE1   CZ     doub Y N 466 
TYR CE1   HE1    sing N N 467 
TYR CE2   CZ     sing Y N 468 
TYR CE2   HE2    sing N N 469 
TYR CZ    OH     sing N N 470 
TYR OH    HH     sing N N 471 
TYR OXT   HXT    sing N N 472 
U   OP3   P      sing N N 473 
U   OP3   HOP3   sing N N 474 
U   P     OP1    doub N N 475 
U   P     OP2    sing N N 476 
U   P     "O5'"  sing N N 477 
U   OP2   HOP2   sing N N 478 
U   "O5'" "C5'"  sing N N 479 
U   "C5'" "C4'"  sing N N 480 
U   "C5'" "H5'"  sing N N 481 
U   "C5'" "H5''" sing N N 482 
U   "C4'" "O4'"  sing N N 483 
U   "C4'" "C3'"  sing N N 484 
U   "C4'" "H4'"  sing N N 485 
U   "O4'" "C1'"  sing N N 486 
U   "C3'" "O3'"  sing N N 487 
U   "C3'" "C2'"  sing N N 488 
U   "C3'" "H3'"  sing N N 489 
U   "O3'" "HO3'" sing N N 490 
U   "C2'" "O2'"  sing N N 491 
U   "C2'" "C1'"  sing N N 492 
U   "C2'" "H2'"  sing N N 493 
U   "O2'" "HO2'" sing N N 494 
U   "C1'" N1     sing N N 495 
U   "C1'" "H1'"  sing N N 496 
U   N1    C2     sing N N 497 
U   N1    C6     sing N N 498 
U   C2    O2     doub N N 499 
U   C2    N3     sing N N 500 
U   N3    C4     sing N N 501 
U   N3    H3     sing N N 502 
U   C4    O4     doub N N 503 
U   C4    C5     sing N N 504 
U   C5    C6     doub N N 505 
U   C5    H5     sing N N 506 
U   C6    H6     sing N N 507 
VAL N     CA     sing N N 508 
VAL N     H      sing N N 509 
VAL N     H2     sing N N 510 
VAL CA    C      sing N N 511 
VAL CA    CB     sing N N 512 
VAL CA    HA     sing N N 513 
VAL C     O      doub N N 514 
VAL C     OXT    sing N N 515 
VAL CB    CG1    sing N N 516 
VAL CB    CG2    sing N N 517 
VAL CB    HB     sing N N 518 
VAL CG1   HG11   sing N N 519 
VAL CG1   HG12   sing N N 520 
VAL CG1   HG13   sing N N 521 
VAL CG2   HG21   sing N N 522 
VAL CG2   HG22   sing N N 523 
VAL CG2   HG23   sing N N 524 
VAL OXT   HXT    sing N N 525 
# 
_pdbx_entity_nonpoly.entity_id   3 
_pdbx_entity_nonpoly.name        water 
_pdbx_entity_nonpoly.comp_id     HOH 
# 
_pdbx_initial_refinement_model.id               1 
_pdbx_initial_refinement_model.entity_id_list   ? 
_pdbx_initial_refinement_model.type             'experimental model' 
_pdbx_initial_refinement_model.source_name      PDB 
_pdbx_initial_refinement_model.accession_code   5EN1 
_pdbx_initial_refinement_model.details          ? 
# 
